data_3DNY
# 
_entry.id   3DNY 
# 
_audit_conform.dict_name       mmcif_pdbx.dic 
_audit_conform.dict_version    5.387 
_audit_conform.dict_location   http://mmcif.pdb.org/dictionaries/ascii/mmcif_pdbx.dic 
# 
loop_
_database_2.database_id 
_database_2.database_code 
_database_2.pdbx_database_accession 
_database_2.pdbx_DOI 
PDB   3DNY         pdb_00003dny 10.2210/pdb3dny/pdb 
RCSB  RCSB048272   ?            ?                   
WWPDB D_1000048272 ?            ?                   
# 
loop_
_pdbx_audit_revision_history.ordinal 
_pdbx_audit_revision_history.data_content_type 
_pdbx_audit_revision_history.major_revision 
_pdbx_audit_revision_history.minor_revision 
_pdbx_audit_revision_history.revision_date 
1 'Structure model' 1 0 2008-08-05 
2 'Structure model' 1 1 2011-07-13 
3 'Structure model' 1 2 2018-07-18 
4 'Structure model' 1 3 2024-02-21 
# 
_pdbx_audit_revision_details.ordinal             1 
_pdbx_audit_revision_details.revision_ordinal    1 
_pdbx_audit_revision_details.data_content_type   'Structure model' 
_pdbx_audit_revision_details.provider            repository 
_pdbx_audit_revision_details.type                'Initial release' 
_pdbx_audit_revision_details.description         ? 
_pdbx_audit_revision_details.details             ? 
# 
loop_
_pdbx_audit_revision_group.ordinal 
_pdbx_audit_revision_group.revision_ordinal 
_pdbx_audit_revision_group.data_content_type 
_pdbx_audit_revision_group.group 
1 2 'Structure model' 'Version format compliance' 
2 3 'Structure model' 'Data collection'           
3 4 'Structure model' 'Data collection'           
4 4 'Structure model' 'Database references'       
5 4 'Structure model' 'Refinement description'    
# 
loop_
_pdbx_audit_revision_category.ordinal 
_pdbx_audit_revision_category.revision_ordinal 
_pdbx_audit_revision_category.data_content_type 
_pdbx_audit_revision_category.category 
1 3 'Structure model' em_image_scans                
2 3 'Structure model' em_software                   
3 4 'Structure model' chem_comp_atom                
4 4 'Structure model' chem_comp_bond                
5 4 'Structure model' database_2                    
6 4 'Structure model' em_3d_fitting_list            
7 4 'Structure model' pdbx_initial_refinement_model 
# 
loop_
_pdbx_audit_revision_item.ordinal 
_pdbx_audit_revision_item.revision_ordinal 
_pdbx_audit_revision_item.data_content_type 
_pdbx_audit_revision_item.item 
1 3 'Structure model' '_em_software.image_processing_id'                
2 4 'Structure model' '_database_2.pdbx_DOI'                            
3 4 'Structure model' '_database_2.pdbx_database_accession'             
4 4 'Structure model' '_em_3d_fitting_list.accession_code'              
5 4 'Structure model' '_em_3d_fitting_list.initial_refinement_model_id' 
6 4 'Structure model' '_em_3d_fitting_list.source_name'                 
7 4 'Structure model' '_em_3d_fitting_list.type'                        
# 
_pdbx_database_status.status_code                     REL 
_pdbx_database_status.entry_id                        3DNY 
_pdbx_database_status.recvd_initial_deposition_date   2008-07-03 
_pdbx_database_status.deposit_site                    RCSB 
_pdbx_database_status.process_site                    RCSB 
_pdbx_database_status.status_code_sf                  ? 
_pdbx_database_status.status_code_mr                  ? 
_pdbx_database_status.SG_entry                        ? 
_pdbx_database_status.pdb_format_compatible           Y 
_pdbx_database_status.status_code_cs                  ? 
_pdbx_database_status.methods_development_category    ? 
_pdbx_database_status.status_code_nmr_data            ? 
# 
loop_
_pdbx_database_related.db_name 
_pdbx_database_related.db_id 
_pdbx_database_related.details 
_pdbx_database_related.content_type 
PDB  1N0U     'Crystal structure of yeast elongation factor 2 in complex with sordarin'                                     
unspecified            
EMDB EMD-5015 'Cryo-EM map for eEF2.80S.AlF4-.GDP complex'                                                                  
'other EM volume'      
EMDB EMD-5017 'Isolated density of the eEF2, segmented out from cryo-EM map for eEF2.80S.AlF4-.GDP complex (from EMD-5015)' 
'associated EM volume' 
# 
loop_
_audit_author.name 
_audit_author.pdbx_ordinal 
'Sengupta, J.' 1 
'Frank, J.'    2 
# 
_citation.id                        primary 
_citation.title                     'Visualization of the eEF2-80S ribosome transition-state complex by cryo-electron microscopy.' 
_citation.journal_abbrev            J.Mol.Biol. 
_citation.journal_volume            382 
_citation.page_first                179 
_citation.page_last                 187 
_citation.year                      2008 
_citation.journal_id_ASTM           JMOBAK 
_citation.country                   UK 
_citation.journal_id_ISSN           0022-2836 
_citation.journal_id_CSD            0070 
_citation.book_publisher            ? 
_citation.pdbx_database_id_PubMed   18644383 
_citation.pdbx_database_id_DOI      10.1016/j.jmb.2008.07.004 
# 
loop_
_citation_author.citation_id 
_citation_author.name 
_citation_author.ordinal 
_citation_author.identifier_ORCID 
primary 'Sengupta, J.'   1 ? 
primary 'Nilsson, J.'    2 ? 
primary 'Gursky, R.'     3 ? 
primary 'Kjeldgaard, M.' 4 ? 
primary 'Nissen, P.'     5 ? 
primary 'Frank, J.'      6 ? 
# 
_entity.id                         1 
_entity.type                       polymer 
_entity.src_method                 nat 
_entity.pdbx_description           'Elongation factor 2' 
_entity.formula_weight             93407.125 
_entity.pdbx_number_of_molecules   1 
_entity.pdbx_ec                    ? 
_entity.pdbx_mutation              ? 
_entity.pdbx_fragment              ? 
_entity.details                    ? 
# 
_entity_name_com.entity_id   1 
_entity_name_com.name        'EF-2, Translation elongation factor 2, Eukaryotic elongation factor 2, eEF2, Ribosomal translocase' 
# 
_entity_poly.entity_id                      1 
_entity_poly.type                           'polypeptide(L)' 
_entity_poly.nstd_linkage                   no 
_entity_poly.nstd_monomer                   no 
_entity_poly.pdbx_seq_one_letter_code       
;MVAFTVDQMRSLMDKVTNVRNMSVIAHVDHGKSTLTDSLVQRAGIISAAKAGEARFTDTRKDEQERGITIKSTAISLYSE
MSDEDVKEIKQKTDGNSFLINLIDSPGHVDFSSEVTAALRVTDGALVVVDTIEGVCVQTETVLRQALGERIKPVVVINKV
DRALLELQVSKEDLYQTFARTVESVNVIVSTYADEVLGDVQVYPARGTVAFGSGLHGWAFTIRQFATRYAKKFGVDKAKM
MDRLWGDSFFNPKTKKWTNKDTDAEGKPLERAFNMFILDPIFRLFTAIMNFKKDEIPVLLEKLEIVLKGDEKDLEGKALL
KVVMRKFLPAADALLEMIVLHLPSPVTAQAYRAEQLYEGPADDANCIAIKNCDPKADLMLYVSKMVPTSDKGRFYAFGRV
FAGTVKSGQKVRIQGPNYVPGKKDDLFIKAIQRVVLMMGRFVEPIDDCPAGNIIGLVGIDQFLLKTGTLTTSETAHNMKV
MKFSVSPVVQVAVEVKNANDLPKLVEGLKRLSKSDPCVLTYMSESGEHIVAGTGELHLEICLQDLEHDHAGVPLKISPPV
VAYRETVESESSQTALSKSPNKHNRIYLKAEPIDEEVSLAIENGIINPRDDFKARARIMADDYGWDVTDARKIWCFGPDG
NGPNLVIDQTKAVQYLHEIKDSVVAAFQWATKEGPIFGEEMRSVRVNILDVTLHADAIHRGGGQIIPTMRRATYAGFLLA
DPKIQEPVFLVEIQCPEQAVGGIYSVLNKKRGQVVSEEQRPGTPLFTVKAYLPVNESFGFTGELRQATGGQAFPQMVFDH
WSTLGSDPLDPTSKAGEIVLAARKRHGMKEEVPGWQEYYDKL
;
_entity_poly.pdbx_seq_one_letter_code_can   
;MVAFTVDQMRSLMDKVTNVRNMSVIAHVDHGKSTLTDSLVQRAGIISAAKAGEARFTDTRKDEQERGITIKSTAISLYSE
MSDEDVKEIKQKTDGNSFLINLIDSPGHVDFSSEVTAALRVTDGALVVVDTIEGVCVQTETVLRQALGERIKPVVVINKV
DRALLELQVSKEDLYQTFARTVESVNVIVSTYADEVLGDVQVYPARGTVAFGSGLHGWAFTIRQFATRYAKKFGVDKAKM
MDRLWGDSFFNPKTKKWTNKDTDAEGKPLERAFNMFILDPIFRLFTAIMNFKKDEIPVLLEKLEIVLKGDEKDLEGKALL
KVVMRKFLPAADALLEMIVLHLPSPVTAQAYRAEQLYEGPADDANCIAIKNCDPKADLMLYVSKMVPTSDKGRFYAFGRV
FAGTVKSGQKVRIQGPNYVPGKKDDLFIKAIQRVVLMMGRFVEPIDDCPAGNIIGLVGIDQFLLKTGTLTTSETAHNMKV
MKFSVSPVVQVAVEVKNANDLPKLVEGLKRLSKSDPCVLTYMSESGEHIVAGTGELHLEICLQDLEHDHAGVPLKISPPV
VAYRETVESESSQTALSKSPNKHNRIYLKAEPIDEEVSLAIENGIINPRDDFKARARIMADDYGWDVTDARKIWCFGPDG
NGPNLVIDQTKAVQYLHEIKDSVVAAFQWATKEGPIFGEEMRSVRVNILDVTLHADAIHRGGGQIIPTMRRATYAGFLLA
DPKIQEPVFLVEIQCPEQAVGGIYSVLNKKRGQVVSEEQRPGTPLFTVKAYLPVNESFGFTGELRQATGGQAFPQMVFDH
WSTLGSDPLDPTSKAGEIVLAARKRHGMKEEVPGWQEYYDKL
;
_entity_poly.pdbx_strand_id                 T 
_entity_poly.pdbx_target_identifier         ? 
# 
loop_
_entity_poly_seq.entity_id 
_entity_poly_seq.num 
_entity_poly_seq.mon_id 
_entity_poly_seq.hetero 
1 1   MET n 
1 2   VAL n 
1 3   ALA n 
1 4   PHE n 
1 5   THR n 
1 6   VAL n 
1 7   ASP n 
1 8   GLN n 
1 9   MET n 
1 10  ARG n 
1 11  SER n 
1 12  LEU n 
1 13  MET n 
1 14  ASP n 
1 15  LYS n 
1 16  VAL n 
1 17  THR n 
1 18  ASN n 
1 19  VAL n 
1 20  ARG n 
1 21  ASN n 
1 22  MET n 
1 23  SER n 
1 24  VAL n 
1 25  ILE n 
1 26  ALA n 
1 27  HIS n 
1 28  VAL n 
1 29  ASP n 
1 30  HIS n 
1 31  GLY n 
1 32  LYS n 
1 33  SER n 
1 34  THR n 
1 35  LEU n 
1 36  THR n 
1 37  ASP n 
1 38  SER n 
1 39  LEU n 
1 40  VAL n 
1 41  GLN n 
1 42  ARG n 
1 43  ALA n 
1 44  GLY n 
1 45  ILE n 
1 46  ILE n 
1 47  SER n 
1 48  ALA n 
1 49  ALA n 
1 50  LYS n 
1 51  ALA n 
1 52  GLY n 
1 53  GLU n 
1 54  ALA n 
1 55  ARG n 
1 56  PHE n 
1 57  THR n 
1 58  ASP n 
1 59  THR n 
1 60  ARG n 
1 61  LYS n 
1 62  ASP n 
1 63  GLU n 
1 64  GLN n 
1 65  GLU n 
1 66  ARG n 
1 67  GLY n 
1 68  ILE n 
1 69  THR n 
1 70  ILE n 
1 71  LYS n 
1 72  SER n 
1 73  THR n 
1 74  ALA n 
1 75  ILE n 
1 76  SER n 
1 77  LEU n 
1 78  TYR n 
1 79  SER n 
1 80  GLU n 
1 81  MET n 
1 82  SER n 
1 83  ASP n 
1 84  GLU n 
1 85  ASP n 
1 86  VAL n 
1 87  LYS n 
1 88  GLU n 
1 89  ILE n 
1 90  LYS n 
1 91  GLN n 
1 92  LYS n 
1 93  THR n 
1 94  ASP n 
1 95  GLY n 
1 96  ASN n 
1 97  SER n 
1 98  PHE n 
1 99  LEU n 
1 100 ILE n 
1 101 ASN n 
1 102 LEU n 
1 103 ILE n 
1 104 ASP n 
1 105 SER n 
1 106 PRO n 
1 107 GLY n 
1 108 HIS n 
1 109 VAL n 
1 110 ASP n 
1 111 PHE n 
1 112 SER n 
1 113 SER n 
1 114 GLU n 
1 115 VAL n 
1 116 THR n 
1 117 ALA n 
1 118 ALA n 
1 119 LEU n 
1 120 ARG n 
1 121 VAL n 
1 122 THR n 
1 123 ASP n 
1 124 GLY n 
1 125 ALA n 
1 126 LEU n 
1 127 VAL n 
1 128 VAL n 
1 129 VAL n 
1 130 ASP n 
1 131 THR n 
1 132 ILE n 
1 133 GLU n 
1 134 GLY n 
1 135 VAL n 
1 136 CYS n 
1 137 VAL n 
1 138 GLN n 
1 139 THR n 
1 140 GLU n 
1 141 THR n 
1 142 VAL n 
1 143 LEU n 
1 144 ARG n 
1 145 GLN n 
1 146 ALA n 
1 147 LEU n 
1 148 GLY n 
1 149 GLU n 
1 150 ARG n 
1 151 ILE n 
1 152 LYS n 
1 153 PRO n 
1 154 VAL n 
1 155 VAL n 
1 156 VAL n 
1 157 ILE n 
1 158 ASN n 
1 159 LYS n 
1 160 VAL n 
1 161 ASP n 
1 162 ARG n 
1 163 ALA n 
1 164 LEU n 
1 165 LEU n 
1 166 GLU n 
1 167 LEU n 
1 168 GLN n 
1 169 VAL n 
1 170 SER n 
1 171 LYS n 
1 172 GLU n 
1 173 ASP n 
1 174 LEU n 
1 175 TYR n 
1 176 GLN n 
1 177 THR n 
1 178 PHE n 
1 179 ALA n 
1 180 ARG n 
1 181 THR n 
1 182 VAL n 
1 183 GLU n 
1 184 SER n 
1 185 VAL n 
1 186 ASN n 
1 187 VAL n 
1 188 ILE n 
1 189 VAL n 
1 190 SER n 
1 191 THR n 
1 192 TYR n 
1 193 ALA n 
1 194 ASP n 
1 195 GLU n 
1 196 VAL n 
1 197 LEU n 
1 198 GLY n 
1 199 ASP n 
1 200 VAL n 
1 201 GLN n 
1 202 VAL n 
1 203 TYR n 
1 204 PRO n 
1 205 ALA n 
1 206 ARG n 
1 207 GLY n 
1 208 THR n 
1 209 VAL n 
1 210 ALA n 
1 211 PHE n 
1 212 GLY n 
1 213 SER n 
1 214 GLY n 
1 215 LEU n 
1 216 HIS n 
1 217 GLY n 
1 218 TRP n 
1 219 ALA n 
1 220 PHE n 
1 221 THR n 
1 222 ILE n 
1 223 ARG n 
1 224 GLN n 
1 225 PHE n 
1 226 ALA n 
1 227 THR n 
1 228 ARG n 
1 229 TYR n 
1 230 ALA n 
1 231 LYS n 
1 232 LYS n 
1 233 PHE n 
1 234 GLY n 
1 235 VAL n 
1 236 ASP n 
1 237 LYS n 
1 238 ALA n 
1 239 LYS n 
1 240 MET n 
1 241 MET n 
1 242 ASP n 
1 243 ARG n 
1 244 LEU n 
1 245 TRP n 
1 246 GLY n 
1 247 ASP n 
1 248 SER n 
1 249 PHE n 
1 250 PHE n 
1 251 ASN n 
1 252 PRO n 
1 253 LYS n 
1 254 THR n 
1 255 LYS n 
1 256 LYS n 
1 257 TRP n 
1 258 THR n 
1 259 ASN n 
1 260 LYS n 
1 261 ASP n 
1 262 THR n 
1 263 ASP n 
1 264 ALA n 
1 265 GLU n 
1 266 GLY n 
1 267 LYS n 
1 268 PRO n 
1 269 LEU n 
1 270 GLU n 
1 271 ARG n 
1 272 ALA n 
1 273 PHE n 
1 274 ASN n 
1 275 MET n 
1 276 PHE n 
1 277 ILE n 
1 278 LEU n 
1 279 ASP n 
1 280 PRO n 
1 281 ILE n 
1 282 PHE n 
1 283 ARG n 
1 284 LEU n 
1 285 PHE n 
1 286 THR n 
1 287 ALA n 
1 288 ILE n 
1 289 MET n 
1 290 ASN n 
1 291 PHE n 
1 292 LYS n 
1 293 LYS n 
1 294 ASP n 
1 295 GLU n 
1 296 ILE n 
1 297 PRO n 
1 298 VAL n 
1 299 LEU n 
1 300 LEU n 
1 301 GLU n 
1 302 LYS n 
1 303 LEU n 
1 304 GLU n 
1 305 ILE n 
1 306 VAL n 
1 307 LEU n 
1 308 LYS n 
1 309 GLY n 
1 310 ASP n 
1 311 GLU n 
1 312 LYS n 
1 313 ASP n 
1 314 LEU n 
1 315 GLU n 
1 316 GLY n 
1 317 LYS n 
1 318 ALA n 
1 319 LEU n 
1 320 LEU n 
1 321 LYS n 
1 322 VAL n 
1 323 VAL n 
1 324 MET n 
1 325 ARG n 
1 326 LYS n 
1 327 PHE n 
1 328 LEU n 
1 329 PRO n 
1 330 ALA n 
1 331 ALA n 
1 332 ASP n 
1 333 ALA n 
1 334 LEU n 
1 335 LEU n 
1 336 GLU n 
1 337 MET n 
1 338 ILE n 
1 339 VAL n 
1 340 LEU n 
1 341 HIS n 
1 342 LEU n 
1 343 PRO n 
1 344 SER n 
1 345 PRO n 
1 346 VAL n 
1 347 THR n 
1 348 ALA n 
1 349 GLN n 
1 350 ALA n 
1 351 TYR n 
1 352 ARG n 
1 353 ALA n 
1 354 GLU n 
1 355 GLN n 
1 356 LEU n 
1 357 TYR n 
1 358 GLU n 
1 359 GLY n 
1 360 PRO n 
1 361 ALA n 
1 362 ASP n 
1 363 ASP n 
1 364 ALA n 
1 365 ASN n 
1 366 CYS n 
1 367 ILE n 
1 368 ALA n 
1 369 ILE n 
1 370 LYS n 
1 371 ASN n 
1 372 CYS n 
1 373 ASP n 
1 374 PRO n 
1 375 LYS n 
1 376 ALA n 
1 377 ASP n 
1 378 LEU n 
1 379 MET n 
1 380 LEU n 
1 381 TYR n 
1 382 VAL n 
1 383 SER n 
1 384 LYS n 
1 385 MET n 
1 386 VAL n 
1 387 PRO n 
1 388 THR n 
1 389 SER n 
1 390 ASP n 
1 391 LYS n 
1 392 GLY n 
1 393 ARG n 
1 394 PHE n 
1 395 TYR n 
1 396 ALA n 
1 397 PHE n 
1 398 GLY n 
1 399 ARG n 
1 400 VAL n 
1 401 PHE n 
1 402 ALA n 
1 403 GLY n 
1 404 THR n 
1 405 VAL n 
1 406 LYS n 
1 407 SER n 
1 408 GLY n 
1 409 GLN n 
1 410 LYS n 
1 411 VAL n 
1 412 ARG n 
1 413 ILE n 
1 414 GLN n 
1 415 GLY n 
1 416 PRO n 
1 417 ASN n 
1 418 TYR n 
1 419 VAL n 
1 420 PRO n 
1 421 GLY n 
1 422 LYS n 
1 423 LYS n 
1 424 ASP n 
1 425 ASP n 
1 426 LEU n 
1 427 PHE n 
1 428 ILE n 
1 429 LYS n 
1 430 ALA n 
1 431 ILE n 
1 432 GLN n 
1 433 ARG n 
1 434 VAL n 
1 435 VAL n 
1 436 LEU n 
1 437 MET n 
1 438 MET n 
1 439 GLY n 
1 440 ARG n 
1 441 PHE n 
1 442 VAL n 
1 443 GLU n 
1 444 PRO n 
1 445 ILE n 
1 446 ASP n 
1 447 ASP n 
1 448 CYS n 
1 449 PRO n 
1 450 ALA n 
1 451 GLY n 
1 452 ASN n 
1 453 ILE n 
1 454 ILE n 
1 455 GLY n 
1 456 LEU n 
1 457 VAL n 
1 458 GLY n 
1 459 ILE n 
1 460 ASP n 
1 461 GLN n 
1 462 PHE n 
1 463 LEU n 
1 464 LEU n 
1 465 LYS n 
1 466 THR n 
1 467 GLY n 
1 468 THR n 
1 469 LEU n 
1 470 THR n 
1 471 THR n 
1 472 SER n 
1 473 GLU n 
1 474 THR n 
1 475 ALA n 
1 476 HIS n 
1 477 ASN n 
1 478 MET n 
1 479 LYS n 
1 480 VAL n 
1 481 MET n 
1 482 LYS n 
1 483 PHE n 
1 484 SER n 
1 485 VAL n 
1 486 SER n 
1 487 PRO n 
1 488 VAL n 
1 489 VAL n 
1 490 GLN n 
1 491 VAL n 
1 492 ALA n 
1 493 VAL n 
1 494 GLU n 
1 495 VAL n 
1 496 LYS n 
1 497 ASN n 
1 498 ALA n 
1 499 ASN n 
1 500 ASP n 
1 501 LEU n 
1 502 PRO n 
1 503 LYS n 
1 504 LEU n 
1 505 VAL n 
1 506 GLU n 
1 507 GLY n 
1 508 LEU n 
1 509 LYS n 
1 510 ARG n 
1 511 LEU n 
1 512 SER n 
1 513 LYS n 
1 514 SER n 
1 515 ASP n 
1 516 PRO n 
1 517 CYS n 
1 518 VAL n 
1 519 LEU n 
1 520 THR n 
1 521 TYR n 
1 522 MET n 
1 523 SER n 
1 524 GLU n 
1 525 SER n 
1 526 GLY n 
1 527 GLU n 
1 528 HIS n 
1 529 ILE n 
1 530 VAL n 
1 531 ALA n 
1 532 GLY n 
1 533 THR n 
1 534 GLY n 
1 535 GLU n 
1 536 LEU n 
1 537 HIS n 
1 538 LEU n 
1 539 GLU n 
1 540 ILE n 
1 541 CYS n 
1 542 LEU n 
1 543 GLN n 
1 544 ASP n 
1 545 LEU n 
1 546 GLU n 
1 547 HIS n 
1 548 ASP n 
1 549 HIS n 
1 550 ALA n 
1 551 GLY n 
1 552 VAL n 
1 553 PRO n 
1 554 LEU n 
1 555 LYS n 
1 556 ILE n 
1 557 SER n 
1 558 PRO n 
1 559 PRO n 
1 560 VAL n 
1 561 VAL n 
1 562 ALA n 
1 563 TYR n 
1 564 ARG n 
1 565 GLU n 
1 566 THR n 
1 567 VAL n 
1 568 GLU n 
1 569 SER n 
1 570 GLU n 
1 571 SER n 
1 572 SER n 
1 573 GLN n 
1 574 THR n 
1 575 ALA n 
1 576 LEU n 
1 577 SER n 
1 578 LYS n 
1 579 SER n 
1 580 PRO n 
1 581 ASN n 
1 582 LYS n 
1 583 HIS n 
1 584 ASN n 
1 585 ARG n 
1 586 ILE n 
1 587 TYR n 
1 588 LEU n 
1 589 LYS n 
1 590 ALA n 
1 591 GLU n 
1 592 PRO n 
1 593 ILE n 
1 594 ASP n 
1 595 GLU n 
1 596 GLU n 
1 597 VAL n 
1 598 SER n 
1 599 LEU n 
1 600 ALA n 
1 601 ILE n 
1 602 GLU n 
1 603 ASN n 
1 604 GLY n 
1 605 ILE n 
1 606 ILE n 
1 607 ASN n 
1 608 PRO n 
1 609 ARG n 
1 610 ASP n 
1 611 ASP n 
1 612 PHE n 
1 613 LYS n 
1 614 ALA n 
1 615 ARG n 
1 616 ALA n 
1 617 ARG n 
1 618 ILE n 
1 619 MET n 
1 620 ALA n 
1 621 ASP n 
1 622 ASP n 
1 623 TYR n 
1 624 GLY n 
1 625 TRP n 
1 626 ASP n 
1 627 VAL n 
1 628 THR n 
1 629 ASP n 
1 630 ALA n 
1 631 ARG n 
1 632 LYS n 
1 633 ILE n 
1 634 TRP n 
1 635 CYS n 
1 636 PHE n 
1 637 GLY n 
1 638 PRO n 
1 639 ASP n 
1 640 GLY n 
1 641 ASN n 
1 642 GLY n 
1 643 PRO n 
1 644 ASN n 
1 645 LEU n 
1 646 VAL n 
1 647 ILE n 
1 648 ASP n 
1 649 GLN n 
1 650 THR n 
1 651 LYS n 
1 652 ALA n 
1 653 VAL n 
1 654 GLN n 
1 655 TYR n 
1 656 LEU n 
1 657 HIS n 
1 658 GLU n 
1 659 ILE n 
1 660 LYS n 
1 661 ASP n 
1 662 SER n 
1 663 VAL n 
1 664 VAL n 
1 665 ALA n 
1 666 ALA n 
1 667 PHE n 
1 668 GLN n 
1 669 TRP n 
1 670 ALA n 
1 671 THR n 
1 672 LYS n 
1 673 GLU n 
1 674 GLY n 
1 675 PRO n 
1 676 ILE n 
1 677 PHE n 
1 678 GLY n 
1 679 GLU n 
1 680 GLU n 
1 681 MET n 
1 682 ARG n 
1 683 SER n 
1 684 VAL n 
1 685 ARG n 
1 686 VAL n 
1 687 ASN n 
1 688 ILE n 
1 689 LEU n 
1 690 ASP n 
1 691 VAL n 
1 692 THR n 
1 693 LEU n 
1 694 HIS n 
1 695 ALA n 
1 696 ASP n 
1 697 ALA n 
1 698 ILE n 
1 699 HIS n 
1 700 ARG n 
1 701 GLY n 
1 702 GLY n 
1 703 GLY n 
1 704 GLN n 
1 705 ILE n 
1 706 ILE n 
1 707 PRO n 
1 708 THR n 
1 709 MET n 
1 710 ARG n 
1 711 ARG n 
1 712 ALA n 
1 713 THR n 
1 714 TYR n 
1 715 ALA n 
1 716 GLY n 
1 717 PHE n 
1 718 LEU n 
1 719 LEU n 
1 720 ALA n 
1 721 ASP n 
1 722 PRO n 
1 723 LYS n 
1 724 ILE n 
1 725 GLN n 
1 726 GLU n 
1 727 PRO n 
1 728 VAL n 
1 729 PHE n 
1 730 LEU n 
1 731 VAL n 
1 732 GLU n 
1 733 ILE n 
1 734 GLN n 
1 735 CYS n 
1 736 PRO n 
1 737 GLU n 
1 738 GLN n 
1 739 ALA n 
1 740 VAL n 
1 741 GLY n 
1 742 GLY n 
1 743 ILE n 
1 744 TYR n 
1 745 SER n 
1 746 VAL n 
1 747 LEU n 
1 748 ASN n 
1 749 LYS n 
1 750 LYS n 
1 751 ARG n 
1 752 GLY n 
1 753 GLN n 
1 754 VAL n 
1 755 VAL n 
1 756 SER n 
1 757 GLU n 
1 758 GLU n 
1 759 GLN n 
1 760 ARG n 
1 761 PRO n 
1 762 GLY n 
1 763 THR n 
1 764 PRO n 
1 765 LEU n 
1 766 PHE n 
1 767 THR n 
1 768 VAL n 
1 769 LYS n 
1 770 ALA n 
1 771 TYR n 
1 772 LEU n 
1 773 PRO n 
1 774 VAL n 
1 775 ASN n 
1 776 GLU n 
1 777 SER n 
1 778 PHE n 
1 779 GLY n 
1 780 PHE n 
1 781 THR n 
1 782 GLY n 
1 783 GLU n 
1 784 LEU n 
1 785 ARG n 
1 786 GLN n 
1 787 ALA n 
1 788 THR n 
1 789 GLY n 
1 790 GLY n 
1 791 GLN n 
1 792 ALA n 
1 793 PHE n 
1 794 PRO n 
1 795 GLN n 
1 796 MET n 
1 797 VAL n 
1 798 PHE n 
1 799 ASP n 
1 800 HIS n 
1 801 TRP n 
1 802 SER n 
1 803 THR n 
1 804 LEU n 
1 805 GLY n 
1 806 SER n 
1 807 ASP n 
1 808 PRO n 
1 809 LEU n 
1 810 ASP n 
1 811 PRO n 
1 812 THR n 
1 813 SER n 
1 814 LYS n 
1 815 ALA n 
1 816 GLY n 
1 817 GLU n 
1 818 ILE n 
1 819 VAL n 
1 820 LEU n 
1 821 ALA n 
1 822 ALA n 
1 823 ARG n 
1 824 LYS n 
1 825 ARG n 
1 826 HIS n 
1 827 GLY n 
1 828 MET n 
1 829 LYS n 
1 830 GLU n 
1 831 GLU n 
1 832 VAL n 
1 833 PRO n 
1 834 GLY n 
1 835 TRP n 
1 836 GLN n 
1 837 GLU n 
1 838 TYR n 
1 839 TYR n 
1 840 ASP n 
1 841 LYS n 
1 842 LEU n 
# 
_entity_src_nat.entity_id                  1 
_entity_src_nat.pdbx_src_id                1 
_entity_src_nat.pdbx_alt_source_flag       sample 
_entity_src_nat.pdbx_beg_seq_num           ? 
_entity_src_nat.pdbx_end_seq_num           ? 
_entity_src_nat.common_name                ? 
_entity_src_nat.pdbx_organism_scientific   'Saccharomyces cerevisiae' 
_entity_src_nat.pdbx_ncbi_taxonomy_id      ? 
_entity_src_nat.genus                      ? 
_entity_src_nat.species                    ? 
_entity_src_nat.strain                     ? 
_entity_src_nat.tissue                     ? 
_entity_src_nat.tissue_fraction            ? 
_entity_src_nat.pdbx_secretion             ? 
_entity_src_nat.pdbx_fragment              ? 
_entity_src_nat.pdbx_variant               ? 
_entity_src_nat.pdbx_cell_line             ? 
_entity_src_nat.pdbx_atcc                  ? 
_entity_src_nat.pdbx_cellular_location     ? 
_entity_src_nat.pdbx_organ                 ? 
_entity_src_nat.pdbx_organelle             ? 
_entity_src_nat.pdbx_cell                  ? 
_entity_src_nat.pdbx_plasmid_name          ? 
_entity_src_nat.pdbx_plasmid_details       ? 
_entity_src_nat.details                    ? 
# 
loop_
_chem_comp.id 
_chem_comp.type 
_chem_comp.mon_nstd_flag 
_chem_comp.name 
_chem_comp.pdbx_synonyms 
_chem_comp.formula 
_chem_comp.formula_weight 
ALA 'L-peptide linking' y ALANINE         ? 'C3 H7 N O2'     89.093  
ARG 'L-peptide linking' y ARGININE        ? 'C6 H15 N4 O2 1' 175.209 
ASN 'L-peptide linking' y ASPARAGINE      ? 'C4 H8 N2 O3'    132.118 
ASP 'L-peptide linking' y 'ASPARTIC ACID' ? 'C4 H7 N O4'     133.103 
CYS 'L-peptide linking' y CYSTEINE        ? 'C3 H7 N O2 S'   121.158 
GLN 'L-peptide linking' y GLUTAMINE       ? 'C5 H10 N2 O3'   146.144 
GLU 'L-peptide linking' y 'GLUTAMIC ACID' ? 'C5 H9 N O4'     147.129 
GLY 'peptide linking'   y GLYCINE         ? 'C2 H5 N O2'     75.067  
HIS 'L-peptide linking' y HISTIDINE       ? 'C6 H10 N3 O2 1' 156.162 
ILE 'L-peptide linking' y ISOLEUCINE      ? 'C6 H13 N O2'    131.173 
LEU 'L-peptide linking' y LEUCINE         ? 'C6 H13 N O2'    131.173 
LYS 'L-peptide linking' y LYSINE          ? 'C6 H15 N2 O2 1' 147.195 
MET 'L-peptide linking' y METHIONINE      ? 'C5 H11 N O2 S'  149.211 
PHE 'L-peptide linking' y PHENYLALANINE   ? 'C9 H11 N O2'    165.189 
PRO 'L-peptide linking' y PROLINE         ? 'C5 H9 N O2'     115.130 
SER 'L-peptide linking' y SERINE          ? 'C3 H7 N O3'     105.093 
THR 'L-peptide linking' y THREONINE       ? 'C4 H9 N O3'     119.119 
TRP 'L-peptide linking' y TRYPTOPHAN      ? 'C11 H12 N2 O2'  204.225 
TYR 'L-peptide linking' y TYROSINE        ? 'C9 H11 N O3'    181.189 
VAL 'L-peptide linking' y VALINE          ? 'C5 H11 N O2'    117.146 
# 
loop_
_pdbx_poly_seq_scheme.asym_id 
_pdbx_poly_seq_scheme.entity_id 
_pdbx_poly_seq_scheme.seq_id 
_pdbx_poly_seq_scheme.mon_id 
_pdbx_poly_seq_scheme.ndb_seq_num 
_pdbx_poly_seq_scheme.pdb_seq_num 
_pdbx_poly_seq_scheme.auth_seq_num 
_pdbx_poly_seq_scheme.pdb_mon_id 
_pdbx_poly_seq_scheme.auth_mon_id 
_pdbx_poly_seq_scheme.pdb_strand_id 
_pdbx_poly_seq_scheme.pdb_ins_code 
_pdbx_poly_seq_scheme.hetero 
A 1 1   MET 1   1   ?   ?   ?   T . n 
A 1 2   VAL 2   2   ?   ?   ?   T . n 
A 1 3   ALA 3   3   3   ALA ALA T . n 
A 1 4   PHE 4   4   4   PHE PHE T . n 
A 1 5   THR 5   5   5   THR THR T . n 
A 1 6   VAL 6   6   6   VAL VAL T . n 
A 1 7   ASP 7   7   7   ASP ASP T . n 
A 1 8   GLN 8   8   8   GLN GLN T . n 
A 1 9   MET 9   9   9   MET MET T . n 
A 1 10  ARG 10  10  10  ARG ARG T . n 
A 1 11  SER 11  11  11  SER SER T . n 
A 1 12  LEU 12  12  12  LEU LEU T . n 
A 1 13  MET 13  13  13  MET MET T . n 
A 1 14  ASP 14  14  14  ASP ASP T . n 
A 1 15  LYS 15  15  15  LYS LYS T . n 
A 1 16  VAL 16  16  16  VAL VAL T . n 
A 1 17  THR 17  17  17  THR THR T . n 
A 1 18  ASN 18  18  18  ASN ASN T . n 
A 1 19  VAL 19  19  19  VAL VAL T . n 
A 1 20  ARG 20  20  20  ARG ARG T . n 
A 1 21  ASN 21  21  21  ASN ASN T . n 
A 1 22  MET 22  22  22  MET MET T . n 
A 1 23  SER 23  23  23  SER SER T . n 
A 1 24  VAL 24  24  24  VAL VAL T . n 
A 1 25  ILE 25  25  25  ILE ILE T . n 
A 1 26  ALA 26  26  26  ALA ALA T . n 
A 1 27  HIS 27  27  27  HIS HIS T . n 
A 1 28  VAL 28  28  28  VAL VAL T . n 
A 1 29  ASP 29  29  29  ASP ASP T . n 
A 1 30  HIS 30  30  30  HIS HIS T . n 
A 1 31  GLY 31  31  31  GLY GLY T . n 
A 1 32  LYS 32  32  32  LYS LYS T . n 
A 1 33  SER 33  33  33  SER SER T . n 
A 1 34  THR 34  34  34  THR THR T . n 
A 1 35  LEU 35  35  35  LEU LEU T . n 
A 1 36  THR 36  36  36  THR THR T . n 
A 1 37  ASP 37  37  37  ASP ASP T . n 
A 1 38  SER 38  38  38  SER SER T . n 
A 1 39  LEU 39  39  39  LEU LEU T . n 
A 1 40  VAL 40  40  40  VAL VAL T . n 
A 1 41  GLN 41  41  41  GLN GLN T . n 
A 1 42  ARG 42  42  42  ARG ARG T . n 
A 1 43  ALA 43  43  43  ALA ALA T . n 
A 1 44  GLY 44  44  44  GLY GLY T . n 
A 1 45  ILE 45  45  45  ILE ILE T . n 
A 1 46  ILE 46  46  46  ILE ILE T . n 
A 1 47  SER 47  47  47  SER SER T . n 
A 1 48  ALA 48  48  48  ALA ALA T . n 
A 1 49  ALA 49  49  ?   ?   ?   T . n 
A 1 50  LYS 50  50  ?   ?   ?   T . n 
A 1 51  ALA 51  51  ?   ?   ?   T . n 
A 1 52  GLY 52  52  ?   ?   ?   T . n 
A 1 53  GLU 53  53  ?   ?   ?   T . n 
A 1 54  ALA 54  54  ?   ?   ?   T . n 
A 1 55  ARG 55  55  ?   ?   ?   T . n 
A 1 56  PHE 56  56  ?   ?   ?   T . n 
A 1 57  THR 57  57  ?   ?   ?   T . n 
A 1 58  ASP 58  58  ?   ?   ?   T . n 
A 1 59  THR 59  59  ?   ?   ?   T . n 
A 1 60  ARG 60  60  ?   ?   ?   T . n 
A 1 61  LYS 61  61  ?   ?   ?   T . n 
A 1 62  ASP 62  62  ?   ?   ?   T . n 
A 1 63  GLU 63  63  ?   ?   ?   T . n 
A 1 64  GLN 64  64  ?   ?   ?   T . n 
A 1 65  GLU 65  65  ?   ?   ?   T . n 
A 1 66  ARG 66  66  ?   ?   ?   T . n 
A 1 67  GLY 67  67  67  GLY GLY T . n 
A 1 68  ILE 68  68  68  ILE ILE T . n 
A 1 69  THR 69  69  69  THR THR T . n 
A 1 70  ILE 70  70  70  ILE ILE T . n 
A 1 71  LYS 71  71  71  LYS LYS T . n 
A 1 72  SER 72  72  72  SER SER T . n 
A 1 73  THR 73  73  73  THR THR T . n 
A 1 74  ALA 74  74  74  ALA ALA T . n 
A 1 75  ILE 75  75  75  ILE ILE T . n 
A 1 76  SER 76  76  76  SER SER T . n 
A 1 77  LEU 77  77  77  LEU LEU T . n 
A 1 78  TYR 78  78  78  TYR TYR T . n 
A 1 79  SER 79  79  79  SER SER T . n 
A 1 80  GLU 80  80  80  GLU GLU T . n 
A 1 81  MET 81  81  81  MET MET T . n 
A 1 82  SER 82  82  82  SER SER T . n 
A 1 83  ASP 83  83  83  ASP ASP T . n 
A 1 84  GLU 84  84  84  GLU GLU T . n 
A 1 85  ASP 85  85  85  ASP ASP T . n 
A 1 86  VAL 86  86  86  VAL VAL T . n 
A 1 87  LYS 87  87  87  LYS LYS T . n 
A 1 88  GLU 88  88  88  GLU GLU T . n 
A 1 89  ILE 89  89  89  ILE ILE T . n 
A 1 90  LYS 90  90  90  LYS LYS T . n 
A 1 91  GLN 91  91  91  GLN GLN T . n 
A 1 92  LYS 92  92  92  LYS LYS T . n 
A 1 93  THR 93  93  93  THR THR T . n 
A 1 94  ASP 94  94  94  ASP ASP T . n 
A 1 95  GLY 95  95  95  GLY GLY T . n 
A 1 96  ASN 96  96  96  ASN ASN T . n 
A 1 97  SER 97  97  97  SER SER T . n 
A 1 98  PHE 98  98  98  PHE PHE T . n 
A 1 99  LEU 99  99  99  LEU LEU T . n 
A 1 100 ILE 100 100 100 ILE ILE T . n 
A 1 101 ASN 101 101 101 ASN ASN T . n 
A 1 102 LEU 102 102 102 LEU LEU T . n 
A 1 103 ILE 103 103 103 ILE ILE T . n 
A 1 104 ASP 104 104 104 ASP ASP T . n 
A 1 105 SER 105 105 105 SER SER T . n 
A 1 106 PRO 106 106 106 PRO PRO T . n 
A 1 107 GLY 107 107 107 GLY GLY T . n 
A 1 108 HIS 108 108 108 HIS HIS T . n 
A 1 109 VAL 109 109 109 VAL VAL T . n 
A 1 110 ASP 110 110 110 ASP ASP T . n 
A 1 111 PHE 111 111 111 PHE PHE T . n 
A 1 112 SER 112 112 112 SER SER T . n 
A 1 113 SER 113 113 113 SER SER T . n 
A 1 114 GLU 114 114 114 GLU GLU T . n 
A 1 115 VAL 115 115 115 VAL VAL T . n 
A 1 116 THR 116 116 116 THR THR T . n 
A 1 117 ALA 117 117 117 ALA ALA T . n 
A 1 118 ALA 118 118 118 ALA ALA T . n 
A 1 119 LEU 119 119 119 LEU LEU T . n 
A 1 120 ARG 120 120 120 ARG ARG T . n 
A 1 121 VAL 121 121 121 VAL VAL T . n 
A 1 122 THR 122 122 122 THR THR T . n 
A 1 123 ASP 123 123 123 ASP ASP T . n 
A 1 124 GLY 124 124 124 GLY GLY T . n 
A 1 125 ALA 125 125 125 ALA ALA T . n 
A 1 126 LEU 126 126 126 LEU LEU T . n 
A 1 127 VAL 127 127 127 VAL VAL T . n 
A 1 128 VAL 128 128 128 VAL VAL T . n 
A 1 129 VAL 129 129 129 VAL VAL T . n 
A 1 130 ASP 130 130 130 ASP ASP T . n 
A 1 131 THR 131 131 131 THR THR T . n 
A 1 132 ILE 132 132 132 ILE ILE T . n 
A 1 133 GLU 133 133 133 GLU GLU T . n 
A 1 134 GLY 134 134 134 GLY GLY T . n 
A 1 135 VAL 135 135 135 VAL VAL T . n 
A 1 136 CYS 136 136 136 CYS CYS T . n 
A 1 137 VAL 137 137 137 VAL VAL T . n 
A 1 138 GLN 138 138 138 GLN GLN T . n 
A 1 139 THR 139 139 139 THR THR T . n 
A 1 140 GLU 140 140 140 GLU GLU T . n 
A 1 141 THR 141 141 141 THR THR T . n 
A 1 142 VAL 142 142 142 VAL VAL T . n 
A 1 143 LEU 143 143 143 LEU LEU T . n 
A 1 144 ARG 144 144 144 ARG ARG T . n 
A 1 145 GLN 145 145 145 GLN GLN T . n 
A 1 146 ALA 146 146 146 ALA ALA T . n 
A 1 147 LEU 147 147 147 LEU LEU T . n 
A 1 148 GLY 148 148 148 GLY GLY T . n 
A 1 149 GLU 149 149 149 GLU GLU T . n 
A 1 150 ARG 150 150 150 ARG ARG T . n 
A 1 151 ILE 151 151 151 ILE ILE T . n 
A 1 152 LYS 152 152 152 LYS LYS T . n 
A 1 153 PRO 153 153 153 PRO PRO T . n 
A 1 154 VAL 154 154 154 VAL VAL T . n 
A 1 155 VAL 155 155 155 VAL VAL T . n 
A 1 156 VAL 156 156 156 VAL VAL T . n 
A 1 157 ILE 157 157 157 ILE ILE T . n 
A 1 158 ASN 158 158 158 ASN ASN T . n 
A 1 159 LYS 159 159 159 LYS LYS T . n 
A 1 160 VAL 160 160 160 VAL VAL T . n 
A 1 161 ASP 161 161 161 ASP ASP T . n 
A 1 162 ARG 162 162 162 ARG ARG T . n 
A 1 163 ALA 163 163 163 ALA ALA T . n 
A 1 164 LEU 164 164 164 LEU LEU T . n 
A 1 165 LEU 165 165 165 LEU LEU T . n 
A 1 166 GLU 166 166 166 GLU GLU T . n 
A 1 167 LEU 167 167 167 LEU LEU T . n 
A 1 168 GLN 168 168 168 GLN GLN T . n 
A 1 169 VAL 169 169 169 VAL VAL T . n 
A 1 170 SER 170 170 170 SER SER T . n 
A 1 171 LYS 171 171 171 LYS LYS T . n 
A 1 172 GLU 172 172 172 GLU GLU T . n 
A 1 173 ASP 173 173 173 ASP ASP T . n 
A 1 174 LEU 174 174 174 LEU LEU T . n 
A 1 175 TYR 175 175 175 TYR TYR T . n 
A 1 176 GLN 176 176 176 GLN GLN T . n 
A 1 177 THR 177 177 177 THR THR T . n 
A 1 178 PHE 178 178 178 PHE PHE T . n 
A 1 179 ALA 179 179 179 ALA ALA T . n 
A 1 180 ARG 180 180 180 ARG ARG T . n 
A 1 181 THR 181 181 181 THR THR T . n 
A 1 182 VAL 182 182 182 VAL VAL T . n 
A 1 183 GLU 183 183 183 GLU GLU T . n 
A 1 184 SER 184 184 184 SER SER T . n 
A 1 185 VAL 185 185 185 VAL VAL T . n 
A 1 186 ASN 186 186 186 ASN ASN T . n 
A 1 187 VAL 187 187 187 VAL VAL T . n 
A 1 188 ILE 188 188 188 ILE ILE T . n 
A 1 189 VAL 189 189 189 VAL VAL T . n 
A 1 190 SER 190 190 190 SER SER T . n 
A 1 191 THR 191 191 191 THR THR T . n 
A 1 192 TYR 192 192 192 TYR TYR T . n 
A 1 193 ALA 193 193 193 ALA ALA T . n 
A 1 194 ASP 194 194 194 ASP ASP T . n 
A 1 195 GLU 195 195 195 GLU GLU T . n 
A 1 196 VAL 196 196 196 VAL VAL T . n 
A 1 197 LEU 197 197 197 LEU LEU T . n 
A 1 198 GLY 198 198 198 GLY GLY T . n 
A 1 199 ASP 199 199 199 ASP ASP T . n 
A 1 200 VAL 200 200 200 VAL VAL T . n 
A 1 201 GLN 201 201 201 GLN GLN T . n 
A 1 202 VAL 202 202 202 VAL VAL T . n 
A 1 203 TYR 203 203 203 TYR TYR T . n 
A 1 204 PRO 204 204 204 PRO PRO T . n 
A 1 205 ALA 205 205 205 ALA ALA T . n 
A 1 206 ARG 206 206 206 ARG ARG T . n 
A 1 207 GLY 207 207 207 GLY GLY T . n 
A 1 208 THR 208 208 208 THR THR T . n 
A 1 209 VAL 209 209 209 VAL VAL T . n 
A 1 210 ALA 210 210 210 ALA ALA T . n 
A 1 211 PHE 211 211 211 PHE PHE T . n 
A 1 212 GLY 212 212 212 GLY GLY T . n 
A 1 213 SER 213 213 213 SER SER T . n 
A 1 214 GLY 214 214 214 GLY GLY T . n 
A 1 215 LEU 215 215 215 LEU LEU T . n 
A 1 216 HIS 216 216 216 HIS HIS T . n 
A 1 217 GLY 217 217 217 GLY GLY T . n 
A 1 218 TRP 218 218 218 TRP TRP T . n 
A 1 219 ALA 219 219 219 ALA ALA T . n 
A 1 220 PHE 220 220 220 PHE PHE T . n 
A 1 221 THR 221 221 221 THR THR T . n 
A 1 222 ILE 222 222 222 ILE ILE T . n 
A 1 223 ARG 223 223 223 ARG ARG T . n 
A 1 224 GLN 224 224 224 GLN GLN T . n 
A 1 225 PHE 225 225 225 PHE PHE T . n 
A 1 226 ALA 226 226 226 ALA ALA T . n 
A 1 227 THR 227 227 227 THR THR T . n 
A 1 228 ARG 228 228 228 ARG ARG T . n 
A 1 229 TYR 229 229 229 TYR TYR T . n 
A 1 230 ALA 230 230 230 ALA ALA T . n 
A 1 231 LYS 231 231 231 LYS LYS T . n 
A 1 232 LYS 232 232 232 LYS LYS T . n 
A 1 233 PHE 233 233 233 PHE PHE T . n 
A 1 234 GLY 234 234 234 GLY GLY T . n 
A 1 235 VAL 235 235 235 VAL VAL T . n 
A 1 236 ASP 236 236 236 ASP ASP T . n 
A 1 237 LYS 237 237 237 LYS LYS T . n 
A 1 238 ALA 238 238 238 ALA ALA T . n 
A 1 239 LYS 239 239 239 LYS LYS T . n 
A 1 240 MET 240 240 240 MET MET T . n 
A 1 241 MET 241 241 241 MET MET T . n 
A 1 242 ASP 242 242 242 ASP ASP T . n 
A 1 243 ARG 243 243 243 ARG ARG T . n 
A 1 244 LEU 244 244 244 LEU LEU T . n 
A 1 245 TRP 245 245 245 TRP TRP T . n 
A 1 246 GLY 246 246 246 GLY GLY T . n 
A 1 247 ASP 247 247 247 ASP ASP T . n 
A 1 248 SER 248 248 248 SER SER T . n 
A 1 249 PHE 249 249 249 PHE PHE T . n 
A 1 250 PHE 250 250 250 PHE PHE T . n 
A 1 251 ASN 251 251 251 ASN ASN T . n 
A 1 252 PRO 252 252 252 PRO PRO T . n 
A 1 253 LYS 253 253 253 LYS LYS T . n 
A 1 254 THR 254 254 254 THR THR T . n 
A 1 255 LYS 255 255 255 LYS LYS T . n 
A 1 256 LYS 256 256 256 LYS LYS T . n 
A 1 257 TRP 257 257 257 TRP TRP T . n 
A 1 258 THR 258 258 258 THR THR T . n 
A 1 259 ASN 259 259 259 ASN ASN T . n 
A 1 260 LYS 260 260 260 LYS LYS T . n 
A 1 261 ASP 261 261 261 ASP ASP T . n 
A 1 262 THR 262 262 262 THR THR T . n 
A 1 263 ASP 263 263 263 ASP ASP T . n 
A 1 264 ALA 264 264 264 ALA ALA T . n 
A 1 265 GLU 265 265 265 GLU GLU T . n 
A 1 266 GLY 266 266 266 GLY GLY T . n 
A 1 267 LYS 267 267 267 LYS LYS T . n 
A 1 268 PRO 268 268 268 PRO PRO T . n 
A 1 269 LEU 269 269 269 LEU LEU T . n 
A 1 270 GLU 270 270 270 GLU GLU T . n 
A 1 271 ARG 271 271 271 ARG ARG T . n 
A 1 272 ALA 272 272 272 ALA ALA T . n 
A 1 273 PHE 273 273 273 PHE PHE T . n 
A 1 274 ASN 274 274 274 ASN ASN T . n 
A 1 275 MET 275 275 275 MET MET T . n 
A 1 276 PHE 276 276 276 PHE PHE T . n 
A 1 277 ILE 277 277 277 ILE ILE T . n 
A 1 278 LEU 278 278 278 LEU LEU T . n 
A 1 279 ASP 279 279 279 ASP ASP T . n 
A 1 280 PRO 280 280 280 PRO PRO T . n 
A 1 281 ILE 281 281 281 ILE ILE T . n 
A 1 282 PHE 282 282 282 PHE PHE T . n 
A 1 283 ARG 283 283 283 ARG ARG T . n 
A 1 284 LEU 284 284 284 LEU LEU T . n 
A 1 285 PHE 285 285 285 PHE PHE T . n 
A 1 286 THR 286 286 286 THR THR T . n 
A 1 287 ALA 287 287 287 ALA ALA T . n 
A 1 288 ILE 288 288 288 ILE ILE T . n 
A 1 289 MET 289 289 289 MET MET T . n 
A 1 290 ASN 290 290 290 ASN ASN T . n 
A 1 291 PHE 291 291 291 PHE PHE T . n 
A 1 292 LYS 292 292 292 LYS LYS T . n 
A 1 293 LYS 293 293 293 LYS LYS T . n 
A 1 294 ASP 294 294 294 ASP ASP T . n 
A 1 295 GLU 295 295 295 GLU GLU T . n 
A 1 296 ILE 296 296 296 ILE ILE T . n 
A 1 297 PRO 297 297 297 PRO PRO T . n 
A 1 298 VAL 298 298 298 VAL VAL T . n 
A 1 299 LEU 299 299 299 LEU LEU T . n 
A 1 300 LEU 300 300 300 LEU LEU T . n 
A 1 301 GLU 301 301 301 GLU GLU T . n 
A 1 302 LYS 302 302 302 LYS LYS T . n 
A 1 303 LEU 303 303 303 LEU LEU T . n 
A 1 304 GLU 304 304 304 GLU GLU T . n 
A 1 305 ILE 305 305 305 ILE ILE T . n 
A 1 306 VAL 306 306 306 VAL VAL T . n 
A 1 307 LEU 307 307 307 LEU LEU T . n 
A 1 308 LYS 308 308 308 LYS LYS T . n 
A 1 309 GLY 309 309 309 GLY GLY T . n 
A 1 310 ASP 310 310 310 ASP ASP T . n 
A 1 311 GLU 311 311 311 GLU GLU T . n 
A 1 312 LYS 312 312 312 LYS LYS T . n 
A 1 313 ASP 313 313 313 ASP ASP T . n 
A 1 314 LEU 314 314 314 LEU LEU T . n 
A 1 315 GLU 315 315 315 GLU GLU T . n 
A 1 316 GLY 316 316 316 GLY GLY T . n 
A 1 317 LYS 317 317 317 LYS LYS T . n 
A 1 318 ALA 318 318 318 ALA ALA T . n 
A 1 319 LEU 319 319 319 LEU LEU T . n 
A 1 320 LEU 320 320 320 LEU LEU T . n 
A 1 321 LYS 321 321 321 LYS LYS T . n 
A 1 322 VAL 322 322 322 VAL VAL T . n 
A 1 323 VAL 323 323 323 VAL VAL T . n 
A 1 324 MET 324 324 324 MET MET T . n 
A 1 325 ARG 325 325 325 ARG ARG T . n 
A 1 326 LYS 326 326 326 LYS LYS T . n 
A 1 327 PHE 327 327 327 PHE PHE T . n 
A 1 328 LEU 328 328 328 LEU LEU T . n 
A 1 329 PRO 329 329 329 PRO PRO T . n 
A 1 330 ALA 330 330 330 ALA ALA T . n 
A 1 331 ALA 331 331 331 ALA ALA T . n 
A 1 332 ASP 332 332 332 ASP ASP T . n 
A 1 333 ALA 333 333 333 ALA ALA T . n 
A 1 334 LEU 334 334 334 LEU LEU T . n 
A 1 335 LEU 335 335 335 LEU LEU T . n 
A 1 336 GLU 336 336 336 GLU GLU T . n 
A 1 337 MET 337 337 337 MET MET T . n 
A 1 338 ILE 338 338 338 ILE ILE T . n 
A 1 339 VAL 339 339 339 VAL VAL T . n 
A 1 340 LEU 340 340 340 LEU LEU T . n 
A 1 341 HIS 341 341 341 HIS HIS T . n 
A 1 342 LEU 342 342 342 LEU LEU T . n 
A 1 343 PRO 343 343 343 PRO PRO T . n 
A 1 344 SER 344 344 344 SER SER T . n 
A 1 345 PRO 345 345 345 PRO PRO T . n 
A 1 346 VAL 346 346 346 VAL VAL T . n 
A 1 347 THR 347 347 347 THR THR T . n 
A 1 348 ALA 348 348 348 ALA ALA T . n 
A 1 349 GLN 349 349 349 GLN GLN T . n 
A 1 350 ALA 350 350 350 ALA ALA T . n 
A 1 351 TYR 351 351 351 TYR TYR T . n 
A 1 352 ARG 352 352 352 ARG ARG T . n 
A 1 353 ALA 353 353 353 ALA ALA T . n 
A 1 354 GLU 354 354 354 GLU GLU T . n 
A 1 355 GLN 355 355 355 GLN GLN T . n 
A 1 356 LEU 356 356 356 LEU LEU T . n 
A 1 357 TYR 357 357 357 TYR TYR T . n 
A 1 358 GLU 358 358 358 GLU GLU T . n 
A 1 359 GLY 359 359 359 GLY GLY T . n 
A 1 360 PRO 360 360 360 PRO PRO T . n 
A 1 361 ALA 361 361 361 ALA ALA T . n 
A 1 362 ASP 362 362 362 ASP ASP T . n 
A 1 363 ASP 363 363 363 ASP ASP T . n 
A 1 364 ALA 364 364 364 ALA ALA T . n 
A 1 365 ASN 365 365 365 ASN ASN T . n 
A 1 366 CYS 366 366 366 CYS CYS T . n 
A 1 367 ILE 367 367 367 ILE ILE T . n 
A 1 368 ALA 368 368 368 ALA ALA T . n 
A 1 369 ILE 369 369 369 ILE ILE T . n 
A 1 370 LYS 370 370 370 LYS LYS T . n 
A 1 371 ASN 371 371 371 ASN ASN T . n 
A 1 372 CYS 372 372 372 CYS CYS T . n 
A 1 373 ASP 373 373 373 ASP ASP T . n 
A 1 374 PRO 374 374 374 PRO PRO T . n 
A 1 375 LYS 375 375 375 LYS LYS T . n 
A 1 376 ALA 376 376 376 ALA ALA T . n 
A 1 377 ASP 377 377 377 ASP ASP T . n 
A 1 378 LEU 378 378 378 LEU LEU T . n 
A 1 379 MET 379 379 379 MET MET T . n 
A 1 380 LEU 380 380 380 LEU LEU T . n 
A 1 381 TYR 381 381 381 TYR TYR T . n 
A 1 382 VAL 382 382 382 VAL VAL T . n 
A 1 383 SER 383 383 383 SER SER T . n 
A 1 384 LYS 384 384 384 LYS LYS T . n 
A 1 385 MET 385 385 385 MET MET T . n 
A 1 386 VAL 386 386 386 VAL VAL T . n 
A 1 387 PRO 387 387 387 PRO PRO T . n 
A 1 388 THR 388 388 388 THR THR T . n 
A 1 389 SER 389 389 389 SER SER T . n 
A 1 390 ASP 390 390 390 ASP ASP T . n 
A 1 391 LYS 391 391 391 LYS LYS T . n 
A 1 392 GLY 392 392 392 GLY GLY T . n 
A 1 393 ARG 393 393 393 ARG ARG T . n 
A 1 394 PHE 394 394 394 PHE PHE T . n 
A 1 395 TYR 395 395 395 TYR TYR T . n 
A 1 396 ALA 396 396 396 ALA ALA T . n 
A 1 397 PHE 397 397 397 PHE PHE T . n 
A 1 398 GLY 398 398 398 GLY GLY T . n 
A 1 399 ARG 399 399 399 ARG ARG T . n 
A 1 400 VAL 400 400 400 VAL VAL T . n 
A 1 401 PHE 401 401 401 PHE PHE T . n 
A 1 402 ALA 402 402 402 ALA ALA T . n 
A 1 403 GLY 403 403 403 GLY GLY T . n 
A 1 404 THR 404 404 404 THR THR T . n 
A 1 405 VAL 405 405 405 VAL VAL T . n 
A 1 406 LYS 406 406 406 LYS LYS T . n 
A 1 407 SER 407 407 407 SER SER T . n 
A 1 408 GLY 408 408 408 GLY GLY T . n 
A 1 409 GLN 409 409 409 GLN GLN T . n 
A 1 410 LYS 410 410 410 LYS LYS T . n 
A 1 411 VAL 411 411 411 VAL VAL T . n 
A 1 412 ARG 412 412 412 ARG ARG T . n 
A 1 413 ILE 413 413 413 ILE ILE T . n 
A 1 414 GLN 414 414 414 GLN GLN T . n 
A 1 415 GLY 415 415 415 GLY GLY T . n 
A 1 416 PRO 416 416 416 PRO PRO T . n 
A 1 417 ASN 417 417 417 ASN ASN T . n 
A 1 418 TYR 418 418 418 TYR TYR T . n 
A 1 419 VAL 419 419 419 VAL VAL T . n 
A 1 420 PRO 420 420 420 PRO PRO T . n 
A 1 421 GLY 421 421 421 GLY GLY T . n 
A 1 422 LYS 422 422 422 LYS LYS T . n 
A 1 423 LYS 423 423 423 LYS LYS T . n 
A 1 424 ASP 424 424 424 ASP ASP T . n 
A 1 425 ASP 425 425 425 ASP ASP T . n 
A 1 426 LEU 426 426 426 LEU LEU T . n 
A 1 427 PHE 427 427 427 PHE PHE T . n 
A 1 428 ILE 428 428 428 ILE ILE T . n 
A 1 429 LYS 429 429 429 LYS LYS T . n 
A 1 430 ALA 430 430 430 ALA ALA T . n 
A 1 431 ILE 431 431 431 ILE ILE T . n 
A 1 432 GLN 432 432 432 GLN GLN T . n 
A 1 433 ARG 433 433 433 ARG ARG T . n 
A 1 434 VAL 434 434 434 VAL VAL T . n 
A 1 435 VAL 435 435 435 VAL VAL T . n 
A 1 436 LEU 436 436 436 LEU LEU T . n 
A 1 437 MET 437 437 437 MET MET T . n 
A 1 438 MET 438 438 438 MET MET T . n 
A 1 439 GLY 439 439 439 GLY GLY T . n 
A 1 440 ARG 440 440 440 ARG ARG T . n 
A 1 441 PHE 441 441 441 PHE PHE T . n 
A 1 442 VAL 442 442 442 VAL VAL T . n 
A 1 443 GLU 443 443 443 GLU GLU T . n 
A 1 444 PRO 444 444 444 PRO PRO T . n 
A 1 445 ILE 445 445 445 ILE ILE T . n 
A 1 446 ASP 446 446 446 ASP ASP T . n 
A 1 447 ASP 447 447 447 ASP ASP T . n 
A 1 448 CYS 448 448 448 CYS CYS T . n 
A 1 449 PRO 449 449 449 PRO PRO T . n 
A 1 450 ALA 450 450 450 ALA ALA T . n 
A 1 451 GLY 451 451 451 GLY GLY T . n 
A 1 452 ASN 452 452 452 ASN ASN T . n 
A 1 453 ILE 453 453 453 ILE ILE T . n 
A 1 454 ILE 454 454 454 ILE ILE T . n 
A 1 455 GLY 455 455 455 GLY GLY T . n 
A 1 456 LEU 456 456 456 LEU LEU T . n 
A 1 457 VAL 457 457 457 VAL VAL T . n 
A 1 458 GLY 458 458 458 GLY GLY T . n 
A 1 459 ILE 459 459 459 ILE ILE T . n 
A 1 460 ASP 460 460 460 ASP ASP T . n 
A 1 461 GLN 461 461 461 GLN GLN T . n 
A 1 462 PHE 462 462 462 PHE PHE T . n 
A 1 463 LEU 463 463 463 LEU LEU T . n 
A 1 464 LEU 464 464 464 LEU LEU T . n 
A 1 465 LYS 465 465 465 LYS LYS T . n 
A 1 466 THR 466 466 466 THR THR T . n 
A 1 467 GLY 467 467 467 GLY GLY T . n 
A 1 468 THR 468 468 468 THR THR T . n 
A 1 469 LEU 469 469 469 LEU LEU T . n 
A 1 470 THR 470 470 470 THR THR T . n 
A 1 471 THR 471 471 471 THR THR T . n 
A 1 472 SER 472 472 472 SER SER T . n 
A 1 473 GLU 473 473 473 GLU GLU T . n 
A 1 474 THR 474 474 474 THR THR T . n 
A 1 475 ALA 475 475 475 ALA ALA T . n 
A 1 476 HIS 476 476 476 HIS HIS T . n 
A 1 477 ASN 477 477 477 ASN ASN T . n 
A 1 478 MET 478 478 478 MET MET T . n 
A 1 479 LYS 479 479 479 LYS LYS T . n 
A 1 480 VAL 480 480 480 VAL VAL T . n 
A 1 481 MET 481 481 ?   ?   ?   T . n 
A 1 482 LYS 482 482 ?   ?   ?   T . n 
A 1 483 PHE 483 483 ?   ?   ?   T . n 
A 1 484 SER 484 484 ?   ?   ?   T . n 
A 1 485 VAL 485 485 ?   ?   ?   T . n 
A 1 486 SER 486 486 ?   ?   ?   T . n 
A 1 487 PRO 487 487 ?   ?   ?   T . n 
A 1 488 VAL 488 488 ?   ?   ?   T . n 
A 1 489 VAL 489 489 ?   ?   ?   T . n 
A 1 490 GLN 490 490 ?   ?   ?   T . n 
A 1 491 VAL 491 491 ?   ?   ?   T . n 
A 1 492 ALA 492 492 ?   ?   ?   T . n 
A 1 493 VAL 493 493 ?   ?   ?   T . n 
A 1 494 GLU 494 494 ?   ?   ?   T . n 
A 1 495 VAL 495 495 ?   ?   ?   T . n 
A 1 496 LYS 496 496 ?   ?   ?   T . n 
A 1 497 ASN 497 497 ?   ?   ?   T . n 
A 1 498 ALA 498 498 ?   ?   ?   T . n 
A 1 499 ASN 499 499 ?   ?   ?   T . n 
A 1 500 ASP 500 500 ?   ?   ?   T . n 
A 1 501 LEU 501 501 ?   ?   ?   T . n 
A 1 502 PRO 502 502 ?   ?   ?   T . n 
A 1 503 LYS 503 503 ?   ?   ?   T . n 
A 1 504 LEU 504 504 ?   ?   ?   T . n 
A 1 505 VAL 505 505 ?   ?   ?   T . n 
A 1 506 GLU 506 506 ?   ?   ?   T . n 
A 1 507 GLY 507 507 ?   ?   ?   T . n 
A 1 508 LEU 508 508 ?   ?   ?   T . n 
A 1 509 LYS 509 509 ?   ?   ?   T . n 
A 1 510 ARG 510 510 ?   ?   ?   T . n 
A 1 511 LEU 511 511 ?   ?   ?   T . n 
A 1 512 SER 512 512 ?   ?   ?   T . n 
A 1 513 LYS 513 513 ?   ?   ?   T . n 
A 1 514 SER 514 514 ?   ?   ?   T . n 
A 1 515 ASP 515 515 ?   ?   ?   T . n 
A 1 516 PRO 516 516 ?   ?   ?   T . n 
A 1 517 CYS 517 517 ?   ?   ?   T . n 
A 1 518 VAL 518 518 ?   ?   ?   T . n 
A 1 519 LEU 519 519 ?   ?   ?   T . n 
A 1 520 THR 520 520 ?   ?   ?   T . n 
A 1 521 TYR 521 521 ?   ?   ?   T . n 
A 1 522 MET 522 522 ?   ?   ?   T . n 
A 1 523 SER 523 523 ?   ?   ?   T . n 
A 1 524 GLU 524 524 ?   ?   ?   T . n 
A 1 525 SER 525 525 ?   ?   ?   T . n 
A 1 526 GLY 526 526 ?   ?   ?   T . n 
A 1 527 GLU 527 527 ?   ?   ?   T . n 
A 1 528 HIS 528 528 ?   ?   ?   T . n 
A 1 529 ILE 529 529 ?   ?   ?   T . n 
A 1 530 VAL 530 530 ?   ?   ?   T . n 
A 1 531 ALA 531 531 ?   ?   ?   T . n 
A 1 532 GLY 532 532 ?   ?   ?   T . n 
A 1 533 THR 533 533 ?   ?   ?   T . n 
A 1 534 GLY 534 534 ?   ?   ?   T . n 
A 1 535 GLU 535 535 ?   ?   ?   T . n 
A 1 536 LEU 536 536 ?   ?   ?   T . n 
A 1 537 HIS 537 537 ?   ?   ?   T . n 
A 1 538 LEU 538 538 ?   ?   ?   T . n 
A 1 539 GLU 539 539 ?   ?   ?   T . n 
A 1 540 ILE 540 540 ?   ?   ?   T . n 
A 1 541 CYS 541 541 ?   ?   ?   T . n 
A 1 542 LEU 542 542 ?   ?   ?   T . n 
A 1 543 GLN 543 543 ?   ?   ?   T . n 
A 1 544 ASP 544 544 ?   ?   ?   T . n 
A 1 545 LEU 545 545 ?   ?   ?   T . n 
A 1 546 GLU 546 546 ?   ?   ?   T . n 
A 1 547 HIS 547 547 ?   ?   ?   T . n 
A 1 548 ASP 548 548 ?   ?   ?   T . n 
A 1 549 HIS 549 549 ?   ?   ?   T . n 
A 1 550 ALA 550 550 ?   ?   ?   T . n 
A 1 551 GLY 551 551 ?   ?   ?   T . n 
A 1 552 VAL 552 552 ?   ?   ?   T . n 
A 1 553 PRO 553 553 ?   ?   ?   T . n 
A 1 554 LEU 554 554 ?   ?   ?   T . n 
A 1 555 LYS 555 555 ?   ?   ?   T . n 
A 1 556 ILE 556 556 ?   ?   ?   T . n 
A 1 557 SER 557 557 ?   ?   ?   T . n 
A 1 558 PRO 558 558 ?   ?   ?   T . n 
A 1 559 PRO 559 559 ?   ?   ?   T . n 
A 1 560 VAL 560 560 560 VAL VAL T . n 
A 1 561 VAL 561 561 561 VAL VAL T . n 
A 1 562 ALA 562 562 562 ALA ALA T . n 
A 1 563 TYR 563 563 563 TYR TYR T . n 
A 1 564 ARG 564 564 564 ARG ARG T . n 
A 1 565 GLU 565 565 565 GLU GLU T . n 
A 1 566 THR 566 566 566 THR THR T . n 
A 1 567 VAL 567 567 567 VAL VAL T . n 
A 1 568 GLU 568 568 568 GLU GLU T . n 
A 1 569 SER 569 569 569 SER SER T . n 
A 1 570 GLU 570 570 570 GLU GLU T . n 
A 1 571 SER 571 571 571 SER SER T . n 
A 1 572 SER 572 572 572 SER SER T . n 
A 1 573 GLN 573 573 573 GLN GLN T . n 
A 1 574 THR 574 574 574 THR THR T . n 
A 1 575 ALA 575 575 575 ALA ALA T . n 
A 1 576 LEU 576 576 576 LEU LEU T . n 
A 1 577 SER 577 577 577 SER SER T . n 
A 1 578 LYS 578 578 578 LYS LYS T . n 
A 1 579 SER 579 579 579 SER SER T . n 
A 1 580 PRO 580 580 580 PRO PRO T . n 
A 1 581 ASN 581 581 581 ASN ASN T . n 
A 1 582 LYS 582 582 582 LYS LYS T . n 
A 1 583 HIS 583 583 583 HIS HIS T . n 
A 1 584 ASN 584 584 584 ASN ASN T . n 
A 1 585 ARG 585 585 585 ARG ARG T . n 
A 1 586 ILE 586 586 586 ILE ILE T . n 
A 1 587 TYR 587 587 587 TYR TYR T . n 
A 1 588 LEU 588 588 588 LEU LEU T . n 
A 1 589 LYS 589 589 589 LYS LYS T . n 
A 1 590 ALA 590 590 590 ALA ALA T . n 
A 1 591 GLU 591 591 591 GLU GLU T . n 
A 1 592 PRO 592 592 592 PRO PRO T . n 
A 1 593 ILE 593 593 593 ILE ILE T . n 
A 1 594 ASP 594 594 594 ASP ASP T . n 
A 1 595 GLU 595 595 595 GLU GLU T . n 
A 1 596 GLU 596 596 ?   ?   ?   T . n 
A 1 597 VAL 597 597 ?   ?   ?   T . n 
A 1 598 SER 598 598 ?   ?   ?   T . n 
A 1 599 LEU 599 599 ?   ?   ?   T . n 
A 1 600 ALA 600 600 ?   ?   ?   T . n 
A 1 601 ILE 601 601 ?   ?   ?   T . n 
A 1 602 GLU 602 602 ?   ?   ?   T . n 
A 1 603 ASN 603 603 ?   ?   ?   T . n 
A 1 604 GLY 604 604 ?   ?   ?   T . n 
A 1 605 ILE 605 605 ?   ?   ?   T . n 
A 1 606 ILE 606 606 ?   ?   ?   T . n 
A 1 607 ASN 607 607 ?   ?   ?   T . n 
A 1 608 PRO 608 608 ?   ?   ?   T . n 
A 1 609 ARG 609 609 ?   ?   ?   T . n 
A 1 610 ASP 610 610 ?   ?   ?   T . n 
A 1 611 ASP 611 611 ?   ?   ?   T . n 
A 1 612 PHE 612 612 ?   ?   ?   T . n 
A 1 613 LYS 613 613 ?   ?   ?   T . n 
A 1 614 ALA 614 614 ?   ?   ?   T . n 
A 1 615 ARG 615 615 ?   ?   ?   T . n 
A 1 616 ALA 616 616 ?   ?   ?   T . n 
A 1 617 ARG 617 617 ?   ?   ?   T . n 
A 1 618 ILE 618 618 ?   ?   ?   T . n 
A 1 619 MET 619 619 ?   ?   ?   T . n 
A 1 620 ALA 620 620 ?   ?   ?   T . n 
A 1 621 ASP 621 621 ?   ?   ?   T . n 
A 1 622 ASP 622 622 ?   ?   ?   T . n 
A 1 623 TYR 623 623 ?   ?   ?   T . n 
A 1 624 GLY 624 624 ?   ?   ?   T . n 
A 1 625 TRP 625 625 ?   ?   ?   T . n 
A 1 626 ASP 626 626 ?   ?   ?   T . n 
A 1 627 VAL 627 627 ?   ?   ?   T . n 
A 1 628 THR 628 628 ?   ?   ?   T . n 
A 1 629 ASP 629 629 ?   ?   ?   T . n 
A 1 630 ALA 630 630 ?   ?   ?   T . n 
A 1 631 ARG 631 631 ?   ?   ?   T . n 
A 1 632 LYS 632 632 ?   ?   ?   T . n 
A 1 633 ILE 633 633 ?   ?   ?   T . n 
A 1 634 TRP 634 634 ?   ?   ?   T . n 
A 1 635 CYS 635 635 ?   ?   ?   T . n 
A 1 636 PHE 636 636 ?   ?   ?   T . n 
A 1 637 GLY 637 637 ?   ?   ?   T . n 
A 1 638 PRO 638 638 ?   ?   ?   T . n 
A 1 639 ASP 639 639 ?   ?   ?   T . n 
A 1 640 GLY 640 640 640 GLY GLY T . n 
A 1 641 ASN 641 641 641 ASN ASN T . n 
A 1 642 GLY 642 642 642 GLY GLY T . n 
A 1 643 PRO 643 643 643 PRO PRO T . n 
A 1 644 ASN 644 644 644 ASN ASN T . n 
A 1 645 LEU 645 645 645 LEU LEU T . n 
A 1 646 VAL 646 646 646 VAL VAL T . n 
A 1 647 ILE 647 647 647 ILE ILE T . n 
A 1 648 ASP 648 648 648 ASP ASP T . n 
A 1 649 GLN 649 649 649 GLN GLN T . n 
A 1 650 THR 650 650 650 THR THR T . n 
A 1 651 LYS 651 651 651 LYS LYS T . n 
A 1 652 ALA 652 652 652 ALA ALA T . n 
A 1 653 VAL 653 653 653 VAL VAL T . n 
A 1 654 GLN 654 654 654 GLN GLN T . n 
A 1 655 TYR 655 655 655 TYR TYR T . n 
A 1 656 LEU 656 656 656 LEU LEU T . n 
A 1 657 HIS 657 657 657 HIS HIS T . n 
A 1 658 GLU 658 658 658 GLU GLU T . n 
A 1 659 ILE 659 659 659 ILE ILE T . n 
A 1 660 LYS 660 660 660 LYS LYS T . n 
A 1 661 ASP 661 661 661 ASP ASP T . n 
A 1 662 SER 662 662 662 SER SER T . n 
A 1 663 VAL 663 663 663 VAL VAL T . n 
A 1 664 VAL 664 664 664 VAL VAL T . n 
A 1 665 ALA 665 665 665 ALA ALA T . n 
A 1 666 ALA 666 666 666 ALA ALA T . n 
A 1 667 PHE 667 667 667 PHE PHE T . n 
A 1 668 GLN 668 668 668 GLN GLN T . n 
A 1 669 TRP 669 669 669 TRP TRP T . n 
A 1 670 ALA 670 670 670 ALA ALA T . n 
A 1 671 THR 671 671 671 THR THR T . n 
A 1 672 LYS 672 672 672 LYS LYS T . n 
A 1 673 GLU 673 673 673 GLU GLU T . n 
A 1 674 GLY 674 674 674 GLY GLY T . n 
A 1 675 PRO 675 675 675 PRO PRO T . n 
A 1 676 ILE 676 676 676 ILE ILE T . n 
A 1 677 PHE 677 677 677 PHE PHE T . n 
A 1 678 GLY 678 678 678 GLY GLY T . n 
A 1 679 GLU 679 679 679 GLU GLU T . n 
A 1 680 GLU 680 680 680 GLU GLU T . n 
A 1 681 MET 681 681 681 MET MET T . n 
A 1 682 ARG 682 682 682 ARG ARG T . n 
A 1 683 SER 683 683 683 SER SER T . n 
A 1 684 VAL 684 684 684 VAL VAL T . n 
A 1 685 ARG 685 685 685 ARG ARG T . n 
A 1 686 VAL 686 686 686 VAL VAL T . n 
A 1 687 ASN 687 687 687 ASN ASN T . n 
A 1 688 ILE 688 688 688 ILE ILE T . n 
A 1 689 LEU 689 689 689 LEU LEU T . n 
A 1 690 ASP 690 690 690 ASP ASP T . n 
A 1 691 VAL 691 691 691 VAL VAL T . n 
A 1 692 THR 692 692 692 THR THR T . n 
A 1 693 LEU 693 693 693 LEU LEU T . n 
A 1 694 HIS 694 694 694 HIS HIS T . n 
A 1 695 ALA 695 695 695 ALA ALA T . n 
A 1 696 ASP 696 696 696 ASP ASP T . n 
A 1 697 ALA 697 697 697 ALA ALA T . n 
A 1 698 ILE 698 698 698 ILE ILE T . n 
A 1 699 HIS 699 699 699 HIS HIS T . n 
A 1 700 ARG 700 700 700 ARG ARG T . n 
A 1 701 GLY 701 701 701 GLY GLY T . n 
A 1 702 GLY 702 702 702 GLY GLY T . n 
A 1 703 GLY 703 703 703 GLY GLY T . n 
A 1 704 GLN 704 704 704 GLN GLN T . n 
A 1 705 ILE 705 705 705 ILE ILE T . n 
A 1 706 ILE 706 706 706 ILE ILE T . n 
A 1 707 PRO 707 707 707 PRO PRO T . n 
A 1 708 THR 708 708 708 THR THR T . n 
A 1 709 MET 709 709 709 MET MET T . n 
A 1 710 ARG 710 710 710 ARG ARG T . n 
A 1 711 ARG 711 711 711 ARG ARG T . n 
A 1 712 ALA 712 712 712 ALA ALA T . n 
A 1 713 THR 713 713 713 THR THR T . n 
A 1 714 TYR 714 714 714 TYR TYR T . n 
A 1 715 ALA 715 715 715 ALA ALA T . n 
A 1 716 GLY 716 716 716 GLY GLY T . n 
A 1 717 PHE 717 717 717 PHE PHE T . n 
A 1 718 LEU 718 718 718 LEU LEU T . n 
A 1 719 LEU 719 719 719 LEU LEU T . n 
A 1 720 ALA 720 720 720 ALA ALA T . n 
A 1 721 ASP 721 721 721 ASP ASP T . n 
A 1 722 PRO 722 722 722 PRO PRO T . n 
A 1 723 LYS 723 723 723 LYS LYS T . n 
A 1 724 ILE 724 724 724 ILE ILE T . n 
A 1 725 GLN 725 725 725 GLN GLN T . n 
A 1 726 GLU 726 726 726 GLU GLU T . n 
A 1 727 PRO 727 727 727 PRO PRO T . n 
A 1 728 VAL 728 728 728 VAL VAL T . n 
A 1 729 PHE 729 729 729 PHE PHE T . n 
A 1 730 LEU 730 730 730 LEU LEU T . n 
A 1 731 VAL 731 731 731 VAL VAL T . n 
A 1 732 GLU 732 732 732 GLU GLU T . n 
A 1 733 ILE 733 733 733 ILE ILE T . n 
A 1 734 GLN 734 734 734 GLN GLN T . n 
A 1 735 CYS 735 735 735 CYS CYS T . n 
A 1 736 PRO 736 736 736 PRO PRO T . n 
A 1 737 GLU 737 737 737 GLU GLU T . n 
A 1 738 GLN 738 738 738 GLN GLN T . n 
A 1 739 ALA 739 739 739 ALA ALA T . n 
A 1 740 VAL 740 740 740 VAL VAL T . n 
A 1 741 GLY 741 741 741 GLY GLY T . n 
A 1 742 GLY 742 742 742 GLY GLY T . n 
A 1 743 ILE 743 743 743 ILE ILE T . n 
A 1 744 TYR 744 744 744 TYR TYR T . n 
A 1 745 SER 745 745 745 SER SER T . n 
A 1 746 VAL 746 746 746 VAL VAL T . n 
A 1 747 LEU 747 747 747 LEU LEU T . n 
A 1 748 ASN 748 748 748 ASN ASN T . n 
A 1 749 LYS 749 749 749 LYS LYS T . n 
A 1 750 LYS 750 750 750 LYS LYS T . n 
A 1 751 ARG 751 751 751 ARG ARG T . n 
A 1 752 GLY 752 752 752 GLY GLY T . n 
A 1 753 GLN 753 753 753 GLN GLN T . n 
A 1 754 VAL 754 754 754 VAL VAL T . n 
A 1 755 VAL 755 755 755 VAL VAL T . n 
A 1 756 SER 756 756 756 SER SER T . n 
A 1 757 GLU 757 757 757 GLU GLU T . n 
A 1 758 GLU 758 758 758 GLU GLU T . n 
A 1 759 GLN 759 759 759 GLN GLN T . n 
A 1 760 ARG 760 760 ?   ?   ?   T . n 
A 1 761 PRO 761 761 ?   ?   ?   T . n 
A 1 762 GLY 762 762 ?   ?   ?   T . n 
A 1 763 THR 763 763 763 THR THR T . n 
A 1 764 PRO 764 764 764 PRO PRO T . n 
A 1 765 LEU 765 765 765 LEU LEU T . n 
A 1 766 PHE 766 766 766 PHE PHE T . n 
A 1 767 THR 767 767 767 THR THR T . n 
A 1 768 VAL 768 768 768 VAL VAL T . n 
A 1 769 LYS 769 769 769 LYS LYS T . n 
A 1 770 ALA 770 770 770 ALA ALA T . n 
A 1 771 TYR 771 771 771 TYR TYR T . n 
A 1 772 LEU 772 772 772 LEU LEU T . n 
A 1 773 PRO 773 773 773 PRO PRO T . n 
A 1 774 VAL 774 774 774 VAL VAL T . n 
A 1 775 ASN 775 775 775 ASN ASN T . n 
A 1 776 GLU 776 776 776 GLU GLU T . n 
A 1 777 SER 777 777 777 SER SER T . n 
A 1 778 PHE 778 778 778 PHE PHE T . n 
A 1 779 GLY 779 779 779 GLY GLY T . n 
A 1 780 PHE 780 780 780 PHE PHE T . n 
A 1 781 THR 781 781 781 THR THR T . n 
A 1 782 GLY 782 782 782 GLY GLY T . n 
A 1 783 GLU 783 783 783 GLU GLU T . n 
A 1 784 LEU 784 784 784 LEU LEU T . n 
A 1 785 ARG 785 785 785 ARG ARG T . n 
A 1 786 GLN 786 786 786 GLN GLN T . n 
A 1 787 ALA 787 787 787 ALA ALA T . n 
A 1 788 THR 788 788 788 THR THR T . n 
A 1 789 GLY 789 789 789 GLY GLY T . n 
A 1 790 GLY 790 790 790 GLY GLY T . n 
A 1 791 GLN 791 791 791 GLN GLN T . n 
A 1 792 ALA 792 792 792 ALA ALA T . n 
A 1 793 PHE 793 793 793 PHE PHE T . n 
A 1 794 PRO 794 794 794 PRO PRO T . n 
A 1 795 GLN 795 795 795 GLN GLN T . n 
A 1 796 MET 796 796 796 MET MET T . n 
A 1 797 VAL 797 797 797 VAL VAL T . n 
A 1 798 PHE 798 798 798 PHE PHE T . n 
A 1 799 ASP 799 799 799 ASP ASP T . n 
A 1 800 HIS 800 800 800 HIS HIS T . n 
A 1 801 TRP 801 801 ?   ?   ?   T . n 
A 1 802 SER 802 802 ?   ?   ?   T . n 
A 1 803 THR 803 803 ?   ?   ?   T . n 
A 1 804 LEU 804 804 ?   ?   ?   T . n 
A 1 805 GLY 805 805 ?   ?   ?   T . n 
A 1 806 SER 806 806 ?   ?   ?   T . n 
A 1 807 ASP 807 807 ?   ?   ?   T . n 
A 1 808 PRO 808 808 ?   ?   ?   T . n 
A 1 809 LEU 809 809 ?   ?   ?   T . n 
A 1 810 ASP 810 810 ?   ?   ?   T . n 
A 1 811 PRO 811 811 ?   ?   ?   T . n 
A 1 812 THR 812 812 ?   ?   ?   T . n 
A 1 813 SER 813 813 ?   ?   ?   T . n 
A 1 814 LYS 814 814 ?   ?   ?   T . n 
A 1 815 ALA 815 815 ?   ?   ?   T . n 
A 1 816 GLY 816 816 ?   ?   ?   T . n 
A 1 817 GLU 817 817 ?   ?   ?   T . n 
A 1 818 ILE 818 818 ?   ?   ?   T . n 
A 1 819 VAL 819 819 ?   ?   ?   T . n 
A 1 820 LEU 820 820 ?   ?   ?   T . n 
A 1 821 ALA 821 821 ?   ?   ?   T . n 
A 1 822 ALA 822 822 ?   ?   ?   T . n 
A 1 823 ARG 823 823 ?   ?   ?   T . n 
A 1 824 LYS 824 824 ?   ?   ?   T . n 
A 1 825 ARG 825 825 ?   ?   ?   T . n 
A 1 826 HIS 826 826 ?   ?   ?   T . n 
A 1 827 GLY 827 827 ?   ?   ?   T . n 
A 1 828 MET 828 828 ?   ?   ?   T . n 
A 1 829 LYS 829 829 ?   ?   ?   T . n 
A 1 830 GLU 830 830 ?   ?   ?   T . n 
A 1 831 GLU 831 831 ?   ?   ?   T . n 
A 1 832 VAL 832 832 ?   ?   ?   T . n 
A 1 833 PRO 833 833 ?   ?   ?   T . n 
A 1 834 GLY 834 834 ?   ?   ?   T . n 
A 1 835 TRP 835 835 ?   ?   ?   T . n 
A 1 836 GLN 836 836 ?   ?   ?   T . n 
A 1 837 GLU 837 837 ?   ?   ?   T . n 
A 1 838 TYR 838 838 ?   ?   ?   T . n 
A 1 839 TYR 839 839 ?   ?   ?   T . n 
A 1 840 ASP 840 840 ?   ?   ?   T . n 
A 1 841 LYS 841 841 ?   ?   ?   T . n 
A 1 842 LEU 842 842 ?   ?   ?   T . n 
# 
_cell.entry_id           3DNY 
_cell.length_a           1.000 
_cell.length_b           1.000 
_cell.length_c           1.000 
_cell.angle_alpha        90.00 
_cell.angle_beta         90.00 
_cell.angle_gamma        90.00 
_cell.pdbx_unique_axis   ? 
_cell.Z_PDB              1 
_cell.length_a_esd       ? 
_cell.length_b_esd       ? 
_cell.length_c_esd       ? 
_cell.angle_alpha_esd    ? 
_cell.angle_beta_esd     ? 
_cell.angle_gamma_esd    ? 
# 
_symmetry.entry_id                         3DNY 
_symmetry.space_group_name_H-M             'P 1' 
_symmetry.pdbx_full_space_group_name_H-M   ? 
_symmetry.Int_Tables_number                1 
_symmetry.cell_setting                     ? 
# 
_exptl.entry_id          3DNY 
_exptl.method            'ELECTRON MICROSCOPY' 
_exptl.crystals_number   ? 
# 
_exptl_crystal.id                    1 
_exptl_crystal.density_meas          ? 
_exptl_crystal.density_percent_sol   ? 
_exptl_crystal.density_Matthews      ? 
_exptl_crystal.description           ? 
_exptl_crystal.F_000                 ? 
_exptl_crystal.preparation           ? 
# 
_diffrn.id                     1 
_diffrn.ambient_temp           ? 
_diffrn.ambient_temp_details   ? 
_diffrn.crystal_id             1 
# 
_refine_hist.pdbx_refine_id                   'ELECTRON MICROSCOPY' 
_refine_hist.cycle_id                         LAST 
_refine_hist.pdbx_number_atoms_protein        654 
_refine_hist.pdbx_number_atoms_nucleic_acid   0 
_refine_hist.pdbx_number_atoms_ligand         0 
_refine_hist.number_atoms_solvent             0 
_refine_hist.number_atoms_total               654 
_refine_hist.d_res_high                       . 
_refine_hist.d_res_low                        . 
# 
_struct.entry_id                  3DNY 
_struct.title                     
'Fitting of the eEF2 crystal structure into the cryo-EM density map of the eEF2.80S.AlF4-.GDP complex' 
_struct.pdbx_model_details        ? 
_struct.pdbx_CASP_flag            ? 
_struct.pdbx_model_type_details   ? 
# 
_struct_keywords.entry_id        3DNY 
_struct_keywords.pdbx_keywords   'CELL CYCLE' 
_struct_keywords.text            
;eEF2 transition state complex, 80S Ribosome, AlF4-, GDP, GTPase, Translocation, Elongation factor, GTP-binding, Nucleotide-binding, Phosphoprotein, Protein biosynthesis, RNA-binding, rRNA-binding, CELL CYCLE
;
# 
_struct_asym.id                            A 
_struct_asym.pdbx_blank_PDB_chainid_flag   N 
_struct_asym.pdbx_modified                 N 
_struct_asym.entity_id                     1 
_struct_asym.details                       ? 
# 
_struct_ref.id                         1 
_struct_ref.db_name                    UNP 
_struct_ref.db_code                    EF2_YEAST 
_struct_ref.pdbx_db_accession          P32324 
_struct_ref.entity_id                  1 
_struct_ref.pdbx_seq_one_letter_code   
;MVAFTVDQMRSLMDKVTNVRNMSVIAHVDHGKSTLTDSLVQRAGIISAAKAGEARFTDTRKDEQERGITIKSTAISLYSE
MSDEDVKEIKQKTDGNSFLINLIDSPGHVDFSSEVTAALRVTDGALVVVDTIEGVCVQTETVLRQALGERIKPVVVINKV
DRALLELQVSKEDLYQTFARTVESVNVIVSTYADEVLGDVQVYPARGTVAFGSGLHGWAFTIRQFATRYAKKFGVDKAKM
MDRLWGDSFFNPKTKKWTNKDTDAEGKPLERAFNMFILDPIFRLFTAIMNFKKDEIPVLLEKLEIVLKGDEKDLEGKALL
KVVMRKFLPAADALLEMIVLHLPSPVTAQAYRAEQLYEGPADDANCIAIKNCDPKADLMLYVSKMVPTSDKGRFYAFGRV
FAGTVKSGQKVRIQGPNYVPGKKDDLFIKAIQRVVLMMGRFVEPIDDCPAGNIIGLVGIDQFLLKTGTLTTSETAHNMKV
MKFSVSPVVQVAVEVKNANDLPKLVEGLKRLSKSDPCVLTYMSESGEHIVAGTGELHLEICLQDLEHDHAGVPLKISPPV
VAYRETVESESSQTALSKSPNKHNRIYLKAEPIDEEVSLAIENGIINPRDDFKARARIMADDYGWDVTDARKIWCFGPDG
NGPNLVIDQTKAVQYLHEIKDSVVAAFQWATKEGPIFGEEMRSVRVNILDVTLHADAIHRGGGQIIPTMRRATYAGFLLA
DPKIQEPVFLVEIQCPEQAVGGIYSVLNKKRGQVVSEEQRPGTPLFTVKAYLPVNESFGFTGELRQATGGQAFPQMVFDH
WSTLGSDPLDPTSKAGEIVLAARKRHGMKEEVPGWQEYYDKL
;
_struct_ref.pdbx_align_begin           1 
_struct_ref.pdbx_db_isoform            ? 
# 
_struct_ref_seq.align_id                      1 
_struct_ref_seq.ref_id                        1 
_struct_ref_seq.pdbx_PDB_id_code              3DNY 
_struct_ref_seq.pdbx_strand_id                T 
_struct_ref_seq.seq_align_beg                 1 
_struct_ref_seq.pdbx_seq_align_beg_ins_code   ? 
_struct_ref_seq.seq_align_end                 842 
_struct_ref_seq.pdbx_seq_align_end_ins_code   ? 
_struct_ref_seq.pdbx_db_accession             P32324 
_struct_ref_seq.db_align_beg                  1 
_struct_ref_seq.pdbx_db_align_beg_ins_code    ? 
_struct_ref_seq.db_align_end                  842 
_struct_ref_seq.pdbx_db_align_end_ins_code    ? 
_struct_ref_seq.pdbx_auth_seq_align_beg       1 
_struct_ref_seq.pdbx_auth_seq_align_end       842 
# 
_pdbx_struct_assembly.id                   1 
_pdbx_struct_assembly.details              author_defined_assembly 
_pdbx_struct_assembly.method_details       ? 
_pdbx_struct_assembly.oligomeric_details   monomeric 
_pdbx_struct_assembly.oligomeric_count     1 
# 
_pdbx_struct_assembly_gen.assembly_id       1 
_pdbx_struct_assembly_gen.oper_expression   1 
_pdbx_struct_assembly_gen.asym_id_list      A 
# 
_pdbx_struct_oper_list.id                   1 
_pdbx_struct_oper_list.type                 'identity operation' 
_pdbx_struct_oper_list.name                 1_555 
_pdbx_struct_oper_list.symmetry_operation   x,y,z 
_pdbx_struct_oper_list.matrix[1][1]         1.0000000000 
_pdbx_struct_oper_list.matrix[1][2]         0.0000000000 
_pdbx_struct_oper_list.matrix[1][3]         0.0000000000 
_pdbx_struct_oper_list.vector[1]            0.0000000000 
_pdbx_struct_oper_list.matrix[2][1]         0.0000000000 
_pdbx_struct_oper_list.matrix[2][2]         1.0000000000 
_pdbx_struct_oper_list.matrix[2][3]         0.0000000000 
_pdbx_struct_oper_list.vector[2]            0.0000000000 
_pdbx_struct_oper_list.matrix[3][1]         0.0000000000 
_pdbx_struct_oper_list.matrix[3][2]         0.0000000000 
_pdbx_struct_oper_list.matrix[3][3]         1.0000000000 
_pdbx_struct_oper_list.vector[3]            0.0000000000 
# 
_em_3d_fitting.id                1 
_em_3d_fitting.entry_id          3DNY 
_em_3d_fitting.ref_protocol      'RIGID BODY FIT' 
_em_3d_fitting.ref_space         REAL 
_em_3d_fitting.overall_b_value   ? 
_em_3d_fitting.target_criteria   ? 
_em_3d_fitting.details           
;METHOD--Each domain fitted as rigid body, domains I (G and G), II,IV, and V 
were fitted. Domain III, and domain IV insertions were not included in this 
fitting model. The coordinates for this entry are based on manual fitting of 
the coordinates of the crystal structure 1N0U into cryo-EM density map. 
Therefore, authors did not deposit new structure factors.
;
_em_3d_fitting.method            ? 
# 
_em_3d_fitting_list.3d_fitting_id                 1 
_em_3d_fitting_list.id                            1 
_em_3d_fitting_list.pdb_entry_id                  1N0U 
_em_3d_fitting_list.pdb_chain_id                  ? 
_em_3d_fitting_list.details                       ? 
_em_3d_fitting_list.initial_refinement_model_id   1 
_em_3d_fitting_list.chain_id                      ? 
_em_3d_fitting_list.chain_residue_range           ? 
_em_3d_fitting_list.pdb_chain_residue_range       ? 
_em_3d_fitting_list.source_name                   PDB 
_em_3d_fitting_list.type                          'experimental model' 
_em_3d_fitting_list.accession_code                1N0U 
# 
_em_3d_reconstruction.entry_id                    3DNY 
_em_3d_reconstruction.id                          1 
_em_3d_reconstruction.symmetry_type               POINT 
_em_3d_reconstruction.image_processing_id         1 
_em_3d_reconstruction.method                      'Single particle 3D reconstruction' 
_em_3d_reconstruction.nominal_pixel_size          2.82 
_em_3d_reconstruction.actual_pixel_size           ? 
_em_3d_reconstruction.resolution                  12.6 
_em_3d_reconstruction.magnification_calibration   ? 
_em_3d_reconstruction.details                     'supervised classification was used (ref. Valle, M. et al, 2002, EMBO J.)' 
_em_3d_reconstruction.resolution_method           ? 
_em_3d_reconstruction.num_class_averages          ? 
_em_3d_reconstruction.num_particles               ? 
_em_3d_reconstruction.algorithm                   ? 
# 
_em_buffer.id            1 
_em_buffer.specimen_id   1 
_em_buffer.name          '20 mM Hepes-NH3, 100 mM KCl, 20 mM MgCl2' 
_em_buffer.pH            7.2 
_em_buffer.details       '20 mM Hepes-NH3, 100 mM KCl, 20 mM MgCl2' 
# 
_em_entity_assembly.id                   1 
_em_entity_assembly.name                 'eEF2-bound 80S complex in presence of AlF4-, and GDP' 
_em_entity_assembly.type                 RIBOSOME 
_em_entity_assembly.parent_id            0 
_em_entity_assembly.synonym              ? 
_em_entity_assembly.details              ? 
_em_entity_assembly.oligomeric_details   ? 
# 
_em_imaging.entry_id                        3DNY 
_em_imaging.id                              1 
_em_imaging.microscope_model                'FEI TECNAI F20' 
_em_imaging.mode                            'BRIGHT FIELD' 
_em_imaging.illumination_mode               'FLOOD BEAM' 
_em_imaging.electron_source                 'FIELD EMISSION GUN' 
_em_imaging.specimen_id                     1 
_em_imaging.date                            ? 
_em_imaging.temperature                     93 
_em_imaging.nominal_defocus_min             4500 
_em_imaging.nominal_defocus_max             1500 
_em_imaging.tilt_angle_min                  ? 
_em_imaging.tilt_angle_max                  ? 
_em_imaging.nominal_cs                      ? 
_em_imaging.nominal_magnification           50000 
_em_imaging.calibrated_magnification        49650 
_em_imaging.accelerating_voltage            200 
_em_imaging.details                         ? 
_em_imaging.specimen_holder_type            ? 
_em_imaging.specimen_holder_model           ? 
_em_imaging.citation_id                     ? 
_em_imaging.detector_distance               ? 
_em_imaging.recording_temperature_maximum   ? 
_em_imaging.recording_temperature_minimum   ? 
_em_imaging.astigmatism                     ? 
_em_imaging.electron_beam_tilt_params       ? 
# 
_em_vitrification.entry_id              3DNY 
_em_vitrification.id                    1 
_em_vitrification.instrument            'FEI VITROBOT MARK I' 
_em_vitrification.cryogen_name          ETHANE 
_em_vitrification.specimen_id           1 
_em_vitrification.humidity              ? 
_em_vitrification.chamber_temperature   ? 
_em_vitrification.details               ? 
_em_vitrification.citation_id           ? 
_em_vitrification.method                ? 
_em_vitrification.temp                  ? 
_em_vitrification.time_resolved_state   ? 
# 
_em_experiment.entry_id                3DNY 
_em_experiment.id                      1 
_em_experiment.reconstruction_method   'SINGLE PARTICLE' 
_em_experiment.aggregation_state       PARTICLE 
_em_experiment.entity_assembly_id      1 
# 
_em_single_particle_entity.entry_id              3DNY 
_em_single_particle_entity.id                    1 
_em_single_particle_entity.point_symmetry        C1 
_em_single_particle_entity.image_processing_id   1 
# 
loop_
_pdbx_unobs_or_zero_occ_residues.id 
_pdbx_unobs_or_zero_occ_residues.PDB_model_num 
_pdbx_unobs_or_zero_occ_residues.polymer_flag 
_pdbx_unobs_or_zero_occ_residues.occupancy_flag 
_pdbx_unobs_or_zero_occ_residues.auth_asym_id 
_pdbx_unobs_or_zero_occ_residues.auth_comp_id 
_pdbx_unobs_or_zero_occ_residues.auth_seq_id 
_pdbx_unobs_or_zero_occ_residues.PDB_ins_code 
_pdbx_unobs_or_zero_occ_residues.label_asym_id 
_pdbx_unobs_or_zero_occ_residues.label_comp_id 
_pdbx_unobs_or_zero_occ_residues.label_seq_id 
1   1 Y 1 T MET 1   ? A MET 1   
2   1 Y 1 T VAL 2   ? A VAL 2   
3   1 Y 1 T ALA 49  ? A ALA 49  
4   1 Y 1 T LYS 50  ? A LYS 50  
5   1 Y 1 T ALA 51  ? A ALA 51  
6   1 Y 1 T GLY 52  ? A GLY 52  
7   1 Y 1 T GLU 53  ? A GLU 53  
8   1 Y 1 T ALA 54  ? A ALA 54  
9   1 Y 1 T ARG 55  ? A ARG 55  
10  1 Y 1 T PHE 56  ? A PHE 56  
11  1 Y 1 T THR 57  ? A THR 57  
12  1 Y 1 T ASP 58  ? A ASP 58  
13  1 Y 1 T THR 59  ? A THR 59  
14  1 Y 1 T ARG 60  ? A ARG 60  
15  1 Y 1 T LYS 61  ? A LYS 61  
16  1 Y 1 T ASP 62  ? A ASP 62  
17  1 Y 1 T GLU 63  ? A GLU 63  
18  1 Y 1 T GLN 64  ? A GLN 64  
19  1 Y 1 T GLU 65  ? A GLU 65  
20  1 Y 1 T ARG 66  ? A ARG 66  
21  1 Y 1 T MET 481 ? A MET 481 
22  1 Y 1 T LYS 482 ? A LYS 482 
23  1 Y 1 T PHE 483 ? A PHE 483 
24  1 Y 1 T SER 484 ? A SER 484 
25  1 Y 1 T VAL 485 ? A VAL 485 
26  1 Y 1 T SER 486 ? A SER 486 
27  1 Y 1 T PRO 487 ? A PRO 487 
28  1 Y 1 T VAL 488 ? A VAL 488 
29  1 Y 1 T VAL 489 ? A VAL 489 
30  1 Y 1 T GLN 490 ? A GLN 490 
31  1 Y 1 T VAL 491 ? A VAL 491 
32  1 Y 1 T ALA 492 ? A ALA 492 
33  1 Y 1 T VAL 493 ? A VAL 493 
34  1 Y 1 T GLU 494 ? A GLU 494 
35  1 Y 1 T VAL 495 ? A VAL 495 
36  1 Y 1 T LYS 496 ? A LYS 496 
37  1 Y 1 T ASN 497 ? A ASN 497 
38  1 Y 1 T ALA 498 ? A ALA 498 
39  1 Y 1 T ASN 499 ? A ASN 499 
40  1 Y 1 T ASP 500 ? A ASP 500 
41  1 Y 1 T LEU 501 ? A LEU 501 
42  1 Y 1 T PRO 502 ? A PRO 502 
43  1 Y 1 T LYS 503 ? A LYS 503 
44  1 Y 1 T LEU 504 ? A LEU 504 
45  1 Y 1 T VAL 505 ? A VAL 505 
46  1 Y 1 T GLU 506 ? A GLU 506 
47  1 Y 1 T GLY 507 ? A GLY 507 
48  1 Y 1 T LEU 508 ? A LEU 508 
49  1 Y 1 T LYS 509 ? A LYS 509 
50  1 Y 1 T ARG 510 ? A ARG 510 
51  1 Y 1 T LEU 511 ? A LEU 511 
52  1 Y 1 T SER 512 ? A SER 512 
53  1 Y 1 T LYS 513 ? A LYS 513 
54  1 Y 1 T SER 514 ? A SER 514 
55  1 Y 1 T ASP 515 ? A ASP 515 
56  1 Y 1 T PRO 516 ? A PRO 516 
57  1 Y 1 T CYS 517 ? A CYS 517 
58  1 Y 1 T VAL 518 ? A VAL 518 
59  1 Y 1 T LEU 519 ? A LEU 519 
60  1 Y 1 T THR 520 ? A THR 520 
61  1 Y 1 T TYR 521 ? A TYR 521 
62  1 Y 1 T MET 522 ? A MET 522 
63  1 Y 1 T SER 523 ? A SER 523 
64  1 Y 1 T GLU 524 ? A GLU 524 
65  1 Y 1 T SER 525 ? A SER 525 
66  1 Y 1 T GLY 526 ? A GLY 526 
67  1 Y 1 T GLU 527 ? A GLU 527 
68  1 Y 1 T HIS 528 ? A HIS 528 
69  1 Y 1 T ILE 529 ? A ILE 529 
70  1 Y 1 T VAL 530 ? A VAL 530 
71  1 Y 1 T ALA 531 ? A ALA 531 
72  1 Y 1 T GLY 532 ? A GLY 532 
73  1 Y 1 T THR 533 ? A THR 533 
74  1 Y 1 T GLY 534 ? A GLY 534 
75  1 Y 1 T GLU 535 ? A GLU 535 
76  1 Y 1 T LEU 536 ? A LEU 536 
77  1 Y 1 T HIS 537 ? A HIS 537 
78  1 Y 1 T LEU 538 ? A LEU 538 
79  1 Y 1 T GLU 539 ? A GLU 539 
80  1 Y 1 T ILE 540 ? A ILE 540 
81  1 Y 1 T CYS 541 ? A CYS 541 
82  1 Y 1 T LEU 542 ? A LEU 542 
83  1 Y 1 T GLN 543 ? A GLN 543 
84  1 Y 1 T ASP 544 ? A ASP 544 
85  1 Y 1 T LEU 545 ? A LEU 545 
86  1 Y 1 T GLU 546 ? A GLU 546 
87  1 Y 1 T HIS 547 ? A HIS 547 
88  1 Y 1 T ASP 548 ? A ASP 548 
89  1 Y 1 T HIS 549 ? A HIS 549 
90  1 Y 1 T ALA 550 ? A ALA 550 
91  1 Y 1 T GLY 551 ? A GLY 551 
92  1 Y 1 T VAL 552 ? A VAL 552 
93  1 Y 1 T PRO 553 ? A PRO 553 
94  1 Y 1 T LEU 554 ? A LEU 554 
95  1 Y 1 T LYS 555 ? A LYS 555 
96  1 Y 1 T ILE 556 ? A ILE 556 
97  1 Y 1 T SER 557 ? A SER 557 
98  1 Y 1 T PRO 558 ? A PRO 558 
99  1 Y 1 T PRO 559 ? A PRO 559 
100 1 Y 1 T GLU 596 ? A GLU 596 
101 1 Y 1 T VAL 597 ? A VAL 597 
102 1 Y 1 T SER 598 ? A SER 598 
103 1 Y 1 T LEU 599 ? A LEU 599 
104 1 Y 1 T ALA 600 ? A ALA 600 
105 1 Y 1 T ILE 601 ? A ILE 601 
106 1 Y 1 T GLU 602 ? A GLU 602 
107 1 Y 1 T ASN 603 ? A ASN 603 
108 1 Y 1 T GLY 604 ? A GLY 604 
109 1 Y 1 T ILE 605 ? A ILE 605 
110 1 Y 1 T ILE 606 ? A ILE 606 
111 1 Y 1 T ASN 607 ? A ASN 607 
112 1 Y 1 T PRO 608 ? A PRO 608 
113 1 Y 1 T ARG 609 ? A ARG 609 
114 1 Y 1 T ASP 610 ? A ASP 610 
115 1 Y 1 T ASP 611 ? A ASP 611 
116 1 Y 1 T PHE 612 ? A PHE 612 
117 1 Y 1 T LYS 613 ? A LYS 613 
118 1 Y 1 T ALA 614 ? A ALA 614 
119 1 Y 1 T ARG 615 ? A ARG 615 
120 1 Y 1 T ALA 616 ? A ALA 616 
121 1 Y 1 T ARG 617 ? A ARG 617 
122 1 Y 1 T ILE 618 ? A ILE 618 
123 1 Y 1 T MET 619 ? A MET 619 
124 1 Y 1 T ALA 620 ? A ALA 620 
125 1 Y 1 T ASP 621 ? A ASP 621 
126 1 Y 1 T ASP 622 ? A ASP 622 
127 1 Y 1 T TYR 623 ? A TYR 623 
128 1 Y 1 T GLY 624 ? A GLY 624 
129 1 Y 1 T TRP 625 ? A TRP 625 
130 1 Y 1 T ASP 626 ? A ASP 626 
131 1 Y 1 T VAL 627 ? A VAL 627 
132 1 Y 1 T THR 628 ? A THR 628 
133 1 Y 1 T ASP 629 ? A ASP 629 
134 1 Y 1 T ALA 630 ? A ALA 630 
135 1 Y 1 T ARG 631 ? A ARG 631 
136 1 Y 1 T LYS 632 ? A LYS 632 
137 1 Y 1 T ILE 633 ? A ILE 633 
138 1 Y 1 T TRP 634 ? A TRP 634 
139 1 Y 1 T CYS 635 ? A CYS 635 
140 1 Y 1 T PHE 636 ? A PHE 636 
141 1 Y 1 T GLY 637 ? A GLY 637 
142 1 Y 1 T PRO 638 ? A PRO 638 
143 1 Y 1 T ASP 639 ? A ASP 639 
144 1 Y 1 T ARG 760 ? A ARG 760 
145 1 Y 1 T PRO 761 ? A PRO 761 
146 1 Y 1 T GLY 762 ? A GLY 762 
147 1 Y 1 T TRP 801 ? A TRP 801 
148 1 Y 1 T SER 802 ? A SER 802 
149 1 Y 1 T THR 803 ? A THR 803 
150 1 Y 1 T LEU 804 ? A LEU 804 
151 1 Y 1 T GLY 805 ? A GLY 805 
152 1 Y 1 T SER 806 ? A SER 806 
153 1 Y 1 T ASP 807 ? A ASP 807 
154 1 Y 1 T PRO 808 ? A PRO 808 
155 1 Y 1 T LEU 809 ? A LEU 809 
156 1 Y 1 T ASP 810 ? A ASP 810 
157 1 Y 1 T PRO 811 ? A PRO 811 
158 1 Y 1 T THR 812 ? A THR 812 
159 1 Y 1 T SER 813 ? A SER 813 
160 1 Y 1 T LYS 814 ? A LYS 814 
161 1 Y 1 T ALA 815 ? A ALA 815 
162 1 Y 1 T GLY 816 ? A GLY 816 
163 1 Y 1 T GLU 817 ? A GLU 817 
164 1 Y 1 T ILE 818 ? A ILE 818 
165 1 Y 1 T VAL 819 ? A VAL 819 
166 1 Y 1 T LEU 820 ? A LEU 820 
167 1 Y 1 T ALA 821 ? A ALA 821 
168 1 Y 1 T ALA 822 ? A ALA 822 
169 1 Y 1 T ARG 823 ? A ARG 823 
170 1 Y 1 T LYS 824 ? A LYS 824 
171 1 Y 1 T ARG 825 ? A ARG 825 
172 1 Y 1 T HIS 826 ? A HIS 826 
173 1 Y 1 T GLY 827 ? A GLY 827 
174 1 Y 1 T MET 828 ? A MET 828 
175 1 Y 1 T LYS 829 ? A LYS 829 
176 1 Y 1 T GLU 830 ? A GLU 830 
177 1 Y 1 T GLU 831 ? A GLU 831 
178 1 Y 1 T VAL 832 ? A VAL 832 
179 1 Y 1 T PRO 833 ? A PRO 833 
180 1 Y 1 T GLY 834 ? A GLY 834 
181 1 Y 1 T TRP 835 ? A TRP 835 
182 1 Y 1 T GLN 836 ? A GLN 836 
183 1 Y 1 T GLU 837 ? A GLU 837 
184 1 Y 1 T TYR 838 ? A TYR 838 
185 1 Y 1 T TYR 839 ? A TYR 839 
186 1 Y 1 T ASP 840 ? A ASP 840 
187 1 Y 1 T LYS 841 ? A LYS 841 
188 1 Y 1 T LEU 842 ? A LEU 842 
# 
loop_
_chem_comp_atom.comp_id 
_chem_comp_atom.atom_id 
_chem_comp_atom.type_symbol 
_chem_comp_atom.pdbx_aromatic_flag 
_chem_comp_atom.pdbx_stereo_config 
_chem_comp_atom.pdbx_ordinal 
ALA N    N N N 1   
ALA CA   C N S 2   
ALA C    C N N 3   
ALA O    O N N 4   
ALA CB   C N N 5   
ALA OXT  O N N 6   
ALA H    H N N 7   
ALA H2   H N N 8   
ALA HA   H N N 9   
ALA HB1  H N N 10  
ALA HB2  H N N 11  
ALA HB3  H N N 12  
ALA HXT  H N N 13  
ARG N    N N N 14  
ARG CA   C N S 15  
ARG C    C N N 16  
ARG O    O N N 17  
ARG CB   C N N 18  
ARG CG   C N N 19  
ARG CD   C N N 20  
ARG NE   N N N 21  
ARG CZ   C N N 22  
ARG NH1  N N N 23  
ARG NH2  N N N 24  
ARG OXT  O N N 25  
ARG H    H N N 26  
ARG H2   H N N 27  
ARG HA   H N N 28  
ARG HB2  H N N 29  
ARG HB3  H N N 30  
ARG HG2  H N N 31  
ARG HG3  H N N 32  
ARG HD2  H N N 33  
ARG HD3  H N N 34  
ARG HE   H N N 35  
ARG HH11 H N N 36  
ARG HH12 H N N 37  
ARG HH21 H N N 38  
ARG HH22 H N N 39  
ARG HXT  H N N 40  
ASN N    N N N 41  
ASN CA   C N S 42  
ASN C    C N N 43  
ASN O    O N N 44  
ASN CB   C N N 45  
ASN CG   C N N 46  
ASN OD1  O N N 47  
ASN ND2  N N N 48  
ASN OXT  O N N 49  
ASN H    H N N 50  
ASN H2   H N N 51  
ASN HA   H N N 52  
ASN HB2  H N N 53  
ASN HB3  H N N 54  
ASN HD21 H N N 55  
ASN HD22 H N N 56  
ASN HXT  H N N 57  
ASP N    N N N 58  
ASP CA   C N S 59  
ASP C    C N N 60  
ASP O    O N N 61  
ASP CB   C N N 62  
ASP CG   C N N 63  
ASP OD1  O N N 64  
ASP OD2  O N N 65  
ASP OXT  O N N 66  
ASP H    H N N 67  
ASP H2   H N N 68  
ASP HA   H N N 69  
ASP HB2  H N N 70  
ASP HB3  H N N 71  
ASP HD2  H N N 72  
ASP HXT  H N N 73  
CYS N    N N N 74  
CYS CA   C N R 75  
CYS C    C N N 76  
CYS O    O N N 77  
CYS CB   C N N 78  
CYS SG   S N N 79  
CYS OXT  O N N 80  
CYS H    H N N 81  
CYS H2   H N N 82  
CYS HA   H N N 83  
CYS HB2  H N N 84  
CYS HB3  H N N 85  
CYS HG   H N N 86  
CYS HXT  H N N 87  
GLN N    N N N 88  
GLN CA   C N S 89  
GLN C    C N N 90  
GLN O    O N N 91  
GLN CB   C N N 92  
GLN CG   C N N 93  
GLN CD   C N N 94  
GLN OE1  O N N 95  
GLN NE2  N N N 96  
GLN OXT  O N N 97  
GLN H    H N N 98  
GLN H2   H N N 99  
GLN HA   H N N 100 
GLN HB2  H N N 101 
GLN HB3  H N N 102 
GLN HG2  H N N 103 
GLN HG3  H N N 104 
GLN HE21 H N N 105 
GLN HE22 H N N 106 
GLN HXT  H N N 107 
GLU N    N N N 108 
GLU CA   C N S 109 
GLU C    C N N 110 
GLU O    O N N 111 
GLU CB   C N N 112 
GLU CG   C N N 113 
GLU CD   C N N 114 
GLU OE1  O N N 115 
GLU OE2  O N N 116 
GLU OXT  O N N 117 
GLU H    H N N 118 
GLU H2   H N N 119 
GLU HA   H N N 120 
GLU HB2  H N N 121 
GLU HB3  H N N 122 
GLU HG2  H N N 123 
GLU HG3  H N N 124 
GLU HE2  H N N 125 
GLU HXT  H N N 126 
GLY N    N N N 127 
GLY CA   C N N 128 
GLY C    C N N 129 
GLY O    O N N 130 
GLY OXT  O N N 131 
GLY H    H N N 132 
GLY H2   H N N 133 
GLY HA2  H N N 134 
GLY HA3  H N N 135 
GLY HXT  H N N 136 
HIS N    N N N 137 
HIS CA   C N S 138 
HIS C    C N N 139 
HIS O    O N N 140 
HIS CB   C N N 141 
HIS CG   C Y N 142 
HIS ND1  N Y N 143 
HIS CD2  C Y N 144 
HIS CE1  C Y N 145 
HIS NE2  N Y N 146 
HIS OXT  O N N 147 
HIS H    H N N 148 
HIS H2   H N N 149 
HIS HA   H N N 150 
HIS HB2  H N N 151 
HIS HB3  H N N 152 
HIS HD1  H N N 153 
HIS HD2  H N N 154 
HIS HE1  H N N 155 
HIS HE2  H N N 156 
HIS HXT  H N N 157 
ILE N    N N N 158 
ILE CA   C N S 159 
ILE C    C N N 160 
ILE O    O N N 161 
ILE CB   C N S 162 
ILE CG1  C N N 163 
ILE CG2  C N N 164 
ILE CD1  C N N 165 
ILE OXT  O N N 166 
ILE H    H N N 167 
ILE H2   H N N 168 
ILE HA   H N N 169 
ILE HB   H N N 170 
ILE HG12 H N N 171 
ILE HG13 H N N 172 
ILE HG21 H N N 173 
ILE HG22 H N N 174 
ILE HG23 H N N 175 
ILE HD11 H N N 176 
ILE HD12 H N N 177 
ILE HD13 H N N 178 
ILE HXT  H N N 179 
LEU N    N N N 180 
LEU CA   C N S 181 
LEU C    C N N 182 
LEU O    O N N 183 
LEU CB   C N N 184 
LEU CG   C N N 185 
LEU CD1  C N N 186 
LEU CD2  C N N 187 
LEU OXT  O N N 188 
LEU H    H N N 189 
LEU H2   H N N 190 
LEU HA   H N N 191 
LEU HB2  H N N 192 
LEU HB3  H N N 193 
LEU HG   H N N 194 
LEU HD11 H N N 195 
LEU HD12 H N N 196 
LEU HD13 H N N 197 
LEU HD21 H N N 198 
LEU HD22 H N N 199 
LEU HD23 H N N 200 
LEU HXT  H N N 201 
LYS N    N N N 202 
LYS CA   C N S 203 
LYS C    C N N 204 
LYS O    O N N 205 
LYS CB   C N N 206 
LYS CG   C N N 207 
LYS CD   C N N 208 
LYS CE   C N N 209 
LYS NZ   N N N 210 
LYS OXT  O N N 211 
LYS H    H N N 212 
LYS H2   H N N 213 
LYS HA   H N N 214 
LYS HB2  H N N 215 
LYS HB3  H N N 216 
LYS HG2  H N N 217 
LYS HG3  H N N 218 
LYS HD2  H N N 219 
LYS HD3  H N N 220 
LYS HE2  H N N 221 
LYS HE3  H N N 222 
LYS HZ1  H N N 223 
LYS HZ2  H N N 224 
LYS HZ3  H N N 225 
LYS HXT  H N N 226 
MET N    N N N 227 
MET CA   C N S 228 
MET C    C N N 229 
MET O    O N N 230 
MET CB   C N N 231 
MET CG   C N N 232 
MET SD   S N N 233 
MET CE   C N N 234 
MET OXT  O N N 235 
MET H    H N N 236 
MET H2   H N N 237 
MET HA   H N N 238 
MET HB2  H N N 239 
MET HB3  H N N 240 
MET HG2  H N N 241 
MET HG3  H N N 242 
MET HE1  H N N 243 
MET HE2  H N N 244 
MET HE3  H N N 245 
MET HXT  H N N 246 
PHE N    N N N 247 
PHE CA   C N S 248 
PHE C    C N N 249 
PHE O    O N N 250 
PHE CB   C N N 251 
PHE CG   C Y N 252 
PHE CD1  C Y N 253 
PHE CD2  C Y N 254 
PHE CE1  C Y N 255 
PHE CE2  C Y N 256 
PHE CZ   C Y N 257 
PHE OXT  O N N 258 
PHE H    H N N 259 
PHE H2   H N N 260 
PHE HA   H N N 261 
PHE HB2  H N N 262 
PHE HB3  H N N 263 
PHE HD1  H N N 264 
PHE HD2  H N N 265 
PHE HE1  H N N 266 
PHE HE2  H N N 267 
PHE HZ   H N N 268 
PHE HXT  H N N 269 
PRO N    N N N 270 
PRO CA   C N S 271 
PRO C    C N N 272 
PRO O    O N N 273 
PRO CB   C N N 274 
PRO CG   C N N 275 
PRO CD   C N N 276 
PRO OXT  O N N 277 
PRO H    H N N 278 
PRO HA   H N N 279 
PRO HB2  H N N 280 
PRO HB3  H N N 281 
PRO HG2  H N N 282 
PRO HG3  H N N 283 
PRO HD2  H N N 284 
PRO HD3  H N N 285 
PRO HXT  H N N 286 
SER N    N N N 287 
SER CA   C N S 288 
SER C    C N N 289 
SER O    O N N 290 
SER CB   C N N 291 
SER OG   O N N 292 
SER OXT  O N N 293 
SER H    H N N 294 
SER H2   H N N 295 
SER HA   H N N 296 
SER HB2  H N N 297 
SER HB3  H N N 298 
SER HG   H N N 299 
SER HXT  H N N 300 
THR N    N N N 301 
THR CA   C N S 302 
THR C    C N N 303 
THR O    O N N 304 
THR CB   C N R 305 
THR OG1  O N N 306 
THR CG2  C N N 307 
THR OXT  O N N 308 
THR H    H N N 309 
THR H2   H N N 310 
THR HA   H N N 311 
THR HB   H N N 312 
THR HG1  H N N 313 
THR HG21 H N N 314 
THR HG22 H N N 315 
THR HG23 H N N 316 
THR HXT  H N N 317 
TRP N    N N N 318 
TRP CA   C N S 319 
TRP C    C N N 320 
TRP O    O N N 321 
TRP CB   C N N 322 
TRP CG   C Y N 323 
TRP CD1  C Y N 324 
TRP CD2  C Y N 325 
TRP NE1  N Y N 326 
TRP CE2  C Y N 327 
TRP CE3  C Y N 328 
TRP CZ2  C Y N 329 
TRP CZ3  C Y N 330 
TRP CH2  C Y N 331 
TRP OXT  O N N 332 
TRP H    H N N 333 
TRP H2   H N N 334 
TRP HA   H N N 335 
TRP HB2  H N N 336 
TRP HB3  H N N 337 
TRP HD1  H N N 338 
TRP HE1  H N N 339 
TRP HE3  H N N 340 
TRP HZ2  H N N 341 
TRP HZ3  H N N 342 
TRP HH2  H N N 343 
TRP HXT  H N N 344 
TYR N    N N N 345 
TYR CA   C N S 346 
TYR C    C N N 347 
TYR O    O N N 348 
TYR CB   C N N 349 
TYR CG   C Y N 350 
TYR CD1  C Y N 351 
TYR CD2  C Y N 352 
TYR CE1  C Y N 353 
TYR CE2  C Y N 354 
TYR CZ   C Y N 355 
TYR OH   O N N 356 
TYR OXT  O N N 357 
TYR H    H N N 358 
TYR H2   H N N 359 
TYR HA   H N N 360 
TYR HB2  H N N 361 
TYR HB3  H N N 362 
TYR HD1  H N N 363 
TYR HD2  H N N 364 
TYR HE1  H N N 365 
TYR HE2  H N N 366 
TYR HH   H N N 367 
TYR HXT  H N N 368 
VAL N    N N N 369 
VAL CA   C N S 370 
VAL C    C N N 371 
VAL O    O N N 372 
VAL CB   C N N 373 
VAL CG1  C N N 374 
VAL CG2  C N N 375 
VAL OXT  O N N 376 
VAL H    H N N 377 
VAL H2   H N N 378 
VAL HA   H N N 379 
VAL HB   H N N 380 
VAL HG11 H N N 381 
VAL HG12 H N N 382 
VAL HG13 H N N 383 
VAL HG21 H N N 384 
VAL HG22 H N N 385 
VAL HG23 H N N 386 
VAL HXT  H N N 387 
# 
loop_
_chem_comp_bond.comp_id 
_chem_comp_bond.atom_id_1 
_chem_comp_bond.atom_id_2 
_chem_comp_bond.value_order 
_chem_comp_bond.pdbx_aromatic_flag 
_chem_comp_bond.pdbx_stereo_config 
_chem_comp_bond.pdbx_ordinal 
ALA N   CA   sing N N 1   
ALA N   H    sing N N 2   
ALA N   H2   sing N N 3   
ALA CA  C    sing N N 4   
ALA CA  CB   sing N N 5   
ALA CA  HA   sing N N 6   
ALA C   O    doub N N 7   
ALA C   OXT  sing N N 8   
ALA CB  HB1  sing N N 9   
ALA CB  HB2  sing N N 10  
ALA CB  HB3  sing N N 11  
ALA OXT HXT  sing N N 12  
ARG N   CA   sing N N 13  
ARG N   H    sing N N 14  
ARG N   H2   sing N N 15  
ARG CA  C    sing N N 16  
ARG CA  CB   sing N N 17  
ARG CA  HA   sing N N 18  
ARG C   O    doub N N 19  
ARG C   OXT  sing N N 20  
ARG CB  CG   sing N N 21  
ARG CB  HB2  sing N N 22  
ARG CB  HB3  sing N N 23  
ARG CG  CD   sing N N 24  
ARG CG  HG2  sing N N 25  
ARG CG  HG3  sing N N 26  
ARG CD  NE   sing N N 27  
ARG CD  HD2  sing N N 28  
ARG CD  HD3  sing N N 29  
ARG NE  CZ   sing N N 30  
ARG NE  HE   sing N N 31  
ARG CZ  NH1  sing N N 32  
ARG CZ  NH2  doub N N 33  
ARG NH1 HH11 sing N N 34  
ARG NH1 HH12 sing N N 35  
ARG NH2 HH21 sing N N 36  
ARG NH2 HH22 sing N N 37  
ARG OXT HXT  sing N N 38  
ASN N   CA   sing N N 39  
ASN N   H    sing N N 40  
ASN N   H2   sing N N 41  
ASN CA  C    sing N N 42  
ASN CA  CB   sing N N 43  
ASN CA  HA   sing N N 44  
ASN C   O    doub N N 45  
ASN C   OXT  sing N N 46  
ASN CB  CG   sing N N 47  
ASN CB  HB2  sing N N 48  
ASN CB  HB3  sing N N 49  
ASN CG  OD1  doub N N 50  
ASN CG  ND2  sing N N 51  
ASN ND2 HD21 sing N N 52  
ASN ND2 HD22 sing N N 53  
ASN OXT HXT  sing N N 54  
ASP N   CA   sing N N 55  
ASP N   H    sing N N 56  
ASP N   H2   sing N N 57  
ASP CA  C    sing N N 58  
ASP CA  CB   sing N N 59  
ASP CA  HA   sing N N 60  
ASP C   O    doub N N 61  
ASP C   OXT  sing N N 62  
ASP CB  CG   sing N N 63  
ASP CB  HB2  sing N N 64  
ASP CB  HB3  sing N N 65  
ASP CG  OD1  doub N N 66  
ASP CG  OD2  sing N N 67  
ASP OD2 HD2  sing N N 68  
ASP OXT HXT  sing N N 69  
CYS N   CA   sing N N 70  
CYS N   H    sing N N 71  
CYS N   H2   sing N N 72  
CYS CA  C    sing N N 73  
CYS CA  CB   sing N N 74  
CYS CA  HA   sing N N 75  
CYS C   O    doub N N 76  
CYS C   OXT  sing N N 77  
CYS CB  SG   sing N N 78  
CYS CB  HB2  sing N N 79  
CYS CB  HB3  sing N N 80  
CYS SG  HG   sing N N 81  
CYS OXT HXT  sing N N 82  
GLN N   CA   sing N N 83  
GLN N   H    sing N N 84  
GLN N   H2   sing N N 85  
GLN CA  C    sing N N 86  
GLN CA  CB   sing N N 87  
GLN CA  HA   sing N N 88  
GLN C   O    doub N N 89  
GLN C   OXT  sing N N 90  
GLN CB  CG   sing N N 91  
GLN CB  HB2  sing N N 92  
GLN CB  HB3  sing N N 93  
GLN CG  CD   sing N N 94  
GLN CG  HG2  sing N N 95  
GLN CG  HG3  sing N N 96  
GLN CD  OE1  doub N N 97  
GLN CD  NE2  sing N N 98  
GLN NE2 HE21 sing N N 99  
GLN NE2 HE22 sing N N 100 
GLN OXT HXT  sing N N 101 
GLU N   CA   sing N N 102 
GLU N   H    sing N N 103 
GLU N   H2   sing N N 104 
GLU CA  C    sing N N 105 
GLU CA  CB   sing N N 106 
GLU CA  HA   sing N N 107 
GLU C   O    doub N N 108 
GLU C   OXT  sing N N 109 
GLU CB  CG   sing N N 110 
GLU CB  HB2  sing N N 111 
GLU CB  HB3  sing N N 112 
GLU CG  CD   sing N N 113 
GLU CG  HG2  sing N N 114 
GLU CG  HG3  sing N N 115 
GLU CD  OE1  doub N N 116 
GLU CD  OE2  sing N N 117 
GLU OE2 HE2  sing N N 118 
GLU OXT HXT  sing N N 119 
GLY N   CA   sing N N 120 
GLY N   H    sing N N 121 
GLY N   H2   sing N N 122 
GLY CA  C    sing N N 123 
GLY CA  HA2  sing N N 124 
GLY CA  HA3  sing N N 125 
GLY C   O    doub N N 126 
GLY C   OXT  sing N N 127 
GLY OXT HXT  sing N N 128 
HIS N   CA   sing N N 129 
HIS N   H    sing N N 130 
HIS N   H2   sing N N 131 
HIS CA  C    sing N N 132 
HIS CA  CB   sing N N 133 
HIS CA  HA   sing N N 134 
HIS C   O    doub N N 135 
HIS C   OXT  sing N N 136 
HIS CB  CG   sing N N 137 
HIS CB  HB2  sing N N 138 
HIS CB  HB3  sing N N 139 
HIS CG  ND1  sing Y N 140 
HIS CG  CD2  doub Y N 141 
HIS ND1 CE1  doub Y N 142 
HIS ND1 HD1  sing N N 143 
HIS CD2 NE2  sing Y N 144 
HIS CD2 HD2  sing N N 145 
HIS CE1 NE2  sing Y N 146 
HIS CE1 HE1  sing N N 147 
HIS NE2 HE2  sing N N 148 
HIS OXT HXT  sing N N 149 
ILE N   CA   sing N N 150 
ILE N   H    sing N N 151 
ILE N   H2   sing N N 152 
ILE CA  C    sing N N 153 
ILE CA  CB   sing N N 154 
ILE CA  HA   sing N N 155 
ILE C   O    doub N N 156 
ILE C   OXT  sing N N 157 
ILE CB  CG1  sing N N 158 
ILE CB  CG2  sing N N 159 
ILE CB  HB   sing N N 160 
ILE CG1 CD1  sing N N 161 
ILE CG1 HG12 sing N N 162 
ILE CG1 HG13 sing N N 163 
ILE CG2 HG21 sing N N 164 
ILE CG2 HG22 sing N N 165 
ILE CG2 HG23 sing N N 166 
ILE CD1 HD11 sing N N 167 
ILE CD1 HD12 sing N N 168 
ILE CD1 HD13 sing N N 169 
ILE OXT HXT  sing N N 170 
LEU N   CA   sing N N 171 
LEU N   H    sing N N 172 
LEU N   H2   sing N N 173 
LEU CA  C    sing N N 174 
LEU CA  CB   sing N N 175 
LEU CA  HA   sing N N 176 
LEU C   O    doub N N 177 
LEU C   OXT  sing N N 178 
LEU CB  CG   sing N N 179 
LEU CB  HB2  sing N N 180 
LEU CB  HB3  sing N N 181 
LEU CG  CD1  sing N N 182 
LEU CG  CD2  sing N N 183 
LEU CG  HG   sing N N 184 
LEU CD1 HD11 sing N N 185 
LEU CD1 HD12 sing N N 186 
LEU CD1 HD13 sing N N 187 
LEU CD2 HD21 sing N N 188 
LEU CD2 HD22 sing N N 189 
LEU CD2 HD23 sing N N 190 
LEU OXT HXT  sing N N 191 
LYS N   CA   sing N N 192 
LYS N   H    sing N N 193 
LYS N   H2   sing N N 194 
LYS CA  C    sing N N 195 
LYS CA  CB   sing N N 196 
LYS CA  HA   sing N N 197 
LYS C   O    doub N N 198 
LYS C   OXT  sing N N 199 
LYS CB  CG   sing N N 200 
LYS CB  HB2  sing N N 201 
LYS CB  HB3  sing N N 202 
LYS CG  CD   sing N N 203 
LYS CG  HG2  sing N N 204 
LYS CG  HG3  sing N N 205 
LYS CD  CE   sing N N 206 
LYS CD  HD2  sing N N 207 
LYS CD  HD3  sing N N 208 
LYS CE  NZ   sing N N 209 
LYS CE  HE2  sing N N 210 
LYS CE  HE3  sing N N 211 
LYS NZ  HZ1  sing N N 212 
LYS NZ  HZ2  sing N N 213 
LYS NZ  HZ3  sing N N 214 
LYS OXT HXT  sing N N 215 
MET N   CA   sing N N 216 
MET N   H    sing N N 217 
MET N   H2   sing N N 218 
MET CA  C    sing N N 219 
MET CA  CB   sing N N 220 
MET CA  HA   sing N N 221 
MET C   O    doub N N 222 
MET C   OXT  sing N N 223 
MET CB  CG   sing N N 224 
MET CB  HB2  sing N N 225 
MET CB  HB3  sing N N 226 
MET CG  SD   sing N N 227 
MET CG  HG2  sing N N 228 
MET CG  HG3  sing N N 229 
MET SD  CE   sing N N 230 
MET CE  HE1  sing N N 231 
MET CE  HE2  sing N N 232 
MET CE  HE3  sing N N 233 
MET OXT HXT  sing N N 234 
PHE N   CA   sing N N 235 
PHE N   H    sing N N 236 
PHE N   H2   sing N N 237 
PHE CA  C    sing N N 238 
PHE CA  CB   sing N N 239 
PHE CA  HA   sing N N 240 
PHE C   O    doub N N 241 
PHE C   OXT  sing N N 242 
PHE CB  CG   sing N N 243 
PHE CB  HB2  sing N N 244 
PHE CB  HB3  sing N N 245 
PHE CG  CD1  doub Y N 246 
PHE CG  CD2  sing Y N 247 
PHE CD1 CE1  sing Y N 248 
PHE CD1 HD1  sing N N 249 
PHE CD2 CE2  doub Y N 250 
PHE CD2 HD2  sing N N 251 
PHE CE1 CZ   doub Y N 252 
PHE CE1 HE1  sing N N 253 
PHE CE2 CZ   sing Y N 254 
PHE CE2 HE2  sing N N 255 
PHE CZ  HZ   sing N N 256 
PHE OXT HXT  sing N N 257 
PRO N   CA   sing N N 258 
PRO N   CD   sing N N 259 
PRO N   H    sing N N 260 
PRO CA  C    sing N N 261 
PRO CA  CB   sing N N 262 
PRO CA  HA   sing N N 263 
PRO C   O    doub N N 264 
PRO C   OXT  sing N N 265 
PRO CB  CG   sing N N 266 
PRO CB  HB2  sing N N 267 
PRO CB  HB3  sing N N 268 
PRO CG  CD   sing N N 269 
PRO CG  HG2  sing N N 270 
PRO CG  HG3  sing N N 271 
PRO CD  HD2  sing N N 272 
PRO CD  HD3  sing N N 273 
PRO OXT HXT  sing N N 274 
SER N   CA   sing N N 275 
SER N   H    sing N N 276 
SER N   H2   sing N N 277 
SER CA  C    sing N N 278 
SER CA  CB   sing N N 279 
SER CA  HA   sing N N 280 
SER C   O    doub N N 281 
SER C   OXT  sing N N 282 
SER CB  OG   sing N N 283 
SER CB  HB2  sing N N 284 
SER CB  HB3  sing N N 285 
SER OG  HG   sing N N 286 
SER OXT HXT  sing N N 287 
THR N   CA   sing N N 288 
THR N   H    sing N N 289 
THR N   H2   sing N N 290 
THR CA  C    sing N N 291 
THR CA  CB   sing N N 292 
THR CA  HA   sing N N 293 
THR C   O    doub N N 294 
THR C   OXT  sing N N 295 
THR CB  OG1  sing N N 296 
THR CB  CG2  sing N N 297 
THR CB  HB   sing N N 298 
THR OG1 HG1  sing N N 299 
THR CG2 HG21 sing N N 300 
THR CG2 HG22 sing N N 301 
THR CG2 HG23 sing N N 302 
THR OXT HXT  sing N N 303 
TRP N   CA   sing N N 304 
TRP N   H    sing N N 305 
TRP N   H2   sing N N 306 
TRP CA  C    sing N N 307 
TRP CA  CB   sing N N 308 
TRP CA  HA   sing N N 309 
TRP C   O    doub N N 310 
TRP C   OXT  sing N N 311 
TRP CB  CG   sing N N 312 
TRP CB  HB2  sing N N 313 
TRP CB  HB3  sing N N 314 
TRP CG  CD1  doub Y N 315 
TRP CG  CD2  sing Y N 316 
TRP CD1 NE1  sing Y N 317 
TRP CD1 HD1  sing N N 318 
TRP CD2 CE2  doub Y N 319 
TRP CD2 CE3  sing Y N 320 
TRP NE1 CE2  sing Y N 321 
TRP NE1 HE1  sing N N 322 
TRP CE2 CZ2  sing Y N 323 
TRP CE3 CZ3  doub Y N 324 
TRP CE3 HE3  sing N N 325 
TRP CZ2 CH2  doub Y N 326 
TRP CZ2 HZ2  sing N N 327 
TRP CZ3 CH2  sing Y N 328 
TRP CZ3 HZ3  sing N N 329 
TRP CH2 HH2  sing N N 330 
TRP OXT HXT  sing N N 331 
TYR N   CA   sing N N 332 
TYR N   H    sing N N 333 
TYR N   H2   sing N N 334 
TYR CA  C    sing N N 335 
TYR CA  CB   sing N N 336 
TYR CA  HA   sing N N 337 
TYR C   O    doub N N 338 
TYR C   OXT  sing N N 339 
TYR CB  CG   sing N N 340 
TYR CB  HB2  sing N N 341 
TYR CB  HB3  sing N N 342 
TYR CG  CD1  doub Y N 343 
TYR CG  CD2  sing Y N 344 
TYR CD1 CE1  sing Y N 345 
TYR CD1 HD1  sing N N 346 
TYR CD2 CE2  doub Y N 347 
TYR CD2 HD2  sing N N 348 
TYR CE1 CZ   doub Y N 349 
TYR CE1 HE1  sing N N 350 
TYR CE2 CZ   sing Y N 351 
TYR CE2 HE2  sing N N 352 
TYR CZ  OH   sing N N 353 
TYR OH  HH   sing N N 354 
TYR OXT HXT  sing N N 355 
VAL N   CA   sing N N 356 
VAL N   H    sing N N 357 
VAL N   H2   sing N N 358 
VAL CA  C    sing N N 359 
VAL CA  CB   sing N N 360 
VAL CA  HA   sing N N 361 
VAL C   O    doub N N 362 
VAL C   OXT  sing N N 363 
VAL CB  CG1  sing N N 364 
VAL CB  CG2  sing N N 365 
VAL CB  HB   sing N N 366 
VAL CG1 HG11 sing N N 367 
VAL CG1 HG12 sing N N 368 
VAL CG1 HG13 sing N N 369 
VAL CG2 HG21 sing N N 370 
VAL CG2 HG22 sing N N 371 
VAL CG2 HG23 sing N N 372 
VAL OXT HXT  sing N N 373 
# 
_em_ctf_correction.id        1 
_em_ctf_correction.details   'segregation in defocus groups and correction in volumes' 
_em_ctf_correction.type      . 
# 
_em_image_processing.id                   1 
_em_image_processing.image_recording_id   1 
_em_image_processing.details              ? 
# 
_em_image_recording.avg_electron_dose_per_image   10 
_em_image_recording.details                       ? 
_em_image_recording.id                            1 
_em_image_recording.film_or_detector_model        'KODAK SO-163 FILM' 
_em_image_recording.imaging_id                    1 
_em_image_recording.detector_mode                 ? 
_em_image_recording.average_exposure_time         ? 
_em_image_recording.num_diffraction_images        ? 
_em_image_recording.num_grids_imaged              ? 
_em_image_recording.num_real_images               ? 
# 
loop_
_em_software.id 
_em_software.name 
_em_software.version 
_em_software.category 
_em_software.details 
_em_software.image_processing_id 
1 O      ? 'MODEL FITTING' ? ? 
2 SPIDER ? RECONSTRUCTION  ? 1 
# 
_em_specimen.experiment_id           1 
_em_specimen.id                      1 
_em_specimen.concentration           ? 
_em_specimen.vitrification_applied   YES 
_em_specimen.staining_applied        NO 
_em_specimen.embedding_applied       NO 
_em_specimen.shadowing_applied       NO 
_em_specimen.details                 ? 
# 
_pdbx_coordinate_model.asym_id   A 
_pdbx_coordinate_model.type      'CA ATOMS ONLY' 
# 
_pdbx_initial_refinement_model.id               1 
_pdbx_initial_refinement_model.type             'experimental model' 
_pdbx_initial_refinement_model.source_name      PDB 
_pdbx_initial_refinement_model.accession_code   1N0U 
# 
_atom_sites.entry_id                    3DNY 
_atom_sites.fract_transf_matrix[1][1]   1.000000 
_atom_sites.fract_transf_matrix[1][2]   0.000000 
_atom_sites.fract_transf_matrix[1][3]   0.000000 
_atom_sites.fract_transf_matrix[2][1]   0.000000 
_atom_sites.fract_transf_matrix[2][2]   1.000000 
_atom_sites.fract_transf_matrix[2][3]   0.000000 
_atom_sites.fract_transf_matrix[3][1]   0.000000 
_atom_sites.fract_transf_matrix[3][2]   0.000000 
_atom_sites.fract_transf_matrix[3][3]   1.000000 
_atom_sites.fract_transf_vector[1]      0.00000 
_atom_sites.fract_transf_vector[2]      0.00000 
_atom_sites.fract_transf_vector[3]      0.00000 
# 
_atom_type.symbol   C 
# 
loop_
_atom_site.group_PDB 
_atom_site.id 
_atom_site.type_symbol 
_atom_site.label_atom_id 
_atom_site.label_alt_id 
_atom_site.label_comp_id 
_atom_site.label_asym_id 
_atom_site.label_entity_id 
_atom_site.label_seq_id 
_atom_site.pdbx_PDB_ins_code 
_atom_site.Cartn_x 
_atom_site.Cartn_y 
_atom_site.Cartn_z 
_atom_site.occupancy 
_atom_site.B_iso_or_equiv 
_atom_site.pdbx_formal_charge 
_atom_site.auth_seq_id 
_atom_site.auth_comp_id 
_atom_site.auth_asym_id 
_atom_site.auth_atom_id 
_atom_site.pdbx_PDB_model_num 
ATOM 1   C CA . ALA A 1 3   ? -13.198 5.455   -28.397 1.00 44.32 ? 3   ALA T CA 1 
ATOM 2   C CA . PHE A 1 4   ? -9.853  6.996   -29.369 1.00 40.68 ? 4   PHE T CA 1 
ATOM 3   C CA . THR A 1 5   ? -7.261  6.327   -32.046 1.00 41.01 ? 5   THR T CA 1 
ATOM 4   C CA . VAL A 1 6   ? -3.637  5.819   -31.047 1.00 43.59 ? 6   VAL T CA 1 
ATOM 5   C CA . ASP A 1 7   ? -2.918  9.295   -32.436 1.00 45.56 ? 7   ASP T CA 1 
ATOM 6   C CA . GLN A 1 8   ? -5.637  10.768  -30.229 1.00 39.08 ? 8   GLN T CA 1 
ATOM 7   C CA . MET A 1 9   ? -4.169  8.944   -27.244 1.00 35.76 ? 9   MET T CA 1 
ATOM 8   C CA . ARG A 1 10  ? -0.638  10.073  -28.087 1.00 37.01 ? 10  ARG T CA 1 
ATOM 9   C CA . SER A 1 11  ? -1.957  13.626  -28.396 1.00 36.98 ? 11  SER T CA 1 
ATOM 10  C CA . LEU A 1 12  ? -3.590  13.402  -24.972 1.00 33.62 ? 12  LEU T CA 1 
ATOM 11  C CA . MET A 1 13  ? -0.318  12.024  -23.603 1.00 32.34 ? 13  MET T CA 1 
ATOM 12  C CA . ASP A 1 14  ? 1.610   15.077  -24.827 1.00 34.35 ? 14  ASP T CA 1 
ATOM 13  C CA . LYS A 1 15  ? -0.200  17.465  -22.482 1.00 31.58 ? 15  LYS T CA 1 
ATOM 14  C CA . VAL A 1 16  ? 1.043   16.030  -19.211 1.00 28.93 ? 16  VAL T CA 1 
ATOM 15  C CA . THR A 1 17  ? -0.238  19.127  -17.438 1.00 25.08 ? 17  THR T CA 1 
ATOM 16  C CA . ASN A 1 18  ? -3.637  17.623  -18.218 1.00 23.39 ? 18  ASN T CA 1 
ATOM 17  C CA . VAL A 1 19  ? -2.878  14.119  -16.998 1.00 20.94 ? 19  VAL T CA 1 
ATOM 18  C CA . ARG A 1 20  ? -3.958  12.632  -13.675 1.00 20.56 ? 20  ARG T CA 1 
ATOM 19  C CA . ASN A 1 21  ? -2.190  9.505   -12.432 1.00 20.02 ? 21  ASN T CA 1 
ATOM 20  C CA . MET A 1 22  ? -4.180  8.040   -9.560  1.00 20.12 ? 22  MET T CA 1 
ATOM 21  C CA . SER A 1 23  ? -5.767  5.000   -7.939  1.00 19.64 ? 23  SER T CA 1 
ATOM 22  C CA . VAL A 1 24  ? -8.702  4.194   -5.679  1.00 23.37 ? 24  VAL T CA 1 
ATOM 23  C CA . ILE A 1 25  ? -7.844  3.408   -2.060  1.00 26.57 ? 25  ILE T CA 1 
ATOM 24  C CA . ALA A 1 26  ? -10.780 1.403   -0.755  1.00 33.77 ? 26  ALA T CA 1 
ATOM 25  C CA . HIS A 1 27  ? -11.732 -1.853  0.892   1.00 42.26 ? 27  HIS T CA 1 
ATOM 26  C CA . VAL A 1 28  ? -13.527 -4.139  -1.580  1.00 47.21 ? 28  VAL T CA 1 
ATOM 27  C CA . ASP A 1 29  ? -16.530 -4.127  0.746   1.00 47.62 ? 29  ASP T CA 1 
ATOM 28  C CA . HIS A 1 30  ? -16.813 -0.341  0.680   1.00 44.77 ? 30  HIS T CA 1 
ATOM 29  C CA . GLY A 1 31  ? -17.871 -0.196  -2.962  1.00 43.76 ? 31  GLY T CA 1 
ATOM 30  C CA . LYS A 1 32  ? -14.438 0.005   -4.588  1.00 43.84 ? 32  LYS T CA 1 
ATOM 31  C CA . SER A 1 33  ? -15.492 -2.033  -7.623  1.00 41.39 ? 33  SER T CA 1 
ATOM 32  C CA . THR A 1 34  ? -18.835 -0.251  -8.075  1.00 39.09 ? 34  THR T CA 1 
ATOM 33  C CA . LEU A 1 35  ? -17.241 3.205   -7.895  1.00 36.85 ? 35  LEU T CA 1 
ATOM 34  C CA . THR A 1 36  ? -14.508 2.331   -10.387 1.00 37.87 ? 36  THR T CA 1 
ATOM 35  C CA . ASP A 1 37  ? -17.085 0.755   -12.708 1.00 34.12 ? 37  ASP T CA 1 
ATOM 36  C CA . SER A 1 38  ? -19.008 4.013   -12.457 1.00 28.53 ? 38  SER T CA 1 
ATOM 37  C CA . LEU A 1 39  ? -15.947 5.983   -13.579 1.00 26.41 ? 39  LEU T CA 1 
ATOM 38  C CA . VAL A 1 40  ? -15.291 3.532   -16.407 1.00 27.52 ? 40  VAL T CA 1 
ATOM 39  C CA . GLN A 1 41  ? -18.870 3.540   -17.690 1.00 34.35 ? 41  GLN T CA 1 
ATOM 40  C CA . ARG A 1 42  ? -18.910 7.338   -17.740 1.00 30.13 ? 42  ARG T CA 1 
ATOM 41  C CA . ALA A 1 43  ? -15.455 8.140   -19.100 1.00 25.88 ? 43  ALA T CA 1 
ATOM 42  C CA . GLY A 1 44  ? -13.610 4.948   -19.955 1.00 28.43 ? 44  GLY T CA 1 
ATOM 43  C CA . ILE A 1 45  ? -11.428 5.064   -23.055 1.00 35.03 ? 45  ILE T CA 1 
ATOM 44  C CA . ILE A 1 46  ? -11.399 2.303   -25.658 1.00 46.37 ? 46  ILE T CA 1 
ATOM 45  C CA . SER A 1 47  ? -9.360  1.945   -28.855 1.00 50.83 ? 47  SER T CA 1 
ATOM 46  C CA . ALA A 1 48  ? -10.880 3.179   -32.118 1.00 53.89 ? 48  ALA T CA 1 
ATOM 47  C CA . GLY A 1 67  ? -5.058  -11.047 -30.153 1.00 53.62 ? 67  GLY T CA 1 
ATOM 48  C CA . ILE A 1 68  ? -3.332  -10.883 -26.789 1.00 46.61 ? 68  ILE T CA 1 
ATOM 49  C CA . THR A 1 69  ? -4.973  -10.182 -23.435 1.00 37.99 ? 69  THR T CA 1 
ATOM 50  C CA . ILE A 1 70  ? -3.447  -9.231  -20.091 1.00 29.92 ? 70  ILE T CA 1 
ATOM 51  C CA . LYS A 1 71  ? -4.591  -8.852  -16.524 1.00 30.98 ? 71  LYS T CA 1 
ATOM 52  C CA . SER A 1 72  ? -6.329  -5.469  -16.299 1.00 28.87 ? 72  SER T CA 1 
ATOM 53  C CA . THR A 1 73  ? -3.692  -3.272  -14.633 1.00 27.06 ? 73  THR T CA 1 
ATOM 54  C CA . ALA A 1 74  ? -4.800  0.265   -15.461 1.00 25.43 ? 74  ALA T CA 1 
ATOM 55  C CA . ILE A 1 75  ? -7.699  1.938   -17.220 1.00 25.29 ? 75  ILE T CA 1 
ATOM 56  C CA . SER A 1 76  ? -7.675  5.256   -19.089 1.00 25.38 ? 76  SER T CA 1 
ATOM 57  C CA . LEU A 1 77  ? -10.423 7.828   -18.559 1.00 27.70 ? 77  LEU T CA 1 
ATOM 58  C CA . TYR A 1 78  ? -11.285 10.929  -20.602 1.00 30.39 ? 78  TYR T CA 1 
ATOM 59  C CA . SER A 1 79  ? -12.939 13.994  -19.083 1.00 32.77 ? 79  SER T CA 1 
ATOM 60  C CA . GLU A 1 80  ? -13.705 17.522  -20.304 1.00 41.43 ? 80  GLU T CA 1 
ATOM 61  C CA . MET A 1 81  ? -14.290 20.487  -17.988 1.00 45.68 ? 81  MET T CA 1 
ATOM 62  C CA . SER A 1 82  ? -15.861 23.858  -18.792 1.00 52.24 ? 82  SER T CA 1 
ATOM 63  C CA . ASP A 1 83  ? -13.661 26.891  -19.389 1.00 57.54 ? 83  ASP T CA 1 
ATOM 64  C CA . GLU A 1 84  ? -14.710 28.336  -16.038 1.00 57.36 ? 84  GLU T CA 1 
ATOM 65  C CA . ASP A 1 85  ? -14.036 25.111  -14.141 1.00 52.51 ? 85  ASP T CA 1 
ATOM 66  C CA . VAL A 1 86  ? -10.572 24.833  -15.671 1.00 50.32 ? 86  VAL T CA 1 
ATOM 67  C CA . LYS A 1 87  ? -9.835  28.325  -14.380 1.00 52.83 ? 87  LYS T CA 1 
ATOM 68  C CA . GLU A 1 88  ? -10.304 27.041  -10.836 1.00 52.35 ? 88  GLU T CA 1 
ATOM 69  C CA . ILE A 1 89  ? -7.458  24.542  -11.196 1.00 46.21 ? 89  ILE T CA 1 
ATOM 70  C CA . LYS A 1 90  ? -4.591  25.902  -9.085  1.00 46.89 ? 90  LYS T CA 1 
ATOM 71  C CA . GLN A 1 91  ? -2.205  24.082  -11.365 1.00 42.25 ? 91  GLN T CA 1 
ATOM 72  C CA . LYS A 1 92  ? -0.657  24.509  -14.812 1.00 37.23 ? 92  LYS T CA 1 
ATOM 73  C CA . THR A 1 93  ? -3.319  23.648  -17.369 1.00 34.23 ? 93  THR T CA 1 
ATOM 74  C CA . ASP A 1 94  ? -3.516  23.465  -21.162 1.00 36.30 ? 94  ASP T CA 1 
ATOM 75  C CA . GLY A 1 95  ? -6.968  22.990  -22.639 1.00 34.59 ? 95  GLY T CA 1 
ATOM 76  C CA . ASN A 1 96  ? -10.147 21.546  -21.159 1.00 35.22 ? 96  ASN T CA 1 
ATOM 77  C CA . SER A 1 97  ? -9.409  17.878  -21.889 1.00 30.77 ? 97  SER T CA 1 
ATOM 78  C CA . PHE A 1 98  ? -7.966  15.481  -19.326 1.00 26.41 ? 98  PHE T CA 1 
ATOM 79  C CA . LEU A 1 99  ? -6.451  12.008  -19.457 1.00 25.21 ? 99  LEU T CA 1 
ATOM 80  C CA . ILE A 1 100 ? -6.913  10.138  -16.202 1.00 21.69 ? 100 ILE T CA 1 
ATOM 81  C CA . ASN A 1 101 ? -4.943  6.965   -15.520 1.00 21.70 ? 101 ASN T CA 1 
ATOM 82  C CA . LEU A 1 102 ? -6.876  4.836   -13.028 1.00 22.60 ? 102 LEU T CA 1 
ATOM 83  C CA . ILE A 1 103 ? -4.230  2.448   -11.744 1.00 27.79 ? 103 ILE T CA 1 
ATOM 84  C CA . ASP A 1 104 ? -5.408  -0.866  -10.317 1.00 38.75 ? 104 ASP T CA 1 
ATOM 85  C CA . SER A 1 105 ? -4.430  -1.523  -6.713  1.00 44.84 ? 105 SER T CA 1 
ATOM 86  C CA . PRO A 1 106 ? -4.441  -4.669  -4.558  1.00 52.73 ? 106 PRO T CA 1 
ATOM 87  C CA . GLY A 1 107 ? -5.627  -3.649  -1.103  1.00 60.36 ? 107 GLY T CA 1 
ATOM 88  C CA . HIS A 1 108 ? -4.357  -6.548  1.006   1.00 66.28 ? 108 HIS T CA 1 
ATOM 89  C CA . VAL A 1 109 ? -2.657  -4.323  3.534   1.00 70.96 ? 109 VAL T CA 1 
ATOM 90  C CA . ASP A 1 110 ? -0.700  -4.537  6.729   1.00 71.90 ? 110 ASP T CA 1 
ATOM 91  C CA . PHE A 1 111 ? 1.757   -2.351  4.826   1.00 62.46 ? 111 PHE T CA 1 
ATOM 92  C CA . SER A 1 112 ? 2.801   -4.657  1.984   1.00 60.29 ? 112 SER T CA 1 
ATOM 93  C CA . SER A 1 113 ? 5.498   -3.560  -0.476  1.00 59.99 ? 113 SER T CA 1 
ATOM 94  C CA . GLU A 1 114 ? 3.355   -4.573  -3.452  1.00 58.97 ? 114 GLU T CA 1 
ATOM 95  C CA . VAL A 1 115 ? 0.787   -1.918  -2.609  1.00 52.47 ? 115 VAL T CA 1 
ATOM 96  C CA . THR A 1 116 ? 3.604   0.616   -2.276  1.00 51.29 ? 116 THR T CA 1 
ATOM 97  C CA . ALA A 1 117 ? 4.693   -0.325  -5.790  1.00 48.23 ? 117 ALA T CA 1 
ATOM 98  C CA . ALA A 1 118 ? 1.338   0.565   -7.342  1.00 38.20 ? 118 ALA T CA 1 
ATOM 99  C CA . LEU A 1 119 ? 1.093   3.705   -5.243  1.00 30.24 ? 119 LEU T CA 1 
ATOM 100 C CA . ARG A 1 120 ? 4.529   4.770   -6.438  1.00 31.25 ? 120 ARG T CA 1 
ATOM 101 C CA . VAL A 1 121 ? 3.343   5.307   -10.011 1.00 24.90 ? 121 VAL T CA 1 
ATOM 102 C CA . THR A 1 122 ? 0.442   7.464   -8.819  1.00 20.61 ? 122 THR T CA 1 
ATOM 103 C CA . ASP A 1 123 ? 0.340   11.084  -7.673  1.00 17.40 ? 123 ASP T CA 1 
ATOM 104 C CA . GLY A 1 124 ? -3.233  11.222  -6.414  1.00 16.30 ? 124 GLY T CA 1 
ATOM 105 C CA . ALA A 1 125 ? -5.723  8.959   -4.694  1.00 19.74 ? 125 ALA T CA 1 
ATOM 106 C CA . LEU A 1 126 ? -9.489  8.736   -4.411  1.00 21.80 ? 126 LEU T CA 1 
ATOM 107 C CA . VAL A 1 127 ? -10.087 7.475   -0.895  1.00 23.15 ? 127 VAL T CA 1 
ATOM 108 C CA . VAL A 1 128 ? -13.378 5.701   -0.261  1.00 23.50 ? 128 VAL T CA 1 
ATOM 109 C CA . VAL A 1 129 ? -14.759 5.732   3.261   1.00 29.21 ? 129 VAL T CA 1 
ATOM 110 C CA . ASP A 1 130 ? -18.004 4.220   4.530   1.00 31.01 ? 130 ASP T CA 1 
ATOM 111 C CA . THR A 1 131 ? -20.857 6.325   5.910   1.00 35.11 ? 131 THR T CA 1 
ATOM 112 C CA . ILE A 1 132 ? -21.500 3.912   8.770   1.00 41.98 ? 132 ILE T CA 1 
ATOM 113 C CA . GLU A 1 133 ? -18.160 2.174   9.372   1.00 40.78 ? 133 GLU T CA 1 
ATOM 114 C CA . GLY A 1 134 ? -16.007 5.231   8.688   1.00 34.97 ? 134 GLY T CA 1 
ATOM 115 C CA . VAL A 1 135 ? -12.290 4.635   8.070   1.00 34.47 ? 135 VAL T CA 1 
ATOM 116 C CA . CYS A 1 136 ? -11.320 0.964   8.349   1.00 34.30 ? 136 CYS T CA 1 
ATOM 117 C CA . VAL A 1 137 ? -7.861  -0.218  9.401   1.00 35.50 ? 137 VAL T CA 1 
ATOM 118 C CA . GLN A 1 138 ? -6.998  -1.423  5.900   1.00 36.70 ? 138 GLN T CA 1 
ATOM 119 C CA . THR A 1 139 ? -7.887  1.923   4.329   1.00 34.30 ? 139 THR T CA 1 
ATOM 120 C CA . GLU A 1 140 ? -5.941  3.746   7.046   1.00 33.85 ? 140 GLU T CA 1 
ATOM 121 C CA . THR A 1 141 ? -2.957  1.515   6.328   1.00 29.10 ? 141 THR T CA 1 
ATOM 122 C CA . VAL A 1 142 ? -3.018  2.140   2.571   1.00 28.70 ? 142 VAL T CA 1 
ATOM 123 C CA . LEU A 1 143 ? -3.668  5.859   3.025   1.00 26.97 ? 143 LEU T CA 1 
ATOM 124 C CA . ARG A 1 144 ? -0.632  6.033   5.309   1.00 29.40 ? 144 ARG T CA 1 
ATOM 125 C CA . GLN A 1 145 ? 1.504   4.361   2.649   1.00 27.50 ? 145 GLN T CA 1 
ATOM 126 C CA . ALA A 1 146 ? 0.038   6.698   0.029   1.00 23.97 ? 146 ALA T CA 1 
ATOM 127 C CA . LEU A 1 147 ? 0.903   9.709   2.170   1.00 23.35 ? 147 LEU T CA 1 
ATOM 128 C CA . GLY A 1 148 ? 4.376   8.221   2.548   1.00 24.93 ? 148 GLY T CA 1 
ATOM 129 C CA . GLU A 1 149 ? 4.640   8.550   -1.226  1.00 28.50 ? 149 GLU T CA 1 
ATOM 130 C CA . ARG A 1 150 ? 3.501   12.177  -1.041  1.00 26.54 ? 150 ARG T CA 1 
ATOM 131 C CA . ILE A 1 151 ? 0.292   11.285  -2.876  1.00 24.30 ? 151 ILE T CA 1 
ATOM 132 C CA . LYS A 1 152 ? -2.531  13.801  -2.466  1.00 23.77 ? 152 LYS T CA 1 
ATOM 133 C CA . PRO A 1 153 ? -5.902  12.389  -1.289  1.00 22.37 ? 153 PRO T CA 1 
ATOM 134 C CA . VAL A 1 154 ? -9.497  13.240  -2.151  1.00 21.61 ? 154 VAL T CA 1 
ATOM 135 C CA . VAL A 1 155 ? -12.370 11.527  -0.323  1.00 19.62 ? 155 VAL T CA 1 
ATOM 136 C CA . VAL A 1 156 ? -15.718 10.005  -1.163  1.00 21.48 ? 156 VAL T CA 1 
ATOM 137 C CA . ILE A 1 157 ? -17.984 8.942   1.698   1.00 22.45 ? 157 ILE T CA 1 
ATOM 138 C CA . ASN A 1 158 ? -19.814 5.992   0.141   1.00 26.29 ? 158 ASN T CA 1 
ATOM 139 C CA . LYS A 1 159 ? -22.924 3.940   1.028   1.00 33.26 ? 159 LYS T CA 1 
ATOM 140 C CA . VAL A 1 160 ? -25.055 6.921   2.061   1.00 33.46 ? 160 VAL T CA 1 
ATOM 141 C CA . ASP A 1 161 ? -28.084 4.896   0.956   1.00 40.56 ? 161 ASP T CA 1 
ATOM 142 C CA . ARG A 1 162 ? -27.531 2.589   3.930   1.00 43.55 ? 162 ARG T CA 1 
ATOM 143 C CA . ALA A 1 163 ? -27.990 5.427   6.430   1.00 43.62 ? 163 ALA T CA 1 
ATOM 144 C CA . LEU A 1 164 ? -31.162 6.599   4.686   1.00 47.53 ? 164 LEU T CA 1 
ATOM 145 C CA . LEU A 1 165 ? -32.795 3.184   4.216   1.00 54.57 ? 165 LEU T CA 1 
ATOM 146 C CA . GLU A 1 166 ? -31.492 0.921   6.978   1.00 56.18 ? 166 GLU T CA 1 
ATOM 147 C CA . LEU A 1 167 ? -30.932 3.333   9.867   1.00 53.99 ? 167 LEU T CA 1 
ATOM 148 C CA . GLN A 1 168 ? -33.495 5.939   8.766   1.00 52.57 ? 168 GLN T CA 1 
ATOM 149 C CA . VAL A 1 169 ? -31.023 8.527   10.077  1.00 42.52 ? 169 VAL T CA 1 
ATOM 150 C CA . SER A 1 170 ? -31.958 12.197  10.465  1.00 34.99 ? 170 SER T CA 1 
ATOM 151 C CA . LYS A 1 171 ? -30.344 14.933  8.406   1.00 32.49 ? 171 LYS T CA 1 
ATOM 152 C CA . GLU A 1 172 ? -28.331 16.275  11.354  1.00 29.60 ? 172 GLU T CA 1 
ATOM 153 C CA . ASP A 1 173 ? -27.105 12.835  12.466  1.00 29.29 ? 173 ASP T CA 1 
ATOM 154 C CA . LEU A 1 174 ? -25.985 12.120  8.906   1.00 28.26 ? 174 LEU T CA 1 
ATOM 155 C CA . TYR A 1 175 ? -24.236 15.484  8.775   1.00 27.23 ? 175 TYR T CA 1 
ATOM 156 C CA . GLN A 1 176 ? -22.571 14.747  12.102  1.00 29.44 ? 176 GLN T CA 1 
ATOM 157 C CA . THR A 1 177 ? -21.537 11.314  10.861  1.00 29.52 ? 177 THR T CA 1 
ATOM 158 C CA . PHE A 1 178 ? -19.998 12.904  7.762   1.00 27.02 ? 178 PHE T CA 1 
ATOM 159 C CA . ALA A 1 179 ? -18.164 15.454  9.915   1.00 25.60 ? 179 ALA T CA 1 
ATOM 160 C CA . ARG A 1 180 ? -16.750 12.790  12.223  1.00 30.01 ? 180 ARG T CA 1 
ATOM 161 C CA . THR A 1 181 ? -15.620 10.737  9.241   1.00 29.19 ? 181 THR T CA 1 
ATOM 162 C CA . VAL A 1 182 ? -13.918 13.744  7.659   1.00 29.21 ? 182 VAL T CA 1 
ATOM 163 C CA . GLU A 1 183 ? -12.153 14.406  10.957  1.00 35.61 ? 183 GLU T CA 1 
ATOM 164 C CA . SER A 1 184 ? -10.914 10.815  11.274  1.00 33.07 ? 184 SER T CA 1 
ATOM 165 C CA . VAL A 1 185 ? -9.455  11.071  7.777   1.00 28.57 ? 185 VAL T CA 1 
ATOM 166 C CA . ASN A 1 186 ? -7.729  14.349  8.531   1.00 28.98 ? 186 ASN T CA 1 
ATOM 167 C CA . VAL A 1 187 ? -6.233  12.947  11.733  1.00 30.83 ? 187 VAL T CA 1 
ATOM 168 C CA . ILE A 1 188 ? -4.433  10.370  9.606   1.00 29.83 ? 188 ILE T CA 1 
ATOM 169 C CA . VAL A 1 189 ? -3.551  12.924  6.942   1.00 31.07 ? 189 VAL T CA 1 
ATOM 170 C CA . SER A 1 190 ? -2.216  15.557  9.356   1.00 37.82 ? 190 SER T CA 1 
ATOM 171 C CA . THR A 1 191 ? -0.174  12.839  11.071  1.00 41.25 ? 191 THR T CA 1 
ATOM 172 C CA . TYR A 1 192 ? 1.585   11.342  8.040   1.00 44.28 ? 192 TYR T CA 1 
ATOM 173 C CA . ALA A 1 193 ? 1.721   14.070  5.398   1.00 48.44 ? 193 ALA T CA 1 
ATOM 174 C CA . ASP A 1 194 ? 5.017   15.886  4.786   1.00 56.60 ? 194 ASP T CA 1 
ATOM 175 C CA . GLU A 1 195 ? 5.141   19.490  6.014   1.00 62.28 ? 195 GLU T CA 1 
ATOM 176 C CA . VAL A 1 196 ? 6.787   20.721  2.811   1.00 61.48 ? 196 VAL T CA 1 
ATOM 177 C CA . LEU A 1 197 ? 3.496   19.931  1.057   1.00 56.32 ? 197 LEU T CA 1 
ATOM 178 C CA . GLY A 1 198 ? 1.471   22.338  3.164   1.00 49.33 ? 198 GLY T CA 1 
ATOM 179 C CA . ASP A 1 199 ? -2.078  21.512  4.218   1.00 40.47 ? 199 ASP T CA 1 
ATOM 180 C CA . VAL A 1 200 ? -3.116  18.284  2.503   1.00 36.39 ? 200 VAL T CA 1 
ATOM 181 C CA . GLN A 1 201 ? -6.207  17.779  4.657   1.00 30.61 ? 201 GLN T CA 1 
ATOM 182 C CA . VAL A 1 202 ? -9.555  17.345  2.940   1.00 29.17 ? 202 VAL T CA 1 
ATOM 183 C CA . TYR A 1 203 ? -12.373 19.923  3.201   1.00 28.39 ? 203 TYR T CA 1 
ATOM 184 C CA . PRO A 1 204 ? -15.973 19.492  2.012   1.00 23.18 ? 204 PRO T CA 1 
ATOM 185 C CA . ALA A 1 205 ? -16.278 23.268  1.556   1.00 25.13 ? 205 ALA T CA 1 
ATOM 186 C CA . ARG A 1 206 ? -13.270 23.201  -0.774  1.00 28.34 ? 206 ARG T CA 1 
ATOM 187 C CA . GLY A 1 207 ? -14.686 20.439  -2.948  1.00 23.35 ? 207 GLY T CA 1 
ATOM 188 C CA . THR A 1 208 ? -12.310 17.673  -1.868  1.00 21.09 ? 208 THR T CA 1 
ATOM 189 C CA . VAL A 1 209 ? -14.937 15.444  -0.219  1.00 20.40 ? 209 VAL T CA 1 
ATOM 190 C CA . ALA A 1 210 ? -17.760 13.748  -2.118  1.00 23.42 ? 210 ALA T CA 1 
ATOM 191 C CA . PHE A 1 211 ? -20.841 12.008  -0.726  1.00 22.12 ? 211 PHE T CA 1 
ATOM 192 C CA . GLY A 1 212 ? -22.864 9.257   -2.340  1.00 27.00 ? 212 GLY T CA 1 
ATOM 193 C CA . SER A 1 213 ? -23.909 5.694   -3.054  1.00 34.78 ? 213 SER T CA 1 
ATOM 194 C CA . GLY A 1 214 ? -21.873 3.631   -5.491  1.00 41.15 ? 214 GLY T CA 1 
ATOM 195 C CA . LEU A 1 215 ? -24.405 0.854   -6.052  1.00 48.69 ? 215 LEU T CA 1 
ATOM 196 C CA . HIS A 1 216 ? -27.274 3.349   -6.388  1.00 48.20 ? 216 HIS T CA 1 
ATOM 197 C CA . GLY A 1 217 ? -25.220 5.426   -8.812  1.00 41.07 ? 217 GLY T CA 1 
ATOM 198 C CA . TRP A 1 218 ? -25.271 8.911   -7.285  1.00 31.78 ? 218 TRP T CA 1 
ATOM 199 C CA . ALA A 1 219 ? -22.802 11.173  -5.501  1.00 23.18 ? 219 ALA T CA 1 
ATOM 200 C CA . PHE A 1 220 ? -22.110 14.873  -5.063  1.00 22.42 ? 220 PHE T CA 1 
ATOM 201 C CA . THR A 1 221 ? -19.587 17.480  -3.979  1.00 21.92 ? 221 THR T CA 1 
ATOM 202 C CA . ILE A 1 222 ? -20.449 20.745  -2.246  1.00 22.80 ? 222 ILE T CA 1 
ATOM 203 C CA . ARG A 1 223 ? -19.092 22.444  -5.369  1.00 22.56 ? 223 ARG T CA 1 
ATOM 204 C CA . GLN A 1 224 ? -21.809 20.915  -7.529  1.00 24.32 ? 224 GLN T CA 1 
ATOM 205 C CA . PHE A 1 225 ? -24.579 22.203  -5.262  1.00 27.21 ? 225 PHE T CA 1 
ATOM 206 C CA . ALA A 1 226 ? -22.817 25.557  -4.902  1.00 31.65 ? 226 ALA T CA 1 
ATOM 207 C CA . THR A 1 227 ? -22.869 25.764  -8.698  1.00 38.14 ? 227 THR T CA 1 
ATOM 208 C CA . ARG A 1 228 ? -26.511 24.664  -8.708  1.00 44.47 ? 228 ARG T CA 1 
ATOM 209 C CA . TYR A 1 229 ? -27.568 27.379  -6.205  1.00 42.29 ? 229 TYR T CA 1 
ATOM 210 C CA . ALA A 1 230 ? -25.093 30.239  -6.700  1.00 38.04 ? 230 ALA T CA 1 
ATOM 211 C CA . LYS A 1 231 ? -27.303 31.933  -9.273  1.00 38.49 ? 231 LYS T CA 1 
ATOM 212 C CA . LYS A 1 232 ? -30.503 31.198  -7.360  1.00 38.59 ? 232 LYS T CA 1 
ATOM 213 C CA . PHE A 1 233 ? -29.234 32.989  -4.259  1.00 38.04 ? 233 PHE T CA 1 
ATOM 214 C CA . GLY A 1 234 ? -27.566 35.689  -6.326  1.00 39.44 ? 234 GLY T CA 1 
ATOM 215 C CA . VAL A 1 235 ? -24.098 34.983  -4.907  1.00 43.95 ? 235 VAL T CA 1 
ATOM 216 C CA . ASP A 1 236 ? -20.826 33.606  -6.347  1.00 45.91 ? 236 ASP T CA 1 
ATOM 217 C CA . LYS A 1 237 ? -20.346 29.883  -5.786  1.00 42.48 ? 237 LYS T CA 1 
ATOM 218 C CA . ALA A 1 238 ? -17.162 30.476  -3.808  1.00 36.67 ? 238 ALA T CA 1 
ATOM 219 C CA . LYS A 1 239 ? -19.347 32.049  -1.137  1.00 37.28 ? 239 LYS T CA 1 
ATOM 220 C CA . MET A 1 240 ? -22.021 29.389  -1.616  1.00 32.80 ? 240 MET T CA 1 
ATOM 221 C CA . MET A 1 241 ? -19.748 26.406  -1.116  1.00 33.37 ? 241 MET T CA 1 
ATOM 222 C CA . ASP A 1 242 ? -18.556 27.857  2.197   1.00 33.63 ? 242 ASP T CA 1 
ATOM 223 C CA . ARG A 1 243 ? -22.203 28.298  3.210   1.00 32.43 ? 243 ARG T CA 1 
ATOM 224 C CA . LEU A 1 244 ? -23.269 24.784  2.215   1.00 29.81 ? 244 LEU T CA 1 
ATOM 225 C CA . TRP A 1 245 ? -21.092 23.111  4.834   1.00 26.63 ? 245 TRP T CA 1 
ATOM 226 C CA . GLY A 1 246 ? -20.383 23.391  8.535   1.00 28.58 ? 246 GLY T CA 1 
ATOM 227 C CA . ASP A 1 247 ? -21.840 26.036  10.813  1.00 29.48 ? 247 ASP T CA 1 
ATOM 228 C CA . SER A 1 248 ? -23.613 28.220  8.235   1.00 27.72 ? 248 SER T CA 1 
ATOM 229 C CA . PHE A 1 249 ? -27.289 28.844  8.782   1.00 25.54 ? 249 PHE T CA 1 
ATOM 230 C CA . PHE A 1 250 ? -29.767 30.552  6.497   1.00 23.10 ? 250 PHE T CA 1 
ATOM 231 C CA . ASN A 1 251 ? -32.716 31.862  8.517   1.00 26.94 ? 251 ASN T CA 1 
ATOM 232 C CA . PRO A 1 252 ? -35.790 32.022  6.235   1.00 27.58 ? 252 PRO T CA 1 
ATOM 233 C CA . LYS A 1 253 ? -37.453 34.504  8.630   1.00 32.84 ? 253 LYS T CA 1 
ATOM 234 C CA . THR A 1 254 ? -34.627 37.044  8.411   1.00 31.68 ? 254 THR T CA 1 
ATOM 235 C CA . LYS A 1 255 ? -33.354 36.030  4.979   1.00 30.45 ? 255 LYS T CA 1 
ATOM 236 C CA . LYS A 1 256 ? -29.850 36.173  6.444   1.00 31.23 ? 256 LYS T CA 1 
ATOM 237 C CA . TRP A 1 257 ? -26.849 33.865  6.744   1.00 32.45 ? 257 TRP T CA 1 
ATOM 238 C CA . THR A 1 258 ? -25.206 33.484  10.133  1.00 35.98 ? 258 THR T CA 1 
ATOM 239 C CA . ASN A 1 259 ? -22.787 31.211  11.965  1.00 39.25 ? 259 ASN T CA 1 
ATOM 240 C CA . LYS A 1 260 ? -25.112 30.919  14.986  1.00 39.49 ? 260 LYS T CA 1 
ATOM 241 C CA . ASP A 1 261 ? -27.279 27.803  15.335  1.00 35.11 ? 261 ASP T CA 1 
ATOM 242 C CA . THR A 1 262 ? -30.066 29.798  17.019  1.00 36.02 ? 262 THR T CA 1 
ATOM 243 C CA . ASP A 1 263 ? -31.950 32.967  16.106  1.00 35.75 ? 263 ASP T CA 1 
ATOM 244 C CA . ALA A 1 264 ? -32.291 36.123  18.220  1.00 42.26 ? 264 ALA T CA 1 
ATOM 245 C CA . GLU A 1 265 ? -35.108 34.498  20.191  1.00 47.56 ? 265 GLU T CA 1 
ATOM 246 C CA . GLY A 1 266 ? -32.977 31.415  20.816  1.00 44.06 ? 266 GLY T CA 1 
ATOM 247 C CA . LYS A 1 267 ? -34.940 29.083  18.527  1.00 42.17 ? 267 LYS T CA 1 
ATOM 248 C CA . PRO A 1 268 ? -32.949 26.291  16.735  1.00 38.58 ? 268 PRO T CA 1 
ATOM 249 C CA . LEU A 1 269 ? -31.783 26.945  13.175  1.00 31.94 ? 269 LEU T CA 1 
ATOM 250 C CA . GLU A 1 270 ? -31.153 24.255  10.586  1.00 29.41 ? 270 GLU T CA 1 
ATOM 251 C CA . ARG A 1 271 ? -27.686 23.908  9.083   1.00 28.37 ? 271 ARG T CA 1 
ATOM 252 C CA . ALA A 1 272 ? -27.484 25.000  5.419   1.00 22.12 ? 272 ALA T CA 1 
ATOM 253 C CA . PHE A 1 273 ? -25.973 21.640  4.419   1.00 22.38 ? 273 PHE T CA 1 
ATOM 254 C CA . ASN A 1 274 ? -29.076 19.978  5.841   1.00 24.04 ? 274 ASN T CA 1 
ATOM 255 C CA . MET A 1 275 ? -31.527 22.562  4.542   1.00 27.83 ? 275 MET T CA 1 
ATOM 256 C CA . PHE A 1 276 ? -30.358 22.825  0.929   1.00 28.46 ? 276 PHE T CA 1 
ATOM 257 C CA . ILE A 1 277 ? -28.482 19.601  0.203   1.00 26.63 ? 277 ILE T CA 1 
ATOM 258 C CA . LEU A 1 278 ? -29.786 16.798  2.422   1.00 27.58 ? 278 LEU T CA 1 
ATOM 259 C CA . ASP A 1 279 ? -33.428 17.873  2.509   1.00 28.94 ? 279 ASP T CA 1 
ATOM 260 C CA . PRO A 1 280 ? -33.965 17.598  -1.274  1.00 30.71 ? 280 PRO T CA 1 
ATOM 261 C CA . ILE A 1 281 ? -32.450 14.095  -1.283  1.00 28.72 ? 281 ILE T CA 1 
ATOM 262 C CA . PHE A 1 282 ? -34.414 13.005  1.786   1.00 31.37 ? 282 PHE T CA 1 
ATOM 263 C CA . ARG A 1 283 ? -37.681 14.144  0.222   1.00 33.49 ? 283 ARG T CA 1 
ATOM 264 C CA . LEU A 1 284 ? -36.922 12.342  -3.043  1.00 31.52 ? 284 LEU T CA 1 
ATOM 265 C CA . PHE A 1 285 ? -36.257 9.108   -1.159  1.00 33.14 ? 285 PHE T CA 1 
ATOM 266 C CA . THR A 1 286 ? -39.311 9.502   1.057   1.00 35.67 ? 286 THR T CA 1 
ATOM 267 C CA . ALA A 1 287 ? -41.669 10.503  -1.759  1.00 34.19 ? 287 ALA T CA 1 
ATOM 268 C CA . ILE A 1 288 ? -40.526 7.821   -4.186  1.00 35.99 ? 288 ILE T CA 1 
ATOM 269 C CA . MET A 1 289 ? -40.151 4.933   -1.738  1.00 39.32 ? 289 MET T CA 1 
ATOM 270 C CA . ASN A 1 290 ? -43.576 5.685   -0.275  1.00 42.28 ? 290 ASN T CA 1 
ATOM 271 C CA . PHE A 1 291 ? -45.218 5.775   -3.699  1.00 44.45 ? 291 PHE T CA 1 
ATOM 272 C CA . LYS A 1 292 ? -46.507 9.346   -3.369  1.00 52.58 ? 292 LYS T CA 1 
ATOM 273 C CA . LYS A 1 293 ? -47.743 9.446   -6.971  1.00 59.01 ? 293 LYS T CA 1 
ATOM 274 C CA . ASP A 1 294 ? -48.853 13.083  -6.748  1.00 60.23 ? 294 ASP T CA 1 
ATOM 275 C CA . GLU A 1 295 ? -45.897 14.592  -4.878  1.00 54.45 ? 295 GLU T CA 1 
ATOM 276 C CA . ILE A 1 296 ? -43.186 12.991  -7.017  1.00 48.31 ? 296 ILE T CA 1 
ATOM 277 C CA . PRO A 1 297 ? -44.001 15.004  -10.186 1.00 49.14 ? 297 PRO T CA 1 
ATOM 278 C CA . VAL A 1 298 ? -43.837 18.309  -8.307  1.00 50.45 ? 298 VAL T CA 1 
ATOM 279 C CA . LEU A 1 299 ? -40.571 17.414  -6.609  1.00 49.16 ? 299 LEU T CA 1 
ATOM 280 C CA . LEU A 1 300 ? -39.038 16.277  -9.904  1.00 48.06 ? 300 LEU T CA 1 
ATOM 281 C CA . GLU A 1 301 ? -40.184 19.368  -11.786 1.00 53.09 ? 301 GLU T CA 1 
ATOM 282 C CA . LYS A 1 302 ? -38.800 21.605  -9.025  1.00 53.59 ? 302 LYS T CA 1 
ATOM 283 C CA . LEU A 1 303 ? -35.407 19.904  -9.259  1.00 50.34 ? 303 LEU T CA 1 
ATOM 284 C CA . GLU A 1 304 ? -35.506 20.014  -13.055 1.00 52.93 ? 304 GLU T CA 1 
ATOM 285 C CA . ILE A 1 305 ? -35.401 16.204  -13.188 1.00 53.47 ? 305 ILE T CA 1 
ATOM 286 C CA . VAL A 1 306 ? -36.994 14.916  -16.396 1.00 53.33 ? 306 VAL T CA 1 
ATOM 287 C CA . LEU A 1 307 ? -38.066 11.298  -16.859 1.00 52.35 ? 307 LEU T CA 1 
ATOM 288 C CA . LYS A 1 308 ? -38.369 10.103  -20.450 1.00 53.17 ? 308 LYS T CA 1 
ATOM 289 C CA . GLY A 1 309 ? -40.183 7.252   -22.141 1.00 50.10 ? 309 GLY T CA 1 
ATOM 290 C CA . ASP A 1 310 ? -40.809 4.190   -20.002 1.00 48.22 ? 310 ASP T CA 1 
ATOM 291 C CA . GLU A 1 311 ? -39.051 5.814   -17.051 1.00 43.58 ? 311 GLU T CA 1 
ATOM 292 C CA . LYS A 1 312 ? -42.336 7.596   -16.416 1.00 43.66 ? 312 LYS T CA 1 
ATOM 293 C CA . ASP A 1 313 ? -43.868 4.241   -15.477 1.00 40.90 ? 313 ASP T CA 1 
ATOM 294 C CA . LEU A 1 314 ? -41.222 3.234   -12.920 1.00 37.41 ? 314 LEU T CA 1 
ATOM 295 C CA . GLU A 1 315 ? -41.976 3.275   -9.177  1.00 36.50 ? 315 GLU T CA 1 
ATOM 296 C CA . GLY A 1 316 ? -40.197 2.565   -5.894  1.00 36.59 ? 316 GLY T CA 1 
ATOM 297 C CA . LYS A 1 317 ? -36.515 1.599   -5.909  1.00 37.56 ? 317 LYS T CA 1 
ATOM 298 C CA . ALA A 1 318 ? -36.363 1.331   -9.700  1.00 33.31 ? 318 ALA T CA 1 
ATOM 299 C CA . LEU A 1 319 ? -37.661 4.875   -10.036 1.00 31.65 ? 319 LEU T CA 1 
ATOM 300 C CA . LEU A 1 320 ? -35.396 6.147   -7.256  1.00 34.76 ? 320 LEU T CA 1 
ATOM 301 C CA . LYS A 1 321 ? -32.254 4.738   -8.867  1.00 38.85 ? 321 LYS T CA 1 
ATOM 302 C CA . VAL A 1 322 ? -33.265 6.373   -12.139 1.00 33.59 ? 322 VAL T CA 1 
ATOM 303 C CA . VAL A 1 323 ? -34.090 9.687   -10.439 1.00 30.51 ? 323 VAL T CA 1 
ATOM 304 C CA . MET A 1 324 ? -30.842 9.871   -8.454  1.00 31.27 ? 324 MET T CA 1 
ATOM 305 C CA . ARG A 1 325 ? -28.672 8.971   -11.460 1.00 36.05 ? 325 ARG T CA 1 
ATOM 306 C CA . LYS A 1 326 ? -30.169 11.870  -13.420 1.00 34.90 ? 326 LYS T CA 1 
ATOM 307 C CA . PHE A 1 327 ? -30.020 14.132  -10.379 1.00 29.48 ? 327 PHE T CA 1 
ATOM 308 C CA . LEU A 1 328 ? -26.433 13.500  -9.255  1.00 28.15 ? 328 LEU T CA 1 
ATOM 309 C CA . PRO A 1 329 ? -24.551 11.090  -11.586 1.00 27.61 ? 329 PRO T CA 1 
ATOM 310 C CA . ALA A 1 330 ? -21.869 9.653   -9.281  1.00 25.67 ? 330 ALA T CA 1 
ATOM 311 C CA . ALA A 1 331 ? -19.029 9.638   -11.809 1.00 25.00 ? 331 ALA T CA 1 
ATOM 312 C CA . ASP A 1 332 ? -19.429 13.369  -12.407 1.00 26.46 ? 332 ASP T CA 1 
ATOM 313 C CA . ALA A 1 333 ? -18.776 14.088  -8.731  1.00 24.63 ? 333 ALA T CA 1 
ATOM 314 C CA . LEU A 1 334 ? -15.679 11.865  -8.733  1.00 21.14 ? 334 LEU T CA 1 
ATOM 315 C CA . LEU A 1 335 ? -14.166 13.146  -11.983 1.00 21.34 ? 335 LEU T CA 1 
ATOM 316 C CA . GLU A 1 336 ? -14.614 16.707  -10.756 1.00 19.80 ? 336 GLU T CA 1 
ATOM 317 C CA . MET A 1 337 ? -12.462 16.087  -7.693  1.00 19.14 ? 337 MET T CA 1 
ATOM 318 C CA . ILE A 1 338 ? -9.879  14.207  -9.738  1.00 17.87 ? 338 ILE T CA 1 
ATOM 319 C CA . VAL A 1 339 ? -9.469  16.960  -12.347 1.00 19.47 ? 339 VAL T CA 1 
ATOM 320 C CA . LEU A 1 340 ? -9.776  20.007  -10.103 1.00 21.78 ? 340 LEU T CA 1 
ATOM 321 C CA . HIS A 1 341 ? -7.860  18.717  -7.092  1.00 23.09 ? 341 HIS T CA 1 
ATOM 322 C CA . LEU A 1 342 ? -5.544  15.797  -7.837  1.00 22.87 ? 342 LEU T CA 1 
ATOM 323 C CA . PRO A 1 343 ? -2.131  16.824  -9.147  1.00 22.50 ? 343 PRO T CA 1 
ATOM 324 C CA . SER A 1 344 ? -0.838  16.294  -12.657 1.00 21.05 ? 344 SER T CA 1 
ATOM 325 C CA . PRO A 1 345 ? 2.547   14.579  -13.096 1.00 22.92 ? 345 PRO T CA 1 
ATOM 326 C CA . VAL A 1 346 ? 4.111   18.012  -13.745 1.00 25.77 ? 346 VAL T CA 1 
ATOM 327 C CA . THR A 1 347 ? 2.913   19.323  -10.384 1.00 23.31 ? 347 THR T CA 1 
ATOM 328 C CA . ALA A 1 348 ? 3.641   16.128  -8.438  1.00 24.86 ? 348 ALA T CA 1 
ATOM 329 C CA . GLN A 1 349 ? 7.070   15.150  -9.745  1.00 27.82 ? 349 GLN T CA 1 
ATOM 330 C CA . ALA A 1 350 ? 8.383   18.545  -8.630  1.00 33.53 ? 350 ALA T CA 1 
ATOM 331 C CA . TYR A 1 351 ? 8.100   17.481  -4.990  1.00 34.09 ? 351 TYR T CA 1 
ATOM 332 C CA . ARG A 1 352 ? 8.292   13.691  -5.448  1.00 33.59 ? 352 ARG T CA 1 
ATOM 333 C CA . ALA A 1 353 ? 11.477  13.699  -7.516  1.00 38.82 ? 353 ALA T CA 1 
ATOM 334 C CA . GLU A 1 354 ? 13.908  13.391  -4.603  1.00 48.13 ? 354 GLU T CA 1 
ATOM 335 C CA . GLN A 1 355 ? 12.064  10.537  -2.877  1.00 48.47 ? 355 GLN T CA 1 
ATOM 336 C CA . LEU A 1 356 ? 11.864  8.706   -6.185  1.00 46.27 ? 356 LEU T CA 1 
ATOM 337 C CA . TYR A 1 357 ? 15.570  9.120   -6.938  1.00 49.97 ? 357 TYR T CA 1 
ATOM 338 C CA . GLU A 1 358 ? 18.254  7.381   -4.892  1.00 57.88 ? 358 GLU T CA 1 
ATOM 339 C CA . GLY A 1 359 ? 20.813  9.643   -6.559  1.00 60.35 ? 359 GLY T CA 1 
ATOM 340 C CA . PRO A 1 360 ? 22.052  13.256  -6.078  1.00 61.88 ? 360 PRO T CA 1 
ATOM 341 C CA . ALA A 1 361 ? 19.289  15.844  -5.658  1.00 60.80 ? 361 ALA T CA 1 
ATOM 342 C CA . ASP A 1 362 ? 21.169  18.107  -8.081  1.00 58.44 ? 362 ASP T CA 1 
ATOM 343 C CA . ASP A 1 363 ? 21.793  15.236  -10.505 1.00 50.54 ? 363 ASP T CA 1 
ATOM 344 C CA . ALA A 1 364 ? 20.759  15.649  -14.149 1.00 44.38 ? 364 ALA T CA 1 
ATOM 345 C CA . ASN A 1 365 ? 18.339  12.709  -13.991 1.00 40.24 ? 365 ASN T CA 1 
ATOM 346 C CA . CYS A 1 366 ? 16.777  13.917  -10.755 1.00 39.58 ? 366 CYS T CA 1 
ATOM 347 C CA . ILE A 1 367 ? 16.299  17.378  -12.236 1.00 35.72 ? 367 ILE T CA 1 
ATOM 348 C CA . ALA A 1 368 ? 14.710  15.800  -15.307 1.00 30.49 ? 368 ALA T CA 1 
ATOM 349 C CA . ILE A 1 369 ? 12.292  13.934  -13.020 1.00 31.64 ? 369 ILE T CA 1 
ATOM 350 C CA . LYS A 1 370 ? 11.616  17.152  -11.102 1.00 34.47 ? 370 LYS T CA 1 
ATOM 351 C CA . ASN A 1 371 ? 10.758  18.923  -14.350 1.00 31.72 ? 371 ASN T CA 1 
ATOM 352 C CA . CYS A 1 372 ? 9.049   15.922  -15.929 1.00 27.80 ? 372 CYS T CA 1 
ATOM 353 C CA . ASP A 1 373 ? 11.412  16.630  -18.834 1.00 28.26 ? 373 ASP T CA 1 
ATOM 354 C CA . PRO A 1 374 ? 10.453  14.575  -21.914 1.00 30.47 ? 374 PRO T CA 1 
ATOM 355 C CA . LYS A 1 375 ? 13.683  15.543  -23.726 1.00 34.51 ? 375 LYS T CA 1 
ATOM 356 C CA . ALA A 1 376 ? 16.057  14.367  -20.992 1.00 32.14 ? 376 ALA T CA 1 
ATOM 357 C CA . ASP A 1 377 ? 17.654  10.936  -20.658 1.00 34.18 ? 377 ASP T CA 1 
ATOM 358 C CA . LEU A 1 378 ? 15.093  8.195   -20.041 1.00 33.90 ? 378 LEU T CA 1 
ATOM 359 C CA . MET A 1 379 ? 14.032  7.433   -16.472 1.00 31.72 ? 379 MET T CA 1 
ATOM 360 C CA . LEU A 1 380 ? 11.335  4.767   -16.549 1.00 34.60 ? 380 LEU T CA 1 
ATOM 361 C CA . TYR A 1 381 ? 10.281  2.954   -13.376 1.00 39.79 ? 381 TYR T CA 1 
ATOM 362 C CA . VAL A 1 382 ? 9.012   -0.596  -13.855 1.00 37.77 ? 382 VAL T CA 1 
ATOM 363 C CA . SER A 1 383 ? 6.274   -0.997  -11.252 1.00 32.74 ? 383 SER T CA 1 
ATOM 364 C CA . LYS A 1 384 ? 5.568   -4.689  -11.877 1.00 33.84 ? 384 LYS T CA 1 
ATOM 365 C CA . MET A 1 385 ? 5.198   -7.447  -14.434 1.00 34.24 ? 385 MET T CA 1 
ATOM 366 C CA . VAL A 1 386 ? 1.746   -8.199  -15.809 1.00 33.83 ? 386 VAL T CA 1 
ATOM 367 C CA . PRO A 1 387 ? 0.625   -11.717 -16.885 1.00 32.92 ? 387 PRO T CA 1 
ATOM 368 C CA . THR A 1 388 ? -0.407  -12.070 -20.533 1.00 32.49 ? 388 THR T CA 1 
ATOM 369 C CA . SER A 1 389 ? -1.913  -14.677 -22.841 1.00 38.37 ? 389 SER T CA 1 
ATOM 370 C CA . ASP A 1 390 ? 1.348   -14.434 -24.798 1.00 47.21 ? 390 ASP T CA 1 
ATOM 371 C CA . LYS A 1 391 ? 2.477   -17.919 -23.794 1.00 52.08 ? 391 LYS T CA 1 
ATOM 372 C CA . GLY A 1 392 ? 4.108   -17.359 -20.423 1.00 48.34 ? 392 GLY T CA 1 
ATOM 373 C CA . ARG A 1 393 ? 5.259   -13.877 -21.399 1.00 45.46 ? 393 ARG T CA 1 
ATOM 374 C CA . PHE A 1 394 ? 4.738   -10.949 -19.020 1.00 42.35 ? 394 PHE T CA 1 
ATOM 375 C CA . TYR A 1 395 ? 4.699   -7.259  -19.956 1.00 36.31 ? 395 TYR T CA 1 
ATOM 376 C CA . ALA A 1 396 ? 6.466   -4.702  -17.809 1.00 30.84 ? 396 ALA T CA 1 
ATOM 377 C CA . PHE A 1 397 ? 4.127   -2.058  -16.363 1.00 26.56 ? 397 PHE T CA 1 
ATOM 378 C CA . GLY A 1 398 ? 5.427   1.297   -15.214 1.00 24.27 ? 398 GLY T CA 1 
ATOM 379 C CA . ARG A 1 399 ? 5.775   5.051   -15.545 1.00 23.49 ? 399 ARG T CA 1 
ATOM 380 C CA . VAL A 1 400 ? 8.014   7.334   -17.596 1.00 24.66 ? 400 VAL T CA 1 
ATOM 381 C CA . PHE A 1 401 ? 9.322   9.935   -15.158 1.00 26.06 ? 401 PHE T CA 1 
ATOM 382 C CA . ALA A 1 402 ? 11.818  11.568  -17.557 1.00 28.62 ? 402 ALA T CA 1 
ATOM 383 C CA . GLY A 1 403 ? 12.658  11.287  -21.241 1.00 30.07 ? 403 GLY T CA 1 
ATOM 384 C CA . THR A 1 404 ? 10.503  9.417   -23.738 1.00 34.81 ? 404 THR T CA 1 
ATOM 385 C CA . VAL A 1 405 ? 10.579  5.658   -24.260 1.00 35.87 ? 405 VAL T CA 1 
ATOM 386 C CA . LYS A 1 406 ? 10.534  4.432   -27.858 1.00 47.17 ? 406 LYS T CA 1 
ATOM 387 C CA . SER A 1 407 ? 10.083  1.146   -29.705 1.00 52.91 ? 407 SER T CA 1 
ATOM 388 C CA . GLY A 1 408 ? 13.452  -0.319  -30.649 1.00 58.07 ? 408 GLY T CA 1 
ATOM 389 C CA . GLN A 1 409 ? 15.280  2.000   -28.264 1.00 60.36 ? 409 GLN T CA 1 
ATOM 390 C CA . LYS A 1 410 ? 18.561  0.953   -26.678 1.00 60.65 ? 410 LYS T CA 1 
ATOM 391 C CA . VAL A 1 411 ? 18.032  1.150   -22.928 1.00 54.47 ? 411 VAL T CA 1 
ATOM 392 C CA . ARG A 1 412 ? 19.777  0.207   -19.688 1.00 50.73 ? 412 ARG T CA 1 
ATOM 393 C CA . ILE A 1 413 ? 17.804  -2.152  -17.420 1.00 49.29 ? 413 ILE T CA 1 
ATOM 394 C CA . GLN A 1 414 ? 18.847  -1.743  -13.789 1.00 53.67 ? 414 GLN T CA 1 
ATOM 395 C CA . GLY A 1 415 ? 17.686  -4.197  -11.131 1.00 57.53 ? 415 GLY T CA 1 
ATOM 396 C CA . PRO A 1 416 ? 17.173  -3.739  -7.343  1.00 62.05 ? 416 PRO T CA 1 
ATOM 397 C CA . ASN A 1 417 ? 20.939  -3.999  -6.812  1.00 66.98 ? 417 ASN T CA 1 
ATOM 398 C CA . TYR A 1 418 ? 22.317  -2.152  -9.844  1.00 67.92 ? 418 TYR T CA 1 
ATOM 399 C CA . VAL A 1 419 ? 24.767  0.614   -8.996  1.00 70.61 ? 419 VAL T CA 1 
ATOM 400 C CA . PRO A 1 420 ? 26.354  3.058   -11.513 1.00 73.10 ? 420 PRO T CA 1 
ATOM 401 C CA . GLY A 1 421 ? 29.928  1.783   -11.248 1.00 74.35 ? 421 GLY T CA 1 
ATOM 402 C CA . LYS A 1 422 ? 29.422  -1.950  -10.723 1.00 76.46 ? 422 LYS T CA 1 
ATOM 403 C CA . LYS A 1 423 ? 27.731  -3.922  -13.514 1.00 77.87 ? 423 LYS T CA 1 
ATOM 404 C CA . ASP A 1 424 ? 25.498  -5.834  -11.096 1.00 77.85 ? 424 ASP T CA 1 
ATOM 405 C CA . ASP A 1 425 ? 21.944  -6.107  -12.496 1.00 75.42 ? 425 ASP T CA 1 
ATOM 406 C CA . LEU A 1 426 ? 22.820  -4.266  -15.711 1.00 71.43 ? 426 LEU T CA 1 
ATOM 407 C CA . PHE A 1 427 ? 21.105  -5.359  -18.929 1.00 67.54 ? 427 PHE T CA 1 
ATOM 408 C CA . ILE A 1 428 ? 21.408  -3.334  -22.138 1.00 65.57 ? 428 ILE T CA 1 
ATOM 409 C CA . LYS A 1 429 ? 18.688  -4.306  -24.600 1.00 64.91 ? 429 LYS T CA 1 
ATOM 410 C CA . ALA A 1 430 ? 16.422  -2.797  -27.254 1.00 59.73 ? 430 ALA T CA 1 
ATOM 411 C CA . ILE A 1 431 ? 12.788  -2.269  -26.253 1.00 53.91 ? 431 ILE T CA 1 
ATOM 412 C CA . GLN A 1 432 ? 10.764  -4.523  -28.524 1.00 44.89 ? 432 GLN T CA 1 
ATOM 413 C CA . ARG A 1 433 ? 7.533   -2.560  -28.312 1.00 40.30 ? 433 ARG T CA 1 
ATOM 414 C CA . VAL A 1 434 ? 5.841   0.149   -26.261 1.00 33.27 ? 434 VAL T CA 1 
ATOM 415 C CA . VAL A 1 435 ? 2.147   -0.412  -25.606 1.00 29.67 ? 435 VAL T CA 1 
ATOM 416 C CA . LEU A 1 436 ? -0.770  1.400   -24.027 1.00 28.81 ? 436 LEU T CA 1 
ATOM 417 C CA . MET A 1 437 ? -2.229  -0.773  -21.246 1.00 32.54 ? 437 MET T CA 1 
ATOM 418 C CA . MET A 1 438 ? -5.980  -0.448  -21.816 1.00 32.50 ? 438 MET T CA 1 
ATOM 419 C CA . GLY A 1 439 ? -7.601  -2.764  -19.287 1.00 29.10 ? 439 GLY T CA 1 
ATOM 420 C CA . ARG A 1 440 ? -7.177  -6.345  -20.499 1.00 31.73 ? 440 ARG T CA 1 
ATOM 421 C CA . PHE A 1 441 ? -5.975  -5.148  -23.905 1.00 35.67 ? 441 PHE T CA 1 
ATOM 422 C CA . VAL A 1 442 ? -2.762  -3.578  -25.241 1.00 36.15 ? 442 VAL T CA 1 
ATOM 423 C CA . GLU A 1 443 ? -2.191  -1.180  -28.139 1.00 41.67 ? 443 GLU T CA 1 
ATOM 424 C CA . PRO A 1 444 ? 1.278   -0.627  -29.671 1.00 42.45 ? 444 PRO T CA 1 
ATOM 425 C CA . ILE A 1 445 ? 2.408   2.999   -29.834 1.00 43.26 ? 445 ILE T CA 1 
ATOM 426 C CA . ASP A 1 446 ? 5.629   4.468   -31.242 1.00 42.41 ? 446 ASP T CA 1 
ATOM 427 C CA . ASP A 1 447 ? 6.680   6.327   -28.096 1.00 35.80 ? 447 ASP T CA 1 
ATOM 428 C CA . CYS A 1 448 ? 5.586   7.666   -24.726 1.00 30.03 ? 448 CYS T CA 1 
ATOM 429 C CA . PRO A 1 449 ? 6.767   10.937  -23.115 1.00 27.45 ? 449 PRO T CA 1 
ATOM 430 C CA . ALA A 1 450 ? 7.616   11.726  -19.498 1.00 24.85 ? 450 ALA T CA 1 
ATOM 431 C CA . GLY A 1 451 ? 4.623   11.897  -17.172 1.00 25.45 ? 451 GLY T CA 1 
ATOM 432 C CA . ASN A 1 452 ? 2.733   8.922   -18.592 1.00 24.50 ? 452 ASN T CA 1 
ATOM 433 C CA . ILE A 1 453 ? 1.954   5.341   -17.650 1.00 26.07 ? 453 ILE T CA 1 
ATOM 434 C CA . ILE A 1 454 ? 2.889   2.647   -20.139 1.00 25.00 ? 454 ILE T CA 1 
ATOM 435 C CA . GLY A 1 455 ? 3.615   -1.014  -20.765 1.00 30.55 ? 455 GLY T CA 1 
ATOM 436 C CA . LEU A 1 456 ? 6.756   -2.577  -22.261 1.00 38.49 ? 456 LEU T CA 1 
ATOM 437 C CA . VAL A 1 457 ? 7.023   -5.894  -24.084 1.00 44.16 ? 457 VAL T CA 1 
ATOM 438 C CA . GLY A 1 458 ? 10.248  -7.856  -24.296 1.00 44.77 ? 458 GLY T CA 1 
ATOM 439 C CA . ILE A 1 459 ? 11.593  -6.879  -20.872 1.00 44.84 ? 459 ILE T CA 1 
ATOM 440 C CA . ASP A 1 460 ? 10.410  -10.179 -19.315 1.00 53.23 ? 460 ASP T CA 1 
ATOM 441 C CA . GLN A 1 461 ? 13.591  -12.078 -18.355 1.00 63.32 ? 461 GLN T CA 1 
ATOM 442 C CA . PHE A 1 462 ? 15.846  -9.084  -17.759 1.00 64.93 ? 462 PHE T CA 1 
ATOM 443 C CA . LEU A 1 463 ? 13.723  -7.956  -14.824 1.00 66.26 ? 463 LEU T CA 1 
ATOM 444 C CA . LEU A 1 464 ? 11.127  -9.305  -12.374 1.00 69.70 ? 464 LEU T CA 1 
ATOM 445 C CA . LYS A 1 465 ? 9.019   -7.155  -10.058 1.00 69.89 ? 465 LYS T CA 1 
ATOM 446 C CA . THR A 1 466 ? 10.342  -3.567  -9.595  1.00 63.25 ? 466 THR T CA 1 
ATOM 447 C CA . GLY A 1 467 ? 13.166  -2.053  -11.660 1.00 57.80 ? 467 GLY T CA 1 
ATOM 448 C CA . THR A 1 468 ? 14.464  0.938   -13.648 1.00 49.50 ? 468 THR T CA 1 
ATOM 449 C CA . LEU A 1 469 ? 15.113  1.715   -17.319 1.00 45.80 ? 469 LEU T CA 1 
ATOM 450 C CA . THR A 1 470 ? 17.543  4.525   -18.156 1.00 50.49 ? 470 THR T CA 1 
ATOM 451 C CA . THR A 1 471 ? 19.411  5.792   -21.195 1.00 51.51 ? 471 THR T CA 1 
ATOM 452 C CA . SER A 1 472 ? 22.127  7.390   -19.076 1.00 53.49 ? 472 SER T CA 1 
ATOM 453 C CA . GLU A 1 473 ? 25.340  5.639   -18.028 1.00 56.64 ? 473 GLU T CA 1 
ATOM 454 C CA . THR A 1 474 ? 25.307  7.973   -15.019 1.00 58.25 ? 474 THR T CA 1 
ATOM 455 C CA . ALA A 1 475 ? 21.673  7.147   -14.256 1.00 61.49 ? 475 ALA T CA 1 
ATOM 456 C CA . HIS A 1 476 ? 21.136  6.064   -10.666 1.00 63.89 ? 476 HIS T CA 1 
ATOM 457 C CA . ASN A 1 477 ? 18.293  3.727   -9.655  1.00 62.64 ? 477 ASN T CA 1 
ATOM 458 C CA . MET A 1 478 ? 14.836  5.014   -8.734  1.00 56.65 ? 478 MET T CA 1 
ATOM 459 C CA . LYS A 1 479 ? 13.781  4.252   -5.144  1.00 59.68 ? 479 LYS T CA 1 
ATOM 460 C CA . VAL A 1 480 ? 14.057  0.515   -4.565  1.00 63.57 ? 480 VAL T CA 1 
ATOM 461 C CA . VAL A 1 560 ? 9.963   -19.166 21.884  1.00 27.06 ? 560 VAL T CA 1 
ATOM 462 C CA . VAL A 1 561 ? 13.656  -18.444 22.808  1.00 23.43 ? 561 VAL T CA 1 
ATOM 463 C CA . ALA A 1 562 ? 16.687  -19.545 20.739  1.00 20.89 ? 562 ALA T CA 1 
ATOM 464 C CA . TYR A 1 563 ? 18.474  -21.419 23.656  1.00 19.79 ? 563 TYR T CA 1 
ATOM 465 C CA . ARG A 1 564 ? 22.042  -22.916 23.312  1.00 20.28 ? 564 ARG T CA 1 
ATOM 466 C CA . GLU A 1 565 ? 23.133  -26.491 24.331  1.00 19.74 ? 565 GLU T CA 1 
ATOM 467 C CA . THR A 1 566 ? 26.463  -26.468 26.373  1.00 20.30 ? 566 THR T CA 1 
ATOM 468 C CA . VAL A 1 567 ? 28.634  -28.841 28.571  1.00 24.51 ? 567 VAL T CA 1 
ATOM 469 C CA . GLU A 1 568 ? 29.714  -27.730 32.179  1.00 32.31 ? 568 GLU T CA 1 
ATOM 470 C CA . SER A 1 569 ? 32.728  -30.235 32.606  1.00 30.42 ? 569 SER T CA 1 
ATOM 471 C CA . GLU A 1 570 ? 34.693  -32.938 30.597  1.00 28.85 ? 570 GLU T CA 1 
ATOM 472 C CA . SER A 1 571 ? 32.847  -36.280 29.793  1.00 31.73 ? 571 SER T CA 1 
ATOM 473 C CA . SER A 1 572 ? 32.833  -38.468 33.021  1.00 33.47 ? 572 SER T CA 1 
ATOM 474 C CA . GLN A 1 573 ? 33.989  -41.519 30.903  1.00 33.68 ? 573 GLN T CA 1 
ATOM 475 C CA . THR A 1 574 ? 35.026  -42.079 27.165  1.00 32.41 ? 574 THR T CA 1 
ATOM 476 C CA . ALA A 1 575 ? 31.947  -41.874 24.800  1.00 32.08 ? 575 ALA T CA 1 
ATOM 477 C CA . LEU A 1 576 ? 31.854  -45.042 22.569  1.00 33.81 ? 576 LEU T CA 1 
ATOM 478 C CA . SER A 1 577 ? 29.481  -45.369 19.511  1.00 32.20 ? 577 SER T CA 1 
ATOM 479 C CA . LYS A 1 578 ? 29.443  -47.826 16.495  1.00 33.41 ? 578 LYS T CA 1 
ATOM 480 C CA . SER A 1 579 ? 28.290  -47.531 12.786  1.00 35.40 ? 579 SER T CA 1 
ATOM 481 C CA . PRO A 1 580 ? 24.927  -49.170 11.436  1.00 40.53 ? 580 PRO T CA 1 
ATOM 482 C CA . ASN A 1 581 ? 27.369  -51.852 10.019  1.00 45.24 ? 581 ASN T CA 1 
ATOM 483 C CA . LYS A 1 582 ? 28.923  -52.532 13.589  1.00 43.39 ? 582 LYS T CA 1 
ATOM 484 C CA . HIS A 1 583 ? 32.550  -52.604 11.993  1.00 42.36 ? 583 HIS T CA 1 
ATOM 485 C CA . ASN A 1 584 ? 33.541  -48.850 12.699  1.00 37.88 ? 584 ASN T CA 1 
ATOM 486 C CA . ARG A 1 585 ? 33.827  -47.274 16.275  1.00 34.03 ? 585 ARG T CA 1 
ATOM 487 C CA . ILE A 1 586 ? 34.637  -43.642 17.445  1.00 29.60 ? 586 ILE T CA 1 
ATOM 488 C CA . TYR A 1 587 ? 36.103  -43.077 21.002  1.00 28.15 ? 587 TYR T CA 1 
ATOM 489 C CA . LEU A 1 588 ? 35.670  -39.352 22.160  1.00 26.40 ? 588 LEU T CA 1 
ATOM 490 C CA . LYS A 1 589 ? 35.216  -36.886 25.121  1.00 26.07 ? 589 LYS T CA 1 
ATOM 491 C CA . ALA A 1 590 ? 33.283  -33.529 25.001  1.00 26.01 ? 590 ALA T CA 1 
ATOM 492 C CA . GLU A 1 591 ? 34.624  -30.594 27.197  1.00 25.62 ? 591 GLU T CA 1 
ATOM 493 C CA . PRO A 1 592 ? 33.808  -26.736 27.651  1.00 23.94 ? 592 PRO T CA 1 
ATOM 494 C CA . ILE A 1 593 ? 35.337  -23.984 25.426  1.00 21.76 ? 593 ILE T CA 1 
ATOM 495 C CA . ASP A 1 594 ? 36.153  -20.925 27.725  1.00 25.68 ? 594 ASP T CA 1 
ATOM 496 C CA . GLU A 1 595 ? 33.723  -17.886 27.312  1.00 24.32 ? 595 GLU T CA 1 
ATOM 497 C CA . GLY A 1 640 ? 31.375  -24.268 9.409   1.00 19.47 ? 640 GLY T CA 1 
ATOM 498 C CA . ASN A 1 641 ? 32.008  -21.179 11.703  1.00 19.66 ? 641 ASN T CA 1 
ATOM 499 C CA . GLY A 1 642 ? 30.150  -21.561 15.150  1.00 18.58 ? 642 GLY T CA 1 
ATOM 500 C CA . PRO A 1 643 ? 31.734  -21.512 18.774  1.00 18.73 ? 643 PRO T CA 1 
ATOM 501 C CA . ASN A 1 644 ? 32.186  -25.370 18.726  1.00 17.81 ? 644 ASN T CA 1 
ATOM 502 C CA . LEU A 1 645 ? 35.386  -27.342 17.695  1.00 20.02 ? 645 LEU T CA 1 
ATOM 503 C CA . VAL A 1 646 ? 36.577  -30.906 16.623  1.00 23.57 ? 646 VAL T CA 1 
ATOM 504 C CA . ILE A 1 647 ? 40.241  -31.435 17.809  1.00 24.08 ? 647 ILE T CA 1 
ATOM 505 C CA . ASP A 1 648 ? 41.907  -34.667 16.433  1.00 27.93 ? 648 ASP T CA 1 
ATOM 506 C CA . GLN A 1 649 ? 43.746  -36.408 19.398  1.00 30.24 ? 649 GLN T CA 1 
ATOM 507 C CA . THR A 1 650 ? 44.214  -39.817 17.444  1.00 34.91 ? 650 THR T CA 1 
ATOM 508 C CA . LYS A 1 651 ? 47.691  -41.545 17.141  1.00 45.84 ? 651 LYS T CA 1 
ATOM 509 C CA . ALA A 1 652 ? 47.814  -44.645 14.714  1.00 48.03 ? 652 ALA T CA 1 
ATOM 510 C CA . VAL A 1 653 ? 44.514  -44.557 12.599  1.00 47.74 ? 653 VAL T CA 1 
ATOM 511 C CA . GLN A 1 654 ? 45.524  -45.829 9.028   1.00 50.14 ? 654 GLN T CA 1 
ATOM 512 C CA . TYR A 1 655 ? 42.505  -44.289 7.083   1.00 48.74 ? 655 TYR T CA 1 
ATOM 513 C CA . LEU A 1 656 ? 41.968  -40.959 9.170   1.00 44.39 ? 656 LEU T CA 1 
ATOM 514 C CA . HIS A 1 657 ? 42.305  -38.632 6.049   1.00 45.07 ? 657 HIS T CA 1 
ATOM 515 C CA . GLU A 1 658 ? 39.556  -40.696 4.163   1.00 42.58 ? 658 GLU T CA 1 
ATOM 516 C CA . ILE A 1 659 ? 37.061  -40.297 7.175   1.00 37.31 ? 659 ILE T CA 1 
ATOM 517 C CA . LYS A 1 660 ? 37.644  -36.446 7.874   1.00 31.17 ? 660 LYS T CA 1 
ATOM 518 C CA . ASP A 1 661 ? 34.769  -35.121 5.535   1.00 28.84 ? 661 ASP T CA 1 
ATOM 519 C CA . SER A 1 662 ? 32.317  -37.674 7.225   1.00 26.25 ? 662 SER T CA 1 
ATOM 520 C CA . VAL A 1 663 ? 33.543  -36.570 10.785  1.00 23.51 ? 663 VAL T CA 1 
ATOM 521 C CA . VAL A 1 664 ? 33.191  -32.753 9.850   1.00 21.96 ? 664 VAL T CA 1 
ATOM 522 C CA . ALA A 1 665 ? 29.627  -33.245 8.244   1.00 19.08 ? 665 ALA T CA 1 
ATOM 523 C CA . ALA A 1 666 ? 28.395  -35.207 11.388  1.00 20.07 ? 666 ALA T CA 1 
ATOM 524 C CA . PHE A 1 667 ? 29.671  -32.408 13.757  1.00 19.32 ? 667 PHE T CA 1 
ATOM 525 C CA . GLN A 1 668 ? 27.895  -29.729 11.502  1.00 20.37 ? 668 GLN T CA 1 
ATOM 526 C CA . TRP A 1 669 ? 24.629  -31.844 12.014  1.00 20.04 ? 669 TRP T CA 1 
ATOM 527 C CA . ALA A 1 670 ? 25.205  -32.474 15.879  1.00 18.38 ? 670 ALA T CA 1 
ATOM 528 C CA . THR A 1 671 ? 26.205  -28.724 16.581  1.00 19.28 ? 671 THR T CA 1 
ATOM 529 C CA . LYS A 1 672 ? 23.126  -27.488 14.509  1.00 19.42 ? 672 LYS T CA 1 
ATOM 530 C CA . GLU A 1 673 ? 20.673  -29.923 16.343  1.00 23.54 ? 673 GLU T CA 1 
ATOM 531 C CA . GLY A 1 674 ? 21.888  -30.739 19.969  1.00 21.73 ? 674 GLY T CA 1 
ATOM 532 C CA . PRO A 1 675 ? 20.567  -33.865 22.007  1.00 24.13 ? 675 PRO T CA 1 
ATOM 533 C CA . ILE A 1 676 ? 18.587  -32.134 24.941  1.00 23.33 ? 676 ILE T CA 1 
ATOM 534 C CA . PHE A 1 677 ? 15.790  -30.578 22.633  1.00 25.04 ? 677 PHE T CA 1 
ATOM 535 C CA . GLY A 1 678 ? 17.199  -29.889 19.025  1.00 23.12 ? 678 GLY T CA 1 
ATOM 536 C CA . GLU A 1 679 ? 18.664  -26.337 19.726  1.00 22.24 ? 679 GLU T CA 1 
ATOM 537 C CA . GLU A 1 680 ? 22.206  -25.208 18.447  1.00 20.54 ? 680 GLU T CA 1 
ATOM 538 C CA . MET A 1 681 ? 25.296  -26.210 20.595  1.00 18.87 ? 681 MET T CA 1 
ATOM 539 C CA . ARG A 1 682 ? 27.574  -23.394 22.062  1.00 17.66 ? 682 ARG T CA 1 
ATOM 540 C CA . SER A 1 683 ? 31.029  -23.699 23.823  1.00 18.60 ? 683 SER T CA 1 
ATOM 541 C CA . VAL A 1 684 ? 31.450  -27.520 23.081  1.00 18.86 ? 684 VAL T CA 1 
ATOM 542 C CA . ARG A 1 685 ? 34.995  -28.870 22.298  1.00 19.39 ? 685 ARG T CA 1 
ATOM 543 C CA . VAL A 1 686 ? 34.954  -32.558 20.996  1.00 22.55 ? 686 VAL T CA 1 
ATOM 544 C CA . ASN A 1 687 ? 38.290  -34.526 21.375  1.00 24.16 ? 687 ASN T CA 1 
ATOM 545 C CA . ILE A 1 688 ? 38.571  -37.621 19.019  1.00 28.36 ? 688 ILE T CA 1 
ATOM 546 C CA . LEU A 1 689 ? 40.735  -39.946 21.275  1.00 32.64 ? 689 LEU T CA 1 
ATOM 547 C CA . ASP A 1 690 ? 40.791  -43.137 19.009  1.00 34.52 ? 690 ASP T CA 1 
ATOM 548 C CA . VAL A 1 691 ? 38.948  -44.384 15.794  1.00 35.70 ? 691 VAL T CA 1 
ATOM 549 C CA . THR A 1 692 ? 38.830  -48.198 14.952  1.00 40.16 ? 692 THR T CA 1 
ATOM 550 C CA . LEU A 1 693 ? 37.823  -48.822 11.225  1.00 43.28 ? 693 LEU T CA 1 
ATOM 551 C CA . HIS A 1 694 ? 37.201  -51.737 8.714   1.00 49.54 ? 694 HIS T CA 1 
ATOM 552 C CA . ALA A 1 695 ? 40.129  -52.407 6.190   1.00 52.39 ? 695 ALA T CA 1 
ATOM 553 C CA . ASP A 1 696 ? 37.883  -51.946 2.975   1.00 55.50 ? 696 ASP T CA 1 
ATOM 554 C CA . ALA A 1 697 ? 36.333  -48.468 2.011   1.00 55.46 ? 697 ALA T CA 1 
ATOM 555 C CA . ILE A 1 698 ? 32.907  -50.111 1.021   1.00 54.77 ? 698 ILE T CA 1 
ATOM 556 C CA . HIS A 1 699 ? 32.194  -50.565 4.852   1.00 50.87 ? 699 HIS T CA 1 
ATOM 557 C CA . ARG A 1 700 ? 33.633  -47.007 5.764   1.00 47.38 ? 700 ARG T CA 1 
ATOM 558 C CA . GLY A 1 701 ? 31.325  -44.617 3.635   1.00 41.12 ? 701 GLY T CA 1 
ATOM 559 C CA . GLY A 1 702 ? 29.565  -41.309 4.637   1.00 39.22 ? 702 GLY T CA 1 
ATOM 560 C CA . GLY A 1 703 ? 26.291  -43.261 5.399   1.00 34.99 ? 703 GLY T CA 1 
ATOM 561 C CA . GLN A 1 704 ? 28.353  -45.335 8.020   1.00 33.03 ? 704 GLN T CA 1 
ATOM 562 C CA . ILE A 1 705 ? 30.740  -42.721 9.705   1.00 30.48 ? 705 ILE T CA 1 
ATOM 563 C CA . ILE A 1 706 ? 28.235  -39.664 9.599   1.00 26.50 ? 706 ILE T CA 1 
ATOM 564 C CA . PRO A 1 707 ? 25.815  -41.661 12.047  1.00 26.12 ? 707 PRO T CA 1 
ATOM 565 C CA . THR A 1 708 ? 28.941  -42.878 14.134  1.00 26.47 ? 708 THR T CA 1 
ATOM 566 C CA . MET A 1 709 ? 30.364  -39.284 14.892  1.00 24.14 ? 709 MET T CA 1 
ATOM 567 C CA . ARG A 1 710 ? 26.821  -37.742 15.498  1.00 25.41 ? 710 ARG T CA 1 
ATOM 568 C CA . ARG A 1 711 ? 25.960  -40.667 17.971  1.00 25.54 ? 711 ARG T CA 1 
ATOM 569 C CA . ALA A 1 712 ? 29.504  -40.358 19.662  1.00 24.47 ? 712 ALA T CA 1 
ATOM 570 C CA . THR A 1 713 ? 29.195  -36.432 19.894  1.00 21.67 ? 713 THR T CA 1 
ATOM 571 C CA . TYR A 1 714 ? 25.670  -36.876 21.546  1.00 23.18 ? 714 TYR T CA 1 
ATOM 572 C CA . ALA A 1 715 ? 26.987  -39.598 24.024  1.00 25.20 ? 715 ALA T CA 1 
ATOM 573 C CA . GLY A 1 716 ? 30.063  -37.313 24.874  1.00 23.96 ? 716 GLY T CA 1 
ATOM 574 C CA . PHE A 1 717 ? 27.805  -34.217 25.300  1.00 23.67 ? 717 PHE T CA 1 
ATOM 575 C CA . LEU A 1 718 ? 25.261  -36.212 27.580  1.00 25.15 ? 718 LEU T CA 1 
ATOM 576 C CA . LEU A 1 719 ? 28.296  -37.547 29.690  1.00 25.47 ? 719 LEU T CA 1 
ATOM 577 C CA . ALA A 1 720 ? 29.844  -33.925 30.085  1.00 24.07 ? 720 ALA T CA 1 
ATOM 578 C CA . ASP A 1 721 ? 27.212  -32.221 32.509  1.00 26.92 ? 721 ASP T CA 1 
ATOM 579 C CA . PRO A 1 722 ? 24.463  -30.584 30.033  1.00 28.08 ? 722 PRO T CA 1 
ATOM 580 C CA . LYS A 1 723 ? 23.298  -26.741 30.263  1.00 25.91 ? 723 LYS T CA 1 
ATOM 581 C CA . ILE A 1 724 ? 21.240  -23.584 28.665  1.00 26.86 ? 724 ILE T CA 1 
ATOM 582 C CA . GLN A 1 725 ? 20.940  -19.638 27.805  1.00 22.51 ? 725 GLN T CA 1 
ATOM 583 C CA . GLU A 1 726 ? 18.866  -16.389 26.632  1.00 23.16 ? 726 GLU T CA 1 
ATOM 584 C CA . PRO A 1 727 ? 18.337  -12.774 24.816  1.00 22.40 ? 727 PRO T CA 1 
ATOM 585 C CA . VAL A 1 728 ? 16.069  -9.374  24.681  1.00 22.16 ? 728 VAL T CA 1 
ATOM 586 C CA . PHE A 1 729 ? 14.489  -6.826  21.932  1.00 24.00 ? 729 PHE T CA 1 
ATOM 587 C CA . LEU A 1 730 ? 13.912  -2.936  21.855  1.00 28.06 ? 730 LEU T CA 1 
ATOM 588 C CA . VAL A 1 731 ? 10.195  -2.510  20.681  1.00 32.89 ? 731 VAL T CA 1 
ATOM 589 C CA . GLU A 1 732 ? 9.093   0.967   19.234  1.00 36.68 ? 732 GLU T CA 1 
ATOM 590 C CA . ILE A 1 733 ? 5.225   1.464   18.810  1.00 40.16 ? 733 ILE T CA 1 
ATOM 591 C CA . GLN A 1 734 ? 3.495   4.348   16.819  1.00 49.19 ? 734 GLN T CA 1 
ATOM 592 C CA . CYS A 1 735 ? -0.184  4.660   18.182  1.00 54.69 ? 735 CYS T CA 1 
ATOM 593 C CA . PRO A 1 736 ? -3.059  7.289   19.009  1.00 57.09 ? 736 PRO T CA 1 
ATOM 594 C CA . GLU A 1 737 ? -3.395  8.576   22.727  1.00 59.81 ? 737 GLU T CA 1 
ATOM 595 C CA . GLN A 1 738 ? -6.500  6.453   23.802  1.00 60.33 ? 738 GLN T CA 1 
ATOM 596 C CA . ALA A 1 739 ? -4.705  3.292   22.286  1.00 55.63 ? 739 ALA T CA 1 
ATOM 597 C CA . VAL A 1 740 ? -1.510  3.785   24.604  1.00 49.02 ? 740 VAL T CA 1 
ATOM 598 C CA . GLY A 1 741 ? -3.206  1.875   27.589  1.00 43.99 ? 741 GLY T CA 1 
ATOM 599 C CA . GLY A 1 742 ? -3.499  -1.287  25.330  1.00 41.97 ? 742 GLY T CA 1 
ATOM 600 C CA . ILE A 1 743 ? 0.374   -1.173  24.831  1.00 42.42 ? 743 ILE T CA 1 
ATOM 601 C CA . TYR A 1 744 ? 0.952   -1.205  28.712  1.00 44.36 ? 744 TYR T CA 1 
ATOM 602 C CA . SER A 1 745 ? -1.626  -4.101  29.288  1.00 42.89 ? 745 SER T CA 1 
ATOM 603 C CA . VAL A 1 746 ? 0.210   -6.422  26.660  1.00 42.73 ? 746 VAL T CA 1 
ATOM 604 C CA . LEU A 1 747 ? 3.812   -5.482  27.952  1.00 42.72 ? 747 LEU T CA 1 
ATOM 605 C CA . ASN A 1 748 ? 2.783   -6.202  31.696  1.00 46.64 ? 748 ASN T CA 1 
ATOM 606 C CA . LYS A 1 749 ? 1.515   -9.782  30.699  1.00 47.37 ? 749 LYS T CA 1 
ATOM 607 C CA . LYS A 1 750 ? 4.829   -10.382 28.697  1.00 42.68 ? 750 LYS T CA 1 
ATOM 608 C CA . ARG A 1 751 ? 7.760   -9.283  31.076  1.00 35.90 ? 751 ARG T CA 1 
ATOM 609 C CA . GLY A 1 752 ? 7.913   -5.863  29.200  1.00 38.87 ? 752 GLY T CA 1 
ATOM 610 C CA . GLN A 1 753 ? 9.712   -2.737  30.568  1.00 44.62 ? 753 GLN T CA 1 
ATOM 611 C CA . VAL A 1 754 ? 8.631   0.855   29.424  1.00 47.00 ? 754 VAL T CA 1 
ATOM 612 C CA . VAL A 1 755 ? 11.742  2.931   28.251  1.00 50.29 ? 755 VAL T CA 1 
ATOM 613 C CA . SER A 1 756 ? 10.116  6.257   26.893  1.00 53.38 ? 756 SER T CA 1 
ATOM 614 C CA . GLU A 1 757 ? 6.707   7.869   25.880  1.00 57.58 ? 757 GLU T CA 1 
ATOM 615 C CA . GLU A 1 758 ? 7.398   10.737  23.264  1.00 61.42 ? 758 GLU T CA 1 
ATOM 616 C CA . GLN A 1 759 ? 5.168   12.802  20.753  1.00 66.01 ? 759 GLN T CA 1 
ATOM 617 C CA . THR A 1 763 ? 1.089   17.365  16.563  1.00 72.50 ? 763 THR T CA 1 
ATOM 618 C CA . PRO A 1 764 ? 1.483   13.595  15.294  1.00 70.93 ? 764 PRO T CA 1 
ATOM 619 C CA . LEU A 1 765 ? 0.920   10.309  17.412  1.00 64.93 ? 765 LEU T CA 1 
ATOM 620 C CA . PHE A 1 766 ? 2.387   8.822   20.657  1.00 59.32 ? 766 PHE T CA 1 
ATOM 621 C CA . THR A 1 767 ? 5.698   6.829   20.193  1.00 52.20 ? 767 THR T CA 1 
ATOM 622 C CA . VAL A 1 768 ? 6.095   4.199   23.071  1.00 44.65 ? 768 VAL T CA 1 
ATOM 623 C CA . LYS A 1 769 ? 9.620   2.586   23.341  1.00 39.40 ? 769 LYS T CA 1 
ATOM 624 C CA . ALA A 1 770 ? 9.963   -0.556  25.626  1.00 31.76 ? 770 ALA T CA 1 
ATOM 625 C CA . TYR A 1 771 ? 12.231  -3.652  26.248  1.00 29.64 ? 771 TYR T CA 1 
ATOM 626 C CA . LEU A 1 772 ? 10.393  -6.942  25.236  1.00 24.77 ? 772 LEU T CA 1 
ATOM 627 C CA . PRO A 1 773 ? 12.137  -10.458 25.797  1.00 22.85 ? 773 PRO T CA 1 
ATOM 628 C CA . VAL A 1 774 ? 12.548  -12.577 22.474  1.00 24.62 ? 774 VAL T CA 1 
ATOM 629 C CA . ASN A 1 775 ? 10.441  -15.455 24.006  1.00 29.03 ? 775 ASN T CA 1 
ATOM 630 C CA . GLU A 1 776 ? 7.540   -12.889 24.627  1.00 32.17 ? 776 GLU T CA 1 
ATOM 631 C CA . SER A 1 777 ? 7.450   -11.476 20.944  1.00 31.61 ? 777 SER T CA 1 
ATOM 632 C CA . PHE A 1 778 ? 5.767   -14.394 18.923  1.00 34.32 ? 778 PHE T CA 1 
ATOM 633 C CA . GLY A 1 779 ? 2.020   -13.568 18.699  1.00 36.34 ? 779 GLY T CA 1 
ATOM 634 C CA . PHE A 1 780 ? 2.827   -9.961  20.081  1.00 35.24 ? 780 PHE T CA 1 
ATOM 635 C CA . THR A 1 781 ? 1.635   -8.366  16.698  1.00 36.99 ? 781 THR T CA 1 
ATOM 636 C CA . GLY A 1 782 ? -1.813  -10.201 17.187  1.00 36.17 ? 782 GLY T CA 1 
ATOM 637 C CA . GLU A 1 783 ? -2.171  -9.445  21.010  1.00 38.71 ? 783 GLU T CA 1 
ATOM 638 C CA . LEU A 1 784 ? -1.103  -5.701  20.471  1.00 38.90 ? 784 LEU T CA 1 
ATOM 639 C CA . ARG A 1 785 ? -3.835  -5.174  17.684  1.00 41.45 ? 785 ARG T CA 1 
ATOM 640 C CA . GLN A 1 786 ? -6.397  -6.988  20.052  1.00 42.55 ? 786 GLN T CA 1 
ATOM 641 C CA . ALA A 1 787 ? -5.660  -4.652  23.129  1.00 42.33 ? 787 ALA T CA 1 
ATOM 642 C CA . THR A 1 788 ? -5.347  -1.417  20.897  1.00 38.41 ? 788 THR T CA 1 
ATOM 643 C CA . GLY A 1 789 ? -8.366  -2.011  18.405  1.00 37.55 ? 789 GLY T CA 1 
ATOM 644 C CA . GLY A 1 790 ? -6.015  -2.298  15.302  1.00 38.15 ? 790 GLY T CA 1 
ATOM 645 C CA . GLN A 1 791 ? -4.441  1.200   16.111  1.00 42.42 ? 791 GLN T CA 1 
ATOM 646 C CA . ALA A 1 792 ? -0.718  0.407   17.206  1.00 43.37 ? 792 ALA T CA 1 
ATOM 647 C CA . PHE A 1 793 ? 2.369   -0.326  14.965  1.00 45.83 ? 793 PHE T CA 1 
ATOM 648 C CA . PRO A 1 794 ? 5.227   -2.667  16.390  1.00 40.72 ? 794 PRO T CA 1 
ATOM 649 C CA . GLN A 1 795 ? 8.873   -2.171  15.175  1.00 36.72 ? 795 GLN T CA 1 
ATOM 650 C CA . MET A 1 796 ? 11.379  -4.688  16.865  1.00 31.58 ? 796 MET T CA 1 
ATOM 651 C CA . VAL A 1 797 ? 15.292  -4.623  16.822  1.00 26.41 ? 797 VAL T CA 1 
ATOM 652 C CA . PHE A 1 798 ? 17.790  -6.772  18.968  1.00 23.81 ? 798 PHE T CA 1 
ATOM 653 C CA . ASP A 1 799 ? 19.230  -4.550  21.840  1.00 23.48 ? 799 ASP T CA 1 
ATOM 654 C CA . HIS A 1 800 ? 20.838  -6.624  24.770  1.00 21.77 ? 800 HIS T CA 1 
# 
